data_8R57
#
_entry.id   8R57
#
_cell.length_a   1.00
_cell.length_b   1.00
_cell.length_c   1.00
_cell.angle_alpha   90.00
_cell.angle_beta   90.00
_cell.angle_gamma   90.00
#
_symmetry.space_group_name_H-M   'P 1'
#
loop_
_entity.id
_entity.type
_entity.pdbx_description
1 polymer 'Plectin/eS10 N-terminal domain-containing protein'
2 polymer '40S ribosomal protein S12'
3 polymer '40S ribosomal protein S3'
4 polymer 'Small ribosomal subunit protein uS7c'
5 polymer '40S ribosomal protein S16'
6 polymer 'Ribosomal protein S20'
7 polymer '40S ribosomal protein S19'
8 polymer '40S ribosomal protein S25'
9 polymer '40S ribosomal protein S28'
10 polymer 'Small ribosomal subunit protein uS14'
11 polymer 'Ribosomal protein RACK1 subfamily. WD repeat G protein beta family'
12 polymer 'Putative ribosomal protein S18'
13 polymer '40S ribosomal protein S15'
14 polymer '40S ribosomal protein S17'
15 polymer 'RNA (458-MER)'
16 polymer 'Ubiquitin-like domain-containing protein'
17 non-polymer 'MAGNESIUM ION'
18 non-polymer 'ZINC ION'
19 non-polymer 'POTASSIUM ION'
20 water water
#
loop_
_entity_poly.entity_id
_entity_poly.type
_entity_poly.pdbx_seq_one_letter_code
_entity_poly.pdbx_strand_id
1 'polypeptide(L)'
;MIISKKNRNEICKYLFQEGVLYAKKDYNLAKHPQIDVPNLQVIKLMQSFKSKEYVRETFSWQHYYWYLTNDGIEFLRNFL
NLPSEIVPATLKKSARPPGRPLGSGPPGDRPRGPPRFEGDRPRYGDRDGYRGGPRGAPGDFGGEKGGAPAEFQPSFRSSG
GGGFGRGGGGGFGRGGGGGGGFGASPME
;
K
2 'polypeptide(L)'
;MAEENAPVEVAAPVAAPTPVLGEPMDLMTALQLVMKKSSAHDGLVKGLREAAKAIEKHAAQICVLAEDCDQPDYVKLVKA
LCAEHNVHLVTVPSAKTLGEWAGLCKIDSEGKARKVVGCSCVVVKDYGEDSEGLHIVQEYVKSH
;
M
3 'polypeptide(L)'
;MATQISKKKKFVSDGVFYAELNEMLTRELAEDGYSGVEVRVTPMRTEIIIRATRTQNVLGEKGRRIRELTSVVQKRFNFP
ENGVELYAEKVVNRGLCAIAQAESLRYKLLGGLAVRRACYGVLRFVMESGAKGCEVIVSGKLRAQRAKSMKFKDGYMISS
GQPVNEYIDAAVRHVLLRQGVLGIKVKIMLDWDPKGKLGPTTPLPDLVTIHPPKEEDELRPPALVEV
;
F
4 'polypeptide(L)'
;MAVVEPVPGGDVKLFNRWTFEDVQVSDISLNDYLAVTSMKHYTFLPHSAGRYSAKRFRKAQCPIIERLTNSLMMHGRNNG
KKIMAVRIIKHTMEIIHLLTDANPIQIIVDAIINSGPREDATRIGSAGVVRRQAVDISPLRRVNQAIYLLTTGARESAFR
NVKTIAECLADELINAAKGSSNSYAIKKKDEIERVAKANR
;
P
5 'polypeptide(L)'
;MAAVLTRPTPGTVQCFGRKKTAVAVAYCKPGRGLIKVNGAPIELIRPEMLRLKAFEPILLAGRSRFKDIDMRIRVRGGGK
TSQIYSIRQAIAKSLVAYYQKYVDEAAKKEVKEIFGRYDRTLLVADPRRCEPKKFGGRGARARFQKSYR
;
Q
6 'polypeptide(L)'
;MATELAYAPPMKSGKLGFEGTQEVQHRIRITLSSKSVKNLEKVCSDLVKGAKEKQLKVKGPVRMPTKVLNITTRKSPCGE
GTNTWDRFEMRVHKRVIDLVSSPDVVKQITSITIEPGVEVEVTISDQ
;
U
7 'polypeptide(L)'
;MATVPAPAAETAASTARTVKDVNPHEFVKAYSAHLKRSGKMELPEWVDIVKTARFKELPPSDADWYYIRAASMARKIYLR
QGIGIGGFQKIYGGRQRNGSRPPHFCKSSGAVSRNILQELQKMGIIDVDPKGGRLITSQGRRDLDQVAGTVPAEF
;
T
8 'polypeptide(L)'
;MAPKKEKAPAASSKPAKSGGGKQKKKKWSKGKQKEKVNNAVLFDQATYDKLLTEVPKYKQITPSVLSERLRINGSLARRA
IKDLMERGLIRMVSIHSSQQIFTRATNT
;
Z
9 'polypeptide(L)' MDTQVKLAVVVKVMGRTGSRGQVTQVRVKFLDDQNRLIMRNVKGPVREGDILTLLESEREARRLR c
10 'polypeptide(L)' MGHSNVWNSHPKNYGAGSRVCRVCGNSHGLIRKYGLMCCRQCFRSDAKDIGFIKYR d
11 'polypeptide(L)'
;MAGAQESLVYAGVMRGHNDVVTAIATPIDNSPFIVSSSRDKSLLVWDLTNPIQATQDSSSEYGVPFRRLTGHGHFVQDVV
LSSDGQFALSGSWDGELRLWDLSTGVTTRRFVGHEKDVLSVAFSIDNRQIVSASRDRTIKLWNTLGECKYTIGGDLGGGE
GHTGWVSCVRFSPNNFAPTIVSGSWDRSVKVWNLTNCKLRCTLDGHGGYVSAVAVSPDGSLCASGGKDGVTLLWDLTEGK
RLYSLDAGSIINSLCFSPNRYWLCAATQDSIKIWDLESKHIVQDLRPEVPVSTKQMLYCTCLSWSADGSTLYAGYTDGTI
RIYKISGFSYSS
;
g
12 'polypeptide(L)'
;MSLIAGEEFQHILRVLNTNVDGKQKIMFALTSIKGVGRRFSNIVCKKADIDMNKRAGELSAEEMDRLMAVVHNPRQFKVP
DWFLNRKKDYKDGRFSQVVSNAVDMKLRDDLERLKKIRNHRGLRHYWGVRVRGQHTKTTGRRGKTVGVSKKR
;
S
13 'polypeptide(L)'
;MADVDVDPEVAAAGPKKRTFRKFSYRGVDLDALLDMSTEDLVQLFPARPRRRFSRGLKRKPMALVKKLRKAKSEAPAGEK
PEQVRTHLRNMIIMPEMIGSVVGIYNGKCFNQVEIKPEMIGHYLAEFSLSYKPVKHGRPGIGATHSSRFIPLK
;
R
14 'polypeptide(L)'
;MGRVRTKTVKKTSRQVIEKYYSRMTLDFHTNKKVLEEVSILQSKRLRNKVAGFTTHLMRRIQRGPVRGISLKLQEEERER
RMDFVPEKSALEVDEIRVDKETMDMLAFLGMADLPGVERAPEATSAAAPYRQPFNGPRGGNRA
;
h
15 'polyribonucleotide'
;UACCUGGUUGAUCCUGCCAGUAGUCAU(A2M)UGCUUG(PSU)CU(OMC)AAAGAUUAAGCCAUGCAUGUGCAAGUAUGA
ACCAAUUUGAACUGUGAAACUGCGAAUGGCUCAU(PSU)AAAUCAG(PSU)UAUAGUUUG(PSU)U(OMU)GAUGGUACG
UGCUACUCGGAUAACCGUAGUAAUUCUAG(A2M)GCUAA(OMU)ACGUGCAACAAACCCCGACUUCUGGGAGGGGCGCAU
UUA(PSU)UAGAUAAAAGGCUGACGCGGGCUCUGCUCGCUGAUCC(OMG)AUGAUUCA(PSU)GA(PSU)AACUCGACGG
AUCGCACGGCCUUCGUGCCGGCGACGCAUCA(PSU)UCAAA(PSU)U(PSU)CUGCCCUAUCAACUUUCGAUGGUAGGAU
AGGGGCCUACCAUGGUGGUGACGGG(PSU)GACGGAGAAUUAGGGUUCGAUUCCGGAGA(OMG)GGAGCCUGAGAAACGG
CUACCACAU(OMC)CAAGG(A2M)AGGCAGCAG(OMG)CGCGC(A2M)AAUUACCCAAUCCUGACACGGGGAGGU(A2M)
GUGACAAUAAAUAACAAUACCGGGCGCAUUAGUGUCUGGUAAUUGGAAUGAGUACAAUCUAAAUCCCUUAACGAGG
(A2M)UCCAUUGGAGGGCAAGUCUGGUGCCAGCAGCCGCGGUAAUUCCAGCUCCAAUA(OMG)CGUA(UY1)A(PSU)
(PSU)UAAGUUG(OMU)UGCAGUU(A2M)AAAAGCUCGUAG(PSU)UGGACCUUGGGCCGGGUCGGCCGGUCCGCCUCAC
GGCGAGCACCGACCUACUCGACCCUUCGGCCGGCAUCGCGCUCCUAGCCUUAAUUGGCCGGGUCGUGUUUCCGGCAUCGU
UACUUUGAAGAAA(PSU)(PSU)AGAGUGCUCAAAGCAAGCCAUCGCUCUGGAUACAUU(A2M)GCA(PSU)GGGA
(PSU)AACAUCAUAGGAUUCCGGUCCUAUUGUGUUGGCCUUCGGGAUCGGAGUAAUGAUUAAUAGGGACAGUCGGGGGCA
UUCGUAUUUCAUAGUCAGAGGUGAAAUUCUUGGAUUUAUGAAAGACGAACAACUGCGAAAGCAUUUGCCAAGGAUGUUUU
CAUUAAUCAAGA(A2M)CGAAAGUUGGGGGCUCGAAGACGA(PSU)CAGAUACCG(OMU)CCUAGUCUCAACCAUAAACG
AUGCCGACCAGGGAUCGGCGGAUGUUGCUUAUAGGACUCCGCCGGCACC(PSU)UAUGAGAAAUCAAAG(PSU)CUUUGG
G(PSU)UCCGGGGGGAGUA(PSU)GGUCGCAA(OMG)GCUGAAACUUAAAGGAAUUGACGGAAGGCACCACCAGGCGUGG
AGCC(PSU)GCGGCUUAAUU(PSU)GACUCAACACGGGGAAACUUACCAGG(PSU)(OMC)CAGACAUAGCAAGGA
(OMU)UGACAGACUGAGAGCUCUUUCUUGAUUC(OMU)A(OMU)GGGUGG(OMU)G(OMG)UGCAUGGC(4AC)GUUCUU
AGU(PSU)GGUG(OMG)AGCGA(PSU)UUG(PSU)CUGG(PSU)UAAUUCCGUUAACGA(A2M)CGAGA(OMC)CUCAGC
CUGCUAACUAGCUAUGCGGAGCCAUCC(OMC)(PSU)CCGCAGCUAGCU(OMU)CUUAGAGGGACUAUCGCCGUU(PSU)
AGGCGACGGAAGUUUGAGGCAAUAACA(OMG)GUCUG(PSU)GAUGCCC(OMU)UAGAUGUUCUGGGCCGCACGCGCGCU
ACAC(PSU)GAUGUAUUCAACGAGUAUAUAGCCUUGGCCGACAGGCCCGGGUAAUCUUGGGAAA(PSU)U(PSU)CAUCG
UGAUGGGGAUAGAUCAUUGCAAUUGU(PSU)GGUCUUCAACG(A2M)G(7MG)AAUGCCUAGUAAGCGCGAGUCA(PSU)
CAGC(PSU)CGCGU(PSU)GACUACGUCCCUGCCCUU(PSU)GUACACACCG(OMC)CCGUCGCUCCUACCGAUUGAAUG
GUCCGGUGAAGUGUUCGGAUCGCGGCGACGGGGGCGGUUCGCCGCCCCCGACGUCGCGAGAAGUCCAUUGAACCUUAUCA
UUUAGAGGA(A2M)GGAGAAGUCGUA(6MZ)CAAGGUUUC(4AC)GUAGGUG(MA6)(MA6)CCUGCGGAAGGAUCAUUG
;
A
16 'polypeptide(L)'
;MQIFVKTLTGKTITLEVESSDTIDNVKAKIQDKEGIPPDQQRLIFAGKQLEDGRTLADYNIQKESTLHLVLRLRGGAKKR
KKKTYTKPKKQKHKHKKVKLAVLQFYKVDDATGKVTRLRKECPNADCGAGTFMANHFDRHYCGKCGLTYVYNQKA
;
f
#
# COMPACT_ATOMS: atom_id res chain seq x y z
N MET A 1 -2.79 -53.94 -8.29
CA MET A 1 -1.98 -54.07 -9.50
C MET A 1 -0.69 -54.82 -9.25
N ILE A 2 0.16 -54.89 -10.26
CA ILE A 2 1.43 -55.59 -10.16
C ILE A 2 2.36 -54.79 -9.26
N ILE A 3 2.54 -55.24 -8.03
CA ILE A 3 3.46 -54.64 -7.08
C ILE A 3 4.40 -55.73 -6.58
N SER A 4 5.70 -55.64 -6.84
CA SER A 4 6.66 -56.63 -6.35
C SER A 4 6.44 -56.99 -4.89
N LYS A 5 6.84 -58.21 -4.52
CA LYS A 5 6.74 -58.64 -3.14
C LYS A 5 7.58 -57.76 -2.23
N LYS A 6 8.73 -57.30 -2.72
CA LYS A 6 9.57 -56.40 -1.94
C LYS A 6 8.81 -55.15 -1.53
N ASN A 7 8.19 -54.47 -2.51
CA ASN A 7 7.47 -53.24 -2.24
C ASN A 7 6.24 -53.50 -1.37
N ARG A 8 5.51 -54.58 -1.68
CA ARG A 8 4.31 -54.89 -0.90
C ARG A 8 4.65 -55.13 0.57
N ASN A 9 5.62 -55.98 0.85
CA ASN A 9 6.05 -56.22 2.24
C ASN A 9 6.57 -54.89 2.82
N GLU A 10 7.15 -54.05 1.98
CA GLU A 10 7.70 -52.76 2.44
C GLU A 10 6.61 -51.86 3.00
N ILE A 11 5.50 -51.73 2.28
CA ILE A 11 4.40 -50.82 2.70
C ILE A 11 3.62 -51.50 3.82
N CYS A 12 3.59 -52.83 3.84
CA CYS A 12 2.83 -53.58 4.86
C CYS A 12 3.59 -53.62 6.18
N LYS A 13 4.91 -53.60 6.13
CA LYS A 13 5.70 -53.52 7.37
C LYS A 13 5.49 -52.13 7.96
N TYR A 14 5.60 -51.07 7.15
CA TYR A 14 5.50 -49.70 7.74
C TYR A 14 4.10 -49.53 8.35
N LEU A 15 3.07 -49.99 7.65
CA LEU A 15 1.68 -49.81 8.15
C LEU A 15 1.56 -50.51 9.50
N PHE A 16 2.12 -51.70 9.67
CA PHE A 16 1.96 -52.45 10.93
C PHE A 16 2.82 -51.80 12.00
N GLN A 17 3.99 -51.31 11.59
CA GLN A 17 4.89 -50.60 12.52
C GLN A 17 4.18 -49.38 13.10
N GLU A 18 3.52 -48.57 12.26
CA GLU A 18 2.92 -47.30 12.74
C GLU A 18 1.40 -47.41 12.91
N GLY A 19 0.73 -48.27 12.13
CA GLY A 19 -0.71 -48.34 12.17
C GLY A 19 -1.43 -47.31 11.34
N VAL A 20 -0.69 -46.40 10.70
CA VAL A 20 -1.27 -45.34 9.88
C VAL A 20 -0.42 -45.16 8.65
N LEU A 21 -1.02 -44.58 7.61
CA LEU A 21 -0.29 -44.20 6.41
C LEU A 21 -0.91 -42.93 5.84
N TYR A 22 -0.12 -42.21 5.07
CA TYR A 22 -0.61 -41.01 4.39
C TYR A 22 0.06 -40.92 3.03
N ALA A 23 -0.59 -40.18 2.12
CA ALA A 23 -0.01 -39.87 0.83
C ALA A 23 -0.74 -38.66 0.27
N LYS A 24 -0.10 -38.00 -0.67
CA LYS A 24 -0.71 -36.92 -1.44
C LYS A 24 -1.30 -37.51 -2.71
N LYS A 25 -2.35 -36.90 -3.23
CA LYS A 25 -2.82 -37.34 -4.53
C LYS A 25 -1.78 -36.90 -5.56
N ASP A 26 -0.86 -37.81 -5.86
CA ASP A 26 0.21 -37.58 -6.83
C ASP A 26 0.64 -38.92 -7.40
N TYR A 27 0.13 -39.27 -8.56
CA TYR A 27 0.34 -40.61 -9.08
C TYR A 27 1.68 -40.77 -9.76
N ASN A 28 2.54 -39.77 -9.64
CA ASN A 28 3.86 -39.80 -10.28
C ASN A 28 4.93 -39.26 -9.35
N LEU A 29 4.74 -39.39 -8.03
CA LEU A 29 5.76 -38.95 -7.08
C LEU A 29 7.05 -39.75 -7.20
N ALA A 30 6.97 -41.00 -7.65
CA ALA A 30 8.11 -41.85 -7.93
C ALA A 30 8.81 -42.32 -6.66
N LYS A 31 8.37 -41.81 -5.51
CA LYS A 31 8.93 -42.21 -4.22
C LYS A 31 8.02 -41.69 -3.12
N HIS A 32 7.48 -42.60 -2.31
CA HIS A 32 6.72 -42.17 -1.15
C HIS A 32 7.66 -41.48 -0.16
N PRO A 33 7.20 -40.45 0.56
CA PRO A 33 8.09 -39.74 1.48
C PRO A 33 8.73 -40.61 2.55
N GLN A 34 8.11 -41.73 2.92
CA GLN A 34 8.70 -42.61 3.93
C GLN A 34 9.10 -43.95 3.32
N ILE A 35 8.15 -44.65 2.72
CA ILE A 35 8.38 -45.98 2.16
C ILE A 35 9.08 -45.82 0.81
N ASP A 36 10.07 -46.69 0.53
CA ASP A 36 10.85 -46.60 -0.71
C ASP A 36 10.07 -47.28 -1.85
N VAL A 37 8.84 -46.82 -2.01
CA VAL A 37 7.89 -47.31 -3.01
C VAL A 37 7.26 -46.04 -3.57
N PRO A 38 6.96 -45.94 -4.87
CA PRO A 38 6.33 -44.71 -5.36
C PRO A 38 4.89 -44.57 -4.90
N ASN A 39 4.41 -43.32 -4.91
CA ASN A 39 3.13 -43.00 -4.30
C ASN A 39 2.00 -43.80 -4.96
N LEU A 40 2.12 -44.10 -6.26
CA LEU A 40 1.09 -44.86 -6.94
C LEU A 40 0.86 -46.22 -6.29
N GLN A 41 1.94 -46.96 -6.02
CA GLN A 41 1.78 -48.30 -5.47
C GLN A 41 1.23 -48.24 -4.05
N VAL A 42 1.68 -47.26 -3.26
CA VAL A 42 1.14 -47.10 -1.91
C VAL A 42 -0.35 -46.78 -1.97
N ILE A 43 -0.76 -45.88 -2.86
CA ILE A 43 -2.17 -45.48 -2.94
C ILE A 43 -3.03 -46.66 -3.40
N LYS A 44 -2.57 -47.38 -4.43
CA LYS A 44 -3.37 -48.49 -4.93
C LYS A 44 -3.45 -49.64 -3.92
N LEU A 45 -2.34 -49.96 -3.26
CA LEU A 45 -2.36 -51.03 -2.27
C LEU A 45 -3.19 -50.64 -1.05
N MET A 46 -3.16 -49.36 -0.66
CA MET A 46 -4.01 -48.90 0.42
C MET A 46 -5.48 -48.91 0.05
N GLN A 47 -5.80 -48.61 -1.22
CA GLN A 47 -7.17 -48.78 -1.69
C GLN A 47 -7.59 -50.24 -1.65
N SER A 48 -6.73 -51.16 -2.05
CA SER A 48 -7.10 -52.60 -1.88
C SER A 48 -7.33 -52.93 -0.40
N PHE A 49 -6.37 -52.65 0.46
CA PHE A 49 -6.50 -52.96 1.91
C PHE A 49 -7.70 -52.26 2.51
N LYS A 50 -8.42 -51.47 1.72
CA LYS A 50 -9.52 -50.68 2.29
C LYS A 50 -10.82 -51.26 1.78
N SER A 51 -10.80 -51.79 0.57
CA SER A 51 -12.00 -52.43 0.01
C SER A 51 -12.14 -53.75 0.75
N LYS A 52 -11.09 -54.15 1.48
CA LYS A 52 -11.12 -55.40 2.28
C LYS A 52 -11.37 -55.07 3.74
N GLU A 53 -11.63 -53.80 4.08
CA GLU A 53 -11.84 -53.34 5.47
C GLU A 53 -10.53 -53.39 6.25
N TYR A 54 -9.40 -53.50 5.56
CA TYR A 54 -8.13 -53.66 6.30
C TYR A 54 -7.65 -52.28 6.74
N VAL A 55 -8.33 -51.21 6.32
CA VAL A 55 -7.99 -49.86 6.77
C VAL A 55 -9.20 -48.96 6.60
N ARG A 56 -9.12 -47.79 7.23
CA ARG A 56 -10.06 -46.69 7.02
C ARG A 56 -9.35 -45.59 6.25
N GLU A 57 -10.06 -44.95 5.33
CA GLU A 57 -9.48 -43.94 4.45
C GLU A 57 -10.27 -42.64 4.58
N THR A 58 -9.55 -41.54 4.78
CA THR A 58 -10.12 -40.20 4.72
C THR A 58 -9.26 -39.36 3.79
N PHE A 59 -9.92 -38.65 2.87
CA PHE A 59 -9.23 -37.79 1.92
C PHE A 59 -9.51 -36.33 2.28
N SER A 60 -8.45 -35.55 2.42
CA SER A 60 -8.59 -34.15 2.82
C SER A 60 -7.41 -33.36 2.29
N TRP A 61 -7.71 -32.21 1.67
CA TRP A 61 -6.71 -31.32 1.11
C TRP A 61 -5.69 -32.04 0.24
N GLN A 62 -6.18 -32.80 -0.74
CA GLN A 62 -5.35 -33.50 -1.71
C GLN A 62 -4.43 -34.54 -1.08
N HIS A 63 -4.69 -34.94 0.16
CA HIS A 63 -3.89 -35.94 0.85
C HIS A 63 -4.77 -37.09 1.32
N TYR A 64 -4.23 -38.30 1.19
CA TYR A 64 -4.87 -39.49 1.73
C TYR A 64 -4.41 -39.71 3.16
N TYR A 65 -5.31 -40.22 4.01
CA TYR A 65 -4.95 -40.63 5.35
C TYR A 65 -5.60 -41.99 5.61
N TRP A 66 -4.77 -43.01 5.81
CA TRP A 66 -5.24 -44.37 6.07
C TRP A 66 -4.93 -44.78 7.50
N TYR A 67 -5.86 -45.50 8.12
CA TYR A 67 -5.71 -46.01 9.48
C TYR A 67 -6.01 -47.50 9.48
N LEU A 68 -5.06 -48.29 9.95
CA LEU A 68 -5.25 -49.73 10.05
C LEU A 68 -6.39 -50.06 11.01
N THR A 69 -7.25 -50.98 10.60
CA THR A 69 -8.34 -51.44 11.46
C THR A 69 -7.93 -52.71 12.20
N ASN A 70 -8.81 -53.16 13.10
CA ASN A 70 -8.53 -54.38 13.87
C ASN A 70 -8.39 -55.60 12.97
N ASP A 71 -9.16 -55.64 11.87
CA ASP A 71 -8.95 -56.69 10.88
C ASP A 71 -7.62 -56.53 10.17
N GLY A 72 -7.17 -55.29 9.99
CA GLY A 72 -5.86 -55.06 9.40
C GLY A 72 -4.70 -55.51 10.26
N ILE A 73 -4.80 -55.32 11.59
CA ILE A 73 -3.74 -55.79 12.49
C ILE A 73 -3.68 -57.31 12.54
N GLU A 74 -4.77 -58.00 12.21
CA GLU A 74 -4.77 -59.44 12.04
C GLU A 74 -4.15 -59.86 10.70
N PHE A 75 -4.63 -59.27 9.60
CA PHE A 75 -4.17 -59.69 8.30
C PHE A 75 -2.70 -59.34 8.06
N LEU A 76 -2.21 -58.25 8.65
CA LEU A 76 -0.83 -57.86 8.48
C LEU A 76 0.10 -58.77 9.28
N ARG A 77 -0.31 -59.10 10.51
CA ARG A 77 0.48 -60.01 11.33
C ARG A 77 0.49 -61.41 10.73
N ASN A 78 -0.58 -61.79 10.03
CA ASN A 78 -0.55 -63.04 9.28
C ASN A 78 0.35 -62.93 8.04
N PHE A 79 0.29 -61.79 7.36
CA PHE A 79 1.01 -61.63 6.09
C PHE A 79 2.51 -61.42 6.32
N LEU A 80 2.86 -60.64 7.34
CA LEU A 80 4.26 -60.29 7.56
C LEU A 80 5.03 -61.44 8.20
N ASN A 81 4.37 -62.58 8.39
CA ASN A 81 4.99 -63.83 8.83
C ASN A 81 5.38 -63.77 10.30
N LEU A 82 5.27 -62.60 10.93
CA LEU A 82 5.71 -62.40 12.29
C LEU A 82 4.76 -61.43 12.97
N PRO A 83 4.63 -61.51 14.31
CA PRO A 83 3.92 -60.49 15.08
C PRO A 83 4.66 -59.16 15.15
N ASP B 26 5.75 -89.45 11.78
CA ASP B 26 6.75 -88.70 12.53
C ASP B 26 7.93 -88.31 11.65
N LEU B 27 7.94 -88.85 10.43
CA LEU B 27 8.99 -88.58 9.47
C LEU B 27 8.39 -88.65 8.07
N MET B 28 9.15 -88.17 7.08
CA MET B 28 8.74 -88.18 5.68
C MET B 28 7.42 -87.43 5.49
N THR B 29 6.32 -88.17 5.42
CA THR B 29 5.02 -87.57 5.14
C THR B 29 4.65 -86.51 6.18
N ALA B 30 4.91 -86.81 7.46
CA ALA B 30 4.58 -85.87 8.52
C ALA B 30 5.44 -84.61 8.44
N LEU B 31 6.53 -84.64 7.68
CA LEU B 31 7.42 -83.48 7.59
C LEU B 31 6.96 -82.44 6.57
N GLN B 32 5.71 -82.51 6.10
CA GLN B 32 5.16 -81.40 5.33
C GLN B 32 5.03 -80.15 6.20
N LEU B 33 5.02 -80.31 7.53
CA LEU B 33 4.87 -79.17 8.44
C LEU B 33 6.06 -78.22 8.37
N VAL B 34 7.28 -78.77 8.27
CA VAL B 34 8.46 -77.92 8.21
C VAL B 34 8.37 -77.07 6.95
N MET B 35 7.83 -77.65 5.89
CA MET B 35 7.70 -76.89 4.65
C MET B 35 6.53 -75.93 4.73
N LYS B 36 5.51 -76.24 5.54
CA LYS B 36 4.51 -75.24 5.91
C LYS B 36 5.17 -74.00 6.53
N LYS B 37 6.04 -74.22 7.52
CA LYS B 37 6.71 -73.09 8.15
C LYS B 37 7.62 -72.37 7.16
N SER B 38 8.29 -73.12 6.28
CA SER B 38 9.12 -72.51 5.26
C SER B 38 8.31 -71.62 4.33
N SER B 39 7.12 -72.08 3.94
CA SER B 39 6.23 -71.27 3.11
C SER B 39 5.78 -70.03 3.86
N ALA B 40 5.46 -70.19 5.15
CA ALA B 40 5.13 -69.05 6.00
C ALA B 40 6.25 -68.02 5.97
N HIS B 41 7.46 -68.43 6.35
CA HIS B 41 8.59 -67.51 6.39
C HIS B 41 9.16 -67.23 5.00
N ASP B 42 8.64 -67.89 3.95
CA ASP B 42 9.05 -67.72 2.56
C ASP B 42 10.36 -68.42 2.30
N GLY B 43 10.52 -68.98 1.10
CA GLY B 43 11.71 -69.73 0.76
C GLY B 43 11.46 -70.91 -0.15
N LEU B 44 10.19 -71.20 -0.43
CA LEU B 44 9.81 -72.28 -1.35
C LEU B 44 9.95 -71.77 -2.78
N VAL B 45 11.04 -72.18 -3.42
CA VAL B 45 11.27 -71.85 -4.83
C VAL B 45 10.65 -72.96 -5.67
N LYS B 46 9.34 -72.84 -5.92
CA LYS B 46 8.59 -73.89 -6.60
C LYS B 46 8.84 -73.88 -8.11
N GLY B 47 8.75 -75.03 -8.74
CA GLY B 47 8.83 -75.15 -10.18
C GLY B 47 10.26 -75.33 -10.66
N LEU B 48 10.41 -76.05 -11.77
CA LEU B 48 11.71 -76.42 -12.31
C LEU B 48 12.48 -75.21 -12.85
N ARG B 49 11.82 -74.47 -13.75
CA ARG B 49 12.45 -73.24 -14.28
C ARG B 49 13.18 -72.57 -13.13
N GLU B 50 12.51 -72.44 -11.99
CA GLU B 50 13.13 -71.73 -10.85
C GLU B 50 14.00 -72.71 -10.07
N ALA B 51 13.54 -73.95 -9.91
CA ALA B 51 14.30 -74.95 -9.14
C ALA B 51 15.76 -74.85 -9.55
N ALA B 52 16.05 -75.14 -10.80
CA ALA B 52 17.42 -75.02 -11.32
C ALA B 52 18.05 -73.76 -10.75
N LYS B 53 17.50 -72.61 -11.10
CA LYS B 53 18.08 -71.33 -10.63
C LYS B 53 18.37 -71.42 -9.13
N ALA B 54 17.40 -71.91 -8.34
CA ALA B 54 17.55 -72.02 -6.87
C ALA B 54 18.74 -72.90 -6.53
N ILE B 55 19.11 -73.81 -7.44
CA ILE B 55 20.25 -74.74 -7.20
C ILE B 55 21.54 -74.01 -7.54
N GLU B 56 21.73 -73.69 -8.82
CA GLU B 56 23.00 -73.07 -9.27
C GLU B 56 23.31 -71.83 -8.46
N LYS B 57 22.29 -71.16 -7.94
CA LYS B 57 22.55 -69.98 -7.07
C LYS B 57 23.01 -70.49 -5.70
N HIS B 58 23.41 -71.76 -5.60
CA HIS B 58 23.96 -72.27 -4.34
C HIS B 58 23.11 -71.82 -3.15
N ALA B 59 21.80 -71.95 -3.32
CA ALA B 59 20.87 -71.65 -2.23
C ALA B 59 19.89 -72.78 -1.98
N ALA B 60 19.92 -73.86 -2.75
CA ALA B 60 19.04 -74.99 -2.54
C ALA B 60 19.47 -75.78 -1.32
N GLN B 61 18.48 -76.31 -0.59
CA GLN B 61 18.76 -77.09 0.65
C GLN B 61 18.03 -78.44 0.59
N ILE B 62 16.80 -78.46 0.06
CA ILE B 62 16.08 -79.75 -0.12
C ILE B 62 15.35 -79.63 -1.47
N CYS B 63 14.88 -80.74 -2.03
CA CYS B 63 14.29 -80.65 -3.39
C CYS B 63 13.19 -81.68 -3.56
N VAL B 64 12.12 -81.57 -2.78
CA VAL B 64 11.05 -82.60 -2.86
C VAL B 64 10.71 -82.76 -4.34
N LEU B 65 10.42 -83.99 -4.78
CA LEU B 65 10.03 -84.23 -6.19
C LEU B 65 8.72 -85.01 -6.22
N ALA B 66 8.12 -85.17 -7.39
CA ALA B 66 6.88 -85.97 -7.54
C ALA B 66 7.05 -86.91 -8.73
N GLU B 67 7.12 -88.21 -8.47
CA GLU B 67 7.37 -89.19 -9.53
C GLU B 67 6.21 -89.27 -10.51
N ASP B 68 5.07 -88.63 -10.20
CA ASP B 68 3.91 -88.65 -11.08
C ASP B 68 4.21 -88.04 -12.44
N CYS B 69 5.23 -87.18 -12.53
CA CYS B 69 5.56 -86.51 -13.77
C CYS B 69 5.82 -87.51 -14.88
N ASP B 70 5.26 -87.23 -16.06
CA ASP B 70 5.32 -88.16 -17.20
C ASP B 70 6.67 -88.05 -17.91
N GLN B 71 7.02 -86.84 -18.35
CA GLN B 71 8.25 -86.57 -19.10
C GLN B 71 9.47 -87.09 -18.35
N PRO B 72 10.13 -88.14 -18.85
CA PRO B 72 11.32 -88.65 -18.14
C PRO B 72 12.45 -87.65 -18.06
N ASP B 73 12.64 -86.83 -19.10
CA ASP B 73 13.73 -85.88 -19.12
C ASP B 73 13.65 -84.92 -17.95
N TYR B 74 12.42 -84.62 -17.50
CA TYR B 74 12.22 -83.82 -16.30
C TYR B 74 13.02 -84.38 -15.11
N VAL B 75 12.71 -85.62 -14.73
CA VAL B 75 13.33 -86.22 -13.55
C VAL B 75 14.82 -86.42 -13.78
N LYS B 76 15.19 -86.84 -14.99
CA LYS B 76 16.62 -87.01 -15.29
C LYS B 76 17.37 -85.71 -15.08
N LEU B 77 16.83 -84.61 -15.62
CA LEU B 77 17.50 -83.32 -15.57
C LEU B 77 17.60 -82.81 -14.14
N VAL B 78 16.52 -82.92 -13.37
CA VAL B 78 16.56 -82.38 -12.01
C VAL B 78 17.51 -83.19 -11.15
N LYS B 79 17.49 -84.52 -11.29
CA LYS B 79 18.47 -85.33 -10.57
C LYS B 79 19.89 -84.99 -11.01
N ALA B 80 20.08 -84.66 -12.30
CA ALA B 80 21.40 -84.26 -12.76
C ALA B 80 21.86 -82.97 -12.08
N LEU B 81 20.98 -81.97 -12.00
CA LEU B 81 21.37 -80.73 -11.34
C LEU B 81 21.67 -80.95 -9.87
N CYS B 82 20.82 -81.75 -9.20
CA CYS B 82 21.03 -81.97 -7.76
C CYS B 82 22.29 -82.79 -7.50
N ALA B 83 22.66 -83.65 -8.46
CA ALA B 83 23.93 -84.35 -8.37
C ALA B 83 25.11 -83.41 -8.60
N GLU B 84 24.94 -82.42 -9.47
CA GLU B 84 26.00 -81.45 -9.72
C GLU B 84 26.37 -80.71 -8.44
N HIS B 85 25.38 -80.20 -7.72
CA HIS B 85 25.57 -79.67 -6.39
C HIS B 85 25.42 -80.82 -5.38
N ASN B 86 25.38 -80.48 -4.10
CA ASN B 86 25.12 -81.46 -3.04
C ASN B 86 24.14 -80.84 -2.05
N VAL B 87 22.84 -81.02 -2.29
CA VAL B 87 21.87 -80.51 -1.33
C VAL B 87 21.01 -81.61 -0.71
N HIS B 88 20.07 -82.19 -1.46
CA HIS B 88 19.31 -83.39 -1.06
C HIS B 88 18.24 -83.70 -2.10
N LEU B 89 17.68 -84.93 -2.07
CA LEU B 89 16.51 -85.31 -2.87
C LEU B 89 15.52 -86.13 -2.04
N VAL B 90 14.37 -85.53 -1.71
CA VAL B 90 13.25 -86.27 -1.16
C VAL B 90 12.23 -86.58 -2.26
N THR B 91 11.91 -87.87 -2.44
CA THR B 91 10.82 -88.23 -3.32
C THR B 91 9.50 -88.28 -2.55
N VAL B 92 8.41 -87.93 -3.24
CA VAL B 92 7.07 -88.03 -2.67
C VAL B 92 6.08 -88.25 -3.81
N PRO B 93 5.06 -89.07 -3.65
CA PRO B 93 4.09 -89.28 -4.71
C PRO B 93 3.05 -88.17 -4.76
N SER B 94 2.12 -88.31 -5.70
CA SER B 94 0.94 -87.47 -5.79
C SER B 94 1.29 -86.00 -5.93
N ALA B 95 1.84 -85.60 -7.08
CA ALA B 95 2.16 -84.21 -7.39
C ALA B 95 1.04 -83.24 -7.02
N LYS B 96 -0.21 -83.70 -7.01
CA LYS B 96 -1.30 -82.87 -6.50
C LYS B 96 -1.07 -82.54 -5.03
N THR B 97 -0.67 -83.54 -4.24
CA THR B 97 -0.33 -83.27 -2.85
C THR B 97 0.91 -82.40 -2.74
N LEU B 98 1.83 -82.53 -3.70
CA LEU B 98 2.99 -81.65 -3.71
C LEU B 98 2.58 -80.19 -3.89
N GLY B 99 1.59 -79.95 -4.74
CA GLY B 99 1.01 -78.61 -4.83
C GLY B 99 0.33 -78.19 -3.54
N GLU B 100 -0.39 -79.13 -2.91
CA GLU B 100 -1.06 -78.81 -1.65
C GLU B 100 -0.08 -78.37 -0.58
N TRP B 101 0.99 -79.13 -0.37
CA TRP B 101 1.95 -78.80 0.69
C TRP B 101 2.65 -77.49 0.42
N ALA B 102 2.94 -77.19 -0.85
CA ALA B 102 3.75 -76.04 -1.22
C ALA B 102 2.95 -74.75 -1.30
N GLY B 103 1.72 -74.74 -0.83
CA GLY B 103 0.87 -73.57 -0.93
C GLY B 103 0.31 -73.31 -2.31
N LEU B 104 0.46 -74.24 -3.25
CA LEU B 104 -0.06 -74.05 -4.60
C LEU B 104 -1.56 -74.29 -4.62
N CYS B 105 -2.29 -73.53 -3.80
CA CYS B 105 -3.73 -73.71 -3.62
C CYS B 105 -4.27 -72.64 -2.68
N LYS B 106 -5.59 -72.45 -2.71
CA LYS B 106 -6.25 -71.61 -1.72
C LYS B 106 -6.68 -72.47 -0.55
N ILE B 107 -6.54 -71.92 0.66
CA ILE B 107 -6.91 -72.66 1.87
C ILE B 107 -8.39 -73.02 1.86
N ASP B 108 -9.21 -72.24 1.16
CA ASP B 108 -10.66 -72.47 1.03
C ASP B 108 -11.25 -72.56 2.43
N SER B 109 -12.14 -73.51 2.70
CA SER B 109 -12.70 -73.69 4.03
C SER B 109 -11.82 -74.64 4.84
N GLU B 110 -12.33 -75.10 5.98
CA GLU B 110 -11.59 -76.09 6.78
C GLU B 110 -11.42 -77.39 6.00
N GLY B 111 -12.45 -77.80 5.26
CA GLY B 111 -12.32 -78.99 4.42
C GLY B 111 -11.36 -78.79 3.27
N LYS B 112 -11.03 -77.54 2.95
CA LYS B 112 -10.06 -77.20 1.91
C LYS B 112 -10.47 -77.75 0.55
N ALA B 113 -11.56 -77.24 -0.02
CA ALA B 113 -11.94 -77.58 -1.39
C ALA B 113 -11.05 -76.83 -2.37
N ARG B 114 -9.74 -77.03 -2.26
CA ARG B 114 -8.73 -76.29 -3.00
C ARG B 114 -8.63 -76.73 -4.46
N LYS B 115 -8.66 -75.76 -5.37
CA LYS B 115 -8.37 -76.02 -6.78
C LYS B 115 -6.86 -76.14 -6.95
N VAL B 116 -6.30 -77.29 -6.58
CA VAL B 116 -4.86 -77.39 -6.38
C VAL B 116 -4.13 -77.41 -7.71
N VAL B 117 -3.01 -76.70 -7.76
CA VAL B 117 -2.09 -76.75 -8.89
C VAL B 117 -1.03 -77.80 -8.59
N GLY B 118 -0.66 -78.56 -9.62
CA GLY B 118 0.29 -79.65 -9.47
C GLY B 118 1.72 -79.16 -9.56
N CYS B 119 2.51 -79.47 -8.53
CA CYS B 119 3.90 -79.09 -8.44
C CYS B 119 4.79 -80.33 -8.61
N SER B 120 6.03 -80.11 -9.05
CA SER B 120 6.95 -81.22 -9.24
C SER B 120 8.38 -80.88 -8.78
N CYS B 121 8.57 -79.70 -8.17
CA CYS B 121 9.83 -79.36 -7.53
C CYS B 121 9.62 -78.17 -6.60
N VAL B 122 9.92 -78.37 -5.32
CA VAL B 122 9.73 -77.28 -4.31
C VAL B 122 11.06 -77.04 -3.59
N VAL B 123 12.04 -76.46 -4.28
CA VAL B 123 13.36 -76.18 -3.65
C VAL B 123 13.12 -75.35 -2.40
N VAL B 124 13.58 -75.83 -1.24
CA VAL B 124 13.35 -75.11 0.04
C VAL B 124 14.52 -74.14 0.27
N LYS B 125 14.82 -73.29 -0.72
CA LYS B 125 15.89 -72.29 -0.56
C LYS B 125 15.74 -71.66 0.82
N ASP B 126 16.86 -71.44 1.53
CA ASP B 126 16.82 -70.77 2.86
C ASP B 126 16.13 -71.68 3.88
N TYR B 127 14.94 -72.16 3.56
CA TYR B 127 14.26 -73.13 4.46
C TYR B 127 13.58 -72.39 5.61
N GLY B 128 12.44 -72.88 6.06
CA GLY B 128 11.82 -72.28 7.25
C GLY B 128 12.79 -72.41 8.40
N GLU B 129 12.91 -71.39 9.26
CA GLU B 129 13.92 -71.42 10.33
C GLU B 129 13.25 -71.81 11.66
N ASP B 130 12.02 -72.35 11.58
CA ASP B 130 11.28 -72.75 12.81
C ASP B 130 11.84 -74.08 13.33
N SER B 131 12.71 -74.73 12.57
CA SER B 131 13.37 -75.98 13.03
C SER B 131 12.34 -77.08 13.31
N GLU B 132 12.46 -77.76 14.46
CA GLU B 132 11.52 -78.86 14.83
C GLU B 132 11.70 -80.05 13.88
N GLY B 133 10.61 -80.48 13.25
CA GLY B 133 10.67 -81.66 12.36
C GLY B 133 11.81 -81.57 11.37
N LEU B 134 12.16 -80.34 10.93
CA LEU B 134 13.30 -80.17 10.01
C LEU B 134 14.45 -81.05 10.50
N HIS B 135 14.72 -81.02 11.80
CA HIS B 135 15.85 -81.81 12.35
C HIS B 135 15.60 -83.28 12.01
N ILE B 136 14.39 -83.77 12.24
CA ILE B 136 14.06 -85.19 11.99
C ILE B 136 14.20 -85.47 10.48
N VAL B 137 13.62 -84.62 9.64
CA VAL B 137 13.78 -84.80 8.17
C VAL B 137 15.25 -84.59 7.83
N GLN B 138 15.94 -83.71 8.57
CA GLN B 138 17.38 -83.50 8.34
C GLN B 138 18.10 -84.83 8.57
N GLU B 139 17.61 -85.60 9.55
CA GLU B 139 18.19 -86.95 9.77
C GLU B 139 17.93 -87.78 8.52
N TYR B 140 16.67 -87.84 8.07
CA TYR B 140 16.37 -88.55 6.80
C TYR B 140 17.18 -87.87 5.70
N VAL B 141 17.43 -86.57 5.87
CA VAL B 141 18.27 -85.84 4.89
C VAL B 141 19.67 -86.46 4.93
N LYS B 142 20.19 -86.66 6.14
CA LYS B 142 21.52 -87.30 6.29
C LYS B 142 21.44 -88.68 5.64
N SER B 143 20.30 -89.37 5.79
CA SER B 143 20.11 -90.71 5.19
C SER B 143 18.65 -91.13 5.31
N THR C 3 16.58 -22.74 5.70
CA THR C 3 16.12 -22.87 7.07
C THR C 3 15.49 -21.55 7.55
N GLN C 4 15.99 -20.45 7.01
CA GLN C 4 15.47 -19.12 7.35
C GLN C 4 14.19 -18.89 6.57
N ILE C 5 13.08 -18.75 7.28
CA ILE C 5 11.77 -18.49 6.69
C ILE C 5 11.32 -17.11 7.11
N SER C 6 10.80 -16.34 6.16
CA SER C 6 10.36 -14.96 6.44
C SER C 6 9.30 -14.92 7.53
N LYS C 7 9.03 -13.75 8.10
CA LYS C 7 7.95 -13.63 9.11
C LYS C 7 6.61 -13.62 8.38
N LYS C 8 6.62 -13.24 7.12
CA LYS C 8 5.40 -13.28 6.31
C LYS C 8 5.12 -14.74 5.98
N LYS C 9 6.08 -15.45 5.39
CA LYS C 9 5.85 -16.83 4.92
C LYS C 9 5.43 -17.64 6.12
N LYS C 10 5.92 -17.31 7.31
CA LYS C 10 5.70 -18.13 8.52
C LYS C 10 4.29 -18.01 9.05
N PHE C 11 3.76 -16.80 9.14
CA PHE C 11 2.37 -16.55 9.58
C PHE C 11 1.39 -17.05 8.51
N VAL C 12 1.73 -16.99 7.22
CA VAL C 12 0.86 -17.59 6.23
C VAL C 12 0.87 -19.11 6.35
N SER C 13 2.04 -19.69 6.65
CA SER C 13 2.15 -21.13 6.84
C SER C 13 1.38 -21.59 8.07
N ASP C 14 1.45 -20.85 9.18
CA ASP C 14 0.66 -21.23 10.35
C ASP C 14 -0.83 -21.17 10.04
N GLY C 15 -1.27 -20.13 9.33
CA GLY C 15 -2.67 -20.06 8.95
C GLY C 15 -3.11 -21.20 8.05
N VAL C 16 -2.29 -21.55 7.05
CA VAL C 16 -2.63 -22.66 6.16
C VAL C 16 -2.62 -23.98 6.91
N PHE C 17 -1.67 -24.17 7.83
CA PHE C 17 -1.64 -25.38 8.64
C PHE C 17 -2.89 -25.50 9.50
N TYR C 18 -3.31 -24.39 10.12
CA TYR C 18 -4.55 -24.42 10.90
C TYR C 18 -5.74 -24.76 10.01
N ALA C 19 -5.84 -24.13 8.84
CA ALA C 19 -6.97 -24.37 7.95
C ALA C 19 -7.01 -25.80 7.42
N GLU C 20 -5.85 -26.43 7.21
CA GLU C 20 -5.80 -27.81 6.77
C GLU C 20 -6.07 -28.79 7.90
N LEU C 21 -5.47 -28.60 9.06
CA LEU C 21 -5.73 -29.48 10.19
C LEU C 21 -7.23 -29.54 10.44
N ASN C 22 -7.91 -28.41 10.52
CA ASN C 22 -9.33 -28.37 10.90
C ASN C 22 -10.16 -29.07 9.85
N GLU C 23 -9.76 -28.96 8.60
CA GLU C 23 -10.47 -29.67 7.50
C GLU C 23 -10.33 -31.17 7.70
N MET C 24 -9.12 -31.68 7.94
CA MET C 24 -8.92 -33.14 8.05
C MET C 24 -9.60 -33.65 9.32
N LEU C 25 -9.63 -32.84 10.38
CA LEU C 25 -10.32 -33.23 11.64
C LEU C 25 -11.84 -33.17 11.41
N THR C 26 -12.32 -32.18 10.66
CA THR C 26 -13.74 -32.14 10.33
C THR C 26 -14.17 -33.37 9.54
N ARG C 27 -13.36 -33.78 8.56
CA ARG C 27 -13.68 -34.99 7.81
C ARG C 27 -13.46 -36.26 8.62
N GLU C 28 -12.46 -36.28 9.50
CA GLU C 28 -12.19 -37.48 10.29
C GLU C 28 -13.09 -37.57 11.52
N LEU C 29 -12.98 -36.61 12.44
CA LEU C 29 -13.81 -36.63 13.64
C LEU C 29 -15.17 -36.03 13.36
N ALA C 30 -15.84 -36.48 12.30
CA ALA C 30 -17.14 -35.92 11.94
C ALA C 30 -18.20 -36.30 12.95
N GLU C 31 -18.44 -37.60 13.11
CA GLU C 31 -19.48 -38.09 14.02
C GLU C 31 -19.04 -38.12 15.48
N ASP C 32 -17.92 -37.51 15.82
CA ASP C 32 -17.51 -37.36 17.21
C ASP C 32 -17.91 -36.01 17.82
N GLY C 33 -18.60 -35.16 17.05
CA GLY C 33 -18.97 -33.86 17.53
C GLY C 33 -17.88 -32.81 17.50
N TYR C 34 -16.90 -32.97 16.60
CA TYR C 34 -15.80 -32.02 16.49
C TYR C 34 -16.30 -30.60 16.29
N SER C 35 -15.98 -29.74 17.25
CA SER C 35 -16.34 -28.33 17.17
C SER C 35 -15.23 -27.48 16.58
N GLY C 36 -14.00 -27.64 17.09
CA GLY C 36 -12.88 -26.87 16.58
C GLY C 36 -11.59 -27.34 17.19
N VAL C 37 -10.49 -26.82 16.66
CA VAL C 37 -9.16 -27.17 17.10
C VAL C 37 -8.43 -25.90 17.51
N GLU C 38 -7.70 -25.96 18.62
CA GLU C 38 -6.95 -24.83 19.16
C GLU C 38 -5.47 -25.17 19.13
N VAL C 39 -4.78 -24.71 18.10
CA VAL C 39 -3.33 -24.93 18.01
C VAL C 39 -2.62 -24.09 19.05
N ARG C 40 -1.61 -24.68 19.70
CA ARG C 40 -0.87 -23.98 20.75
C ARG C 40 0.58 -24.45 20.67
N VAL C 41 1.43 -23.59 20.10
CA VAL C 41 2.83 -23.93 19.87
C VAL C 41 3.66 -23.60 21.11
N THR C 42 3.80 -24.57 22.01
CA THR C 42 4.66 -24.42 23.18
C THR C 42 6.10 -24.70 22.80
N PRO C 43 7.06 -24.24 23.61
CA PRO C 43 8.48 -24.43 23.22
C PRO C 43 8.89 -25.87 23.01
N MET C 44 8.44 -26.79 23.88
CA MET C 44 8.82 -28.18 23.72
C MET C 44 8.06 -28.86 22.58
N ARG C 45 6.76 -28.60 22.47
CA ARG C 45 5.92 -29.27 21.49
C ARG C 45 4.80 -28.35 21.07
N THR C 46 4.23 -28.61 19.90
CA THR C 46 3.08 -27.87 19.40
C THR C 46 1.82 -28.59 19.85
N GLU C 47 1.41 -28.29 21.09
CA GLU C 47 0.21 -28.91 21.64
C GLU C 47 -1.02 -28.54 20.83
N ILE C 48 -1.86 -29.54 20.57
CA ILE C 48 -3.04 -29.36 19.73
C ILE C 48 -4.27 -29.84 20.49
N ILE C 49 -5.15 -28.91 20.83
CA ILE C 49 -6.33 -29.23 21.62
C ILE C 49 -7.53 -29.38 20.69
N ILE C 50 -8.24 -30.50 20.82
CA ILE C 50 -9.41 -30.79 20.02
C ILE C 50 -10.66 -30.63 20.89
N ARG C 51 -11.61 -29.83 20.40
CA ARG C 51 -12.87 -29.61 21.10
C ARG C 51 -13.94 -30.45 20.42
N ALA C 52 -14.54 -31.37 21.16
CA ALA C 52 -15.57 -32.25 20.60
C ALA C 52 -16.66 -32.54 21.63
N THR C 53 -17.71 -33.24 21.21
CA THR C 53 -18.79 -33.64 22.08
C THR C 53 -18.69 -35.09 22.52
N ARG C 54 -18.24 -35.99 21.64
CA ARG C 54 -17.97 -37.37 22.01
C ARG C 54 -16.48 -37.57 22.25
N THR C 55 -16.01 -37.09 23.40
CA THR C 55 -14.58 -37.11 23.71
C THR C 55 -14.12 -38.47 24.18
N GLN C 56 -14.96 -39.49 23.99
CA GLN C 56 -14.54 -40.87 24.20
C GLN C 56 -14.49 -41.58 22.86
N ASN C 57 -15.13 -41.00 21.84
CA ASN C 57 -15.04 -41.53 20.49
C ASN C 57 -13.79 -41.07 19.75
N VAL C 58 -13.27 -39.88 20.05
CA VAL C 58 -12.05 -39.38 19.44
C VAL C 58 -10.82 -39.95 20.14
N LEU C 59 -10.89 -40.09 21.46
CA LEU C 59 -9.82 -40.77 22.18
C LEU C 59 -9.63 -42.20 21.66
N GLY C 60 -10.72 -42.96 21.60
CA GLY C 60 -10.67 -44.34 21.16
C GLY C 60 -10.38 -45.29 22.30
N GLU C 61 -10.34 -46.58 21.95
CA GLU C 61 -10.05 -47.62 22.93
C GLU C 61 -8.64 -47.42 23.49
N LYS C 62 -8.55 -47.09 24.78
CA LYS C 62 -7.28 -46.81 25.44
C LYS C 62 -6.47 -45.74 24.71
N GLY C 63 -7.17 -44.78 24.11
CA GLY C 63 -6.52 -43.71 23.39
C GLY C 63 -5.79 -44.15 22.13
N ARG C 64 -6.32 -45.15 21.42
CA ARG C 64 -5.69 -45.58 20.18
C ARG C 64 -5.90 -44.57 19.06
N ARG C 65 -7.14 -44.08 18.92
CA ARG C 65 -7.47 -43.15 17.84
C ARG C 65 -6.70 -41.85 17.98
N ILE C 66 -6.59 -41.34 19.21
CA ILE C 66 -5.93 -40.05 19.42
C ILE C 66 -4.44 -40.18 19.13
N ARG C 67 -3.83 -41.30 19.50
CA ARG C 67 -2.43 -41.52 19.14
C ARG C 67 -2.24 -41.71 17.64
N GLU C 68 -3.19 -42.37 16.97
CA GLU C 68 -3.11 -42.50 15.52
C GLU C 68 -3.15 -41.13 14.86
N LEU C 69 -4.06 -40.26 15.31
CA LEU C 69 -4.12 -38.91 14.77
C LEU C 69 -2.86 -38.12 15.09
N THR C 70 -2.32 -38.27 16.30
CA THR C 70 -1.10 -37.58 16.68
C THR C 70 0.08 -37.98 15.80
N SER C 71 0.20 -39.27 15.48
CA SER C 71 1.26 -39.74 14.60
C SER C 71 1.04 -39.34 13.15
N VAL C 72 -0.21 -39.35 12.69
CA VAL C 72 -0.51 -38.92 11.32
C VAL C 72 -0.15 -37.44 11.15
N VAL C 73 -0.52 -36.60 12.13
CA VAL C 73 -0.18 -35.18 12.05
C VAL C 73 1.33 -35.01 12.08
N GLN C 74 2.02 -35.80 12.90
CA GLN C 74 3.49 -35.63 13.02
C GLN C 74 4.16 -35.92 11.67
N LYS C 75 3.82 -37.05 11.05
CA LYS C 75 4.47 -37.44 9.77
C LYS C 75 4.00 -36.54 8.63
N ARG C 76 2.69 -36.32 8.50
CA ARG C 76 2.15 -35.53 7.36
C ARG C 76 2.69 -34.10 7.40
N PHE C 77 2.62 -33.45 8.56
CA PHE C 77 3.00 -32.01 8.62
C PHE C 77 4.51 -31.88 8.84
N ASN C 78 5.22 -32.99 9.05
CA ASN C 78 6.70 -32.96 9.17
C ASN C 78 7.16 -32.40 10.50
N PHE C 79 6.45 -32.69 11.60
CA PHE C 79 6.97 -32.24 12.88
C PHE C 79 8.15 -33.10 13.32
N PRO C 80 8.99 -32.57 14.20
CA PRO C 80 9.95 -33.44 14.91
C PRO C 80 9.20 -34.47 15.73
N GLU C 81 9.76 -35.67 15.84
CA GLU C 81 9.11 -36.73 16.61
C GLU C 81 8.94 -36.28 18.06
N ASN C 82 7.76 -36.58 18.61
CA ASN C 82 7.34 -36.10 19.92
C ASN C 82 7.29 -34.57 19.98
N GLY C 83 7.15 -33.94 18.83
CA GLY C 83 7.04 -32.49 18.76
C GLY C 83 5.63 -32.02 18.53
N VAL C 84 4.67 -32.91 18.72
CA VAL C 84 3.25 -32.59 18.57
C VAL C 84 2.45 -33.56 19.44
N GLU C 85 1.46 -33.02 20.16
CA GLU C 85 0.66 -33.83 21.10
C GLU C 85 -0.77 -33.34 21.00
N LEU C 86 -1.66 -34.19 20.50
CA LEU C 86 -3.06 -33.84 20.28
C LEU C 86 -3.85 -34.18 21.54
N TYR C 87 -4.34 -33.15 22.23
CA TYR C 87 -5.27 -33.35 23.32
C TYR C 87 -6.70 -33.38 22.80
N ALA C 88 -7.65 -33.56 23.71
CA ALA C 88 -9.07 -33.61 23.34
C ALA C 88 -9.88 -33.15 24.55
N GLU C 89 -10.36 -31.90 24.51
CA GLU C 89 -11.12 -31.34 25.62
C GLU C 89 -12.62 -31.43 25.32
N LYS C 90 -13.42 -30.96 26.27
CA LYS C 90 -14.87 -30.97 26.19
C LYS C 90 -15.36 -29.59 25.79
N VAL C 91 -16.20 -29.53 24.75
CA VAL C 91 -16.90 -28.29 24.43
C VAL C 91 -17.85 -27.99 25.57
N VAL C 92 -17.69 -26.81 26.19
CA VAL C 92 -18.39 -26.50 27.42
C VAL C 92 -19.89 -26.41 27.21
N ASN C 93 -20.32 -25.60 26.25
CA ASN C 93 -21.74 -25.42 25.97
C ASN C 93 -21.98 -25.76 24.51
N ARG C 94 -22.49 -26.97 24.26
CA ARG C 94 -22.78 -27.41 22.89
C ARG C 94 -23.91 -26.60 22.27
N GLY C 95 -24.87 -26.14 23.07
CA GLY C 95 -25.98 -25.38 22.51
C GLY C 95 -25.55 -24.07 21.90
N LEU C 96 -24.50 -23.45 22.47
CA LEU C 96 -24.01 -22.15 22.01
C LEU C 96 -22.95 -22.29 20.93
N CYS C 97 -22.80 -23.48 20.32
CA CYS C 97 -21.85 -23.70 19.25
C CYS C 97 -22.62 -24.04 17.98
N ALA C 98 -22.42 -23.25 16.93
CA ALA C 98 -23.14 -23.46 15.67
C ALA C 98 -22.62 -24.66 14.90
N ILE C 99 -21.35 -25.01 15.04
CA ILE C 99 -20.82 -26.21 14.40
C ILE C 99 -21.36 -27.48 15.04
N ALA C 100 -21.43 -27.52 16.38
CA ALA C 100 -21.99 -28.67 17.06
C ALA C 100 -23.45 -28.87 16.69
N GLN C 101 -24.23 -27.79 16.69
CA GLN C 101 -25.63 -27.90 16.30
C GLN C 101 -25.81 -28.19 14.83
N ALA C 102 -24.93 -27.66 13.97
CA ALA C 102 -25.00 -27.98 12.55
C ALA C 102 -24.77 -29.46 12.31
N GLU C 103 -23.78 -30.04 12.99
CA GLU C 103 -23.54 -31.48 12.84
C GLU C 103 -24.65 -32.31 13.47
N SER C 104 -25.17 -31.86 14.61
CA SER C 104 -26.28 -32.56 15.24
C SER C 104 -27.50 -32.59 14.33
N LEU C 105 -27.79 -31.47 13.68
CA LEU C 105 -28.89 -31.41 12.72
C LEU C 105 -28.55 -32.17 11.45
N ARG C 106 -27.27 -32.30 11.12
CA ARG C 106 -26.86 -33.14 10.00
C ARG C 106 -27.21 -34.60 10.25
N TYR C 107 -26.83 -35.12 11.42
CA TYR C 107 -27.10 -36.52 11.73
C TYR C 107 -28.57 -36.74 12.05
N LYS C 108 -29.25 -35.71 12.54
CA LYS C 108 -30.68 -35.81 12.80
C LYS C 108 -31.48 -35.84 11.50
N LEU C 109 -30.84 -35.54 10.38
CA LEU C 109 -31.47 -35.63 9.07
C LEU C 109 -30.93 -36.75 8.19
N LEU C 110 -29.68 -37.16 8.40
CA LEU C 110 -29.17 -38.33 7.70
C LEU C 110 -29.96 -39.57 8.09
N GLY C 111 -30.35 -39.67 9.36
CA GLY C 111 -31.19 -40.75 9.83
C GLY C 111 -32.53 -40.83 9.12
N GLY C 112 -33.22 -39.69 8.99
CA GLY C 112 -34.49 -39.68 8.31
C GLY C 112 -35.57 -38.84 8.96
N LEU C 113 -35.24 -38.19 10.08
CA LEU C 113 -36.23 -37.40 10.80
C LEU C 113 -36.70 -36.23 9.95
N ALA C 114 -37.97 -35.87 10.11
CA ALA C 114 -38.54 -34.76 9.37
C ALA C 114 -37.79 -33.46 9.70
N VAL C 115 -37.50 -32.68 8.65
CA VAL C 115 -36.66 -31.50 8.82
C VAL C 115 -37.36 -30.47 9.71
N ARG C 116 -38.67 -30.28 9.52
CA ARG C 116 -39.38 -29.28 10.32
C ARG C 116 -39.42 -29.63 11.80
N ARG C 117 -39.17 -30.89 12.17
CA ARG C 117 -39.14 -31.29 13.55
C ARG C 117 -37.74 -31.30 14.14
N ALA C 118 -36.70 -31.50 13.34
CA ALA C 118 -35.34 -31.44 13.84
C ALA C 118 -34.81 -30.01 13.93
N CYS C 119 -35.21 -29.14 12.99
CA CYS C 119 -34.76 -27.75 13.07
C CYS C 119 -35.35 -27.03 14.27
N TYR C 120 -36.64 -27.23 14.55
CA TYR C 120 -37.21 -26.67 15.76
C TYR C 120 -36.61 -27.29 17.03
N GLY C 121 -36.19 -28.56 16.98
CA GLY C 121 -35.49 -29.14 18.10
C GLY C 121 -34.14 -28.49 18.34
N VAL C 122 -33.41 -28.22 17.26
CA VAL C 122 -32.14 -27.50 17.37
C VAL C 122 -32.37 -26.12 17.96
N LEU C 123 -33.38 -25.41 17.46
CA LEU C 123 -33.75 -24.11 18.01
C LEU C 123 -34.06 -24.21 19.50
N ARG C 124 -34.87 -25.19 19.87
CA ARG C 124 -35.23 -25.40 21.27
C ARG C 124 -34.00 -25.56 22.12
N PHE C 125 -33.11 -26.47 21.72
CA PHE C 125 -31.91 -26.75 22.52
C PHE C 125 -31.04 -25.52 22.63
N VAL C 126 -30.88 -24.77 21.54
CA VAL C 126 -30.05 -23.56 21.58
C VAL C 126 -30.62 -22.53 22.55
N MET C 127 -31.94 -22.32 22.49
CA MET C 127 -32.54 -21.30 23.36
C MET C 127 -32.51 -21.73 24.82
N GLU C 128 -32.71 -23.03 25.11
CA GLU C 128 -32.54 -23.47 26.49
C GLU C 128 -31.08 -23.37 26.92
N SER C 129 -30.14 -23.53 25.99
CA SER C 129 -28.74 -23.34 26.33
C SER C 129 -28.46 -21.90 26.72
N GLY C 130 -29.05 -20.94 26.03
CA GLY C 130 -28.97 -19.56 26.50
C GLY C 130 -28.66 -18.50 25.46
N ALA C 131 -28.62 -18.89 24.20
CA ALA C 131 -28.36 -17.91 23.14
C ALA C 131 -29.44 -16.85 23.12
N LYS C 132 -29.02 -15.61 22.83
CA LYS C 132 -30.00 -14.53 22.77
C LYS C 132 -30.91 -14.68 21.57
N GLY C 133 -30.46 -15.39 20.53
CA GLY C 133 -31.27 -15.68 19.38
C GLY C 133 -30.60 -16.71 18.50
N CYS C 134 -31.41 -17.45 17.76
CA CYS C 134 -30.91 -18.53 16.92
C CYS C 134 -31.68 -18.54 15.61
N GLU C 135 -31.01 -18.98 14.54
CA GLU C 135 -31.61 -19.04 13.22
C GLU C 135 -31.08 -20.25 12.48
N VAL C 136 -31.97 -20.97 11.81
CA VAL C 136 -31.62 -22.16 11.04
C VAL C 136 -32.22 -22.02 9.65
N ILE C 137 -31.42 -22.32 8.63
CA ILE C 137 -31.86 -22.29 7.23
C ILE C 137 -31.63 -23.67 6.63
N VAL C 138 -32.65 -24.20 5.97
CA VAL C 138 -32.59 -25.50 5.30
C VAL C 138 -32.93 -25.26 3.84
N SER C 139 -31.97 -25.46 2.95
CA SER C 139 -32.12 -25.20 1.54
C SER C 139 -31.83 -26.46 0.74
N GLY C 140 -32.69 -26.78 -0.21
CA GLY C 140 -32.47 -27.92 -1.07
C GLY C 140 -33.80 -28.53 -1.49
N LYS C 141 -33.70 -29.72 -2.09
CA LYS C 141 -34.87 -30.49 -2.48
C LYS C 141 -35.49 -31.18 -1.26
N LEU C 142 -36.16 -30.36 -0.44
CA LEU C 142 -36.73 -30.86 0.80
C LEU C 142 -37.80 -31.91 0.55
N ARG C 143 -38.87 -31.53 -0.15
CA ARG C 143 -39.96 -32.47 -0.40
C ARG C 143 -40.16 -32.71 -1.90
N ALA C 144 -40.21 -31.64 -2.68
CA ALA C 144 -40.43 -31.76 -4.12
C ALA C 144 -39.13 -31.69 -4.89
N GLN C 145 -39.21 -31.69 -6.22
CA GLN C 145 -38.04 -31.54 -7.07
C GLN C 145 -37.50 -30.12 -7.10
N ARG C 146 -38.38 -29.12 -7.10
CA ARG C 146 -37.95 -27.74 -6.98
C ARG C 146 -37.43 -27.48 -5.56
N ALA C 147 -36.33 -26.75 -5.48
CA ALA C 147 -35.71 -26.47 -4.19
C ALA C 147 -36.27 -25.21 -3.57
N LYS C 148 -36.41 -25.23 -2.25
CA LYS C 148 -36.91 -24.10 -1.49
C LYS C 148 -36.11 -24.01 -0.20
N SER C 149 -36.23 -22.86 0.47
CA SER C 149 -35.42 -22.57 1.65
C SER C 149 -36.35 -22.26 2.81
N MET C 150 -36.22 -23.01 3.90
CA MET C 150 -37.05 -22.86 5.07
C MET C 150 -36.22 -22.28 6.21
N LYS C 151 -36.57 -21.07 6.64
CA LYS C 151 -35.88 -20.40 7.73
C LYS C 151 -36.56 -20.73 9.05
N PHE C 152 -35.74 -20.91 10.10
CA PHE C 152 -36.25 -21.21 11.44
C PHE C 152 -35.59 -20.25 12.40
N LYS C 153 -36.22 -19.10 12.62
CA LYS C 153 -35.67 -18.04 13.43
C LYS C 153 -36.49 -17.87 14.71
N ASP C 154 -35.79 -17.67 15.82
CA ASP C 154 -36.43 -17.39 17.10
C ASP C 154 -35.46 -16.60 17.97
N GLY C 155 -35.91 -15.46 18.47
CA GLY C 155 -35.10 -14.61 19.31
C GLY C 155 -34.63 -13.36 18.60
N TYR C 156 -33.57 -12.78 19.13
CA TYR C 156 -33.02 -11.52 18.65
C TYR C 156 -31.70 -11.78 17.95
N MET C 157 -31.56 -11.29 16.72
CA MET C 157 -30.40 -11.59 15.90
C MET C 157 -29.98 -10.33 15.15
N ILE C 158 -28.73 -9.93 15.31
CA ILE C 158 -28.15 -8.83 14.55
C ILE C 158 -27.53 -9.39 13.27
N SER C 159 -27.45 -8.55 12.25
CA SER C 159 -26.96 -8.98 10.94
C SER C 159 -25.86 -8.10 10.38
N SER C 160 -25.78 -6.84 10.77
CA SER C 160 -24.83 -5.90 10.18
C SER C 160 -23.84 -5.40 11.23
N GLY C 161 -22.74 -4.85 10.74
CA GLY C 161 -21.76 -4.20 11.58
C GLY C 161 -20.72 -5.15 12.13
N GLN C 162 -19.74 -4.57 12.80
CA GLN C 162 -18.67 -5.30 13.46
C GLN C 162 -19.16 -6.26 14.55
N PRO C 163 -20.12 -5.88 15.40
CA PRO C 163 -20.54 -6.80 16.48
C PRO C 163 -21.04 -8.14 15.98
N VAL C 164 -21.32 -8.27 14.68
CA VAL C 164 -21.69 -9.57 14.12
C VAL C 164 -20.55 -10.57 14.29
N ASN C 165 -19.32 -10.13 14.02
CA ASN C 165 -18.16 -11.03 14.14
C ASN C 165 -17.65 -11.01 15.58
N GLU C 166 -18.56 -10.77 16.51
CA GLU C 166 -18.24 -11.02 17.91
C GLU C 166 -19.39 -11.76 18.57
N TYR C 167 -20.60 -11.59 18.04
CA TYR C 167 -21.82 -12.05 18.70
C TYR C 167 -22.51 -13.17 17.96
N ILE C 168 -22.16 -13.40 16.70
CA ILE C 168 -22.85 -14.38 15.86
C ILE C 168 -21.90 -15.54 15.65
N ASP C 169 -22.25 -16.70 16.20
CA ASP C 169 -21.52 -17.93 15.97
C ASP C 169 -22.28 -18.73 14.92
N ALA C 170 -21.64 -18.99 13.78
CA ALA C 170 -22.32 -19.49 12.59
C ALA C 170 -21.56 -20.67 12.01
N ALA C 171 -22.31 -21.57 11.35
CA ALA C 171 -21.74 -22.71 10.66
C ALA C 171 -22.57 -23.01 9.42
N VAL C 172 -21.92 -23.68 8.46
CA VAL C 172 -22.58 -24.07 7.22
C VAL C 172 -22.16 -25.50 6.89
N ARG C 173 -23.12 -26.42 6.89
CA ARG C 173 -22.85 -27.84 6.68
C ARG C 173 -23.81 -28.42 5.65
N HIS C 174 -23.33 -29.39 4.88
CA HIS C 174 -24.16 -30.09 3.91
C HIS C 174 -24.61 -31.43 4.47
N VAL C 175 -25.82 -31.84 4.09
CA VAL C 175 -26.27 -33.22 4.26
C VAL C 175 -26.28 -33.87 2.89
N LEU C 176 -25.60 -35.00 2.77
CA LEU C 176 -25.49 -35.71 1.50
C LEU C 176 -26.61 -36.74 1.46
N LEU C 177 -27.76 -36.34 0.92
CA LEU C 177 -28.97 -37.15 0.94
C LEU C 177 -29.09 -37.93 -0.36
N ARG C 178 -30.16 -38.72 -0.46
CA ARG C 178 -30.41 -39.52 -1.65
C ARG C 178 -30.83 -38.67 -2.85
N GLN C 179 -31.58 -37.60 -2.63
CA GLN C 179 -32.05 -36.76 -3.71
C GLN C 179 -31.07 -35.64 -4.07
N GLY C 180 -30.02 -35.46 -3.29
CA GLY C 180 -29.06 -34.40 -3.54
C GLY C 180 -28.52 -33.88 -2.24
N VAL C 181 -28.01 -32.65 -2.28
CA VAL C 181 -27.35 -32.04 -1.13
C VAL C 181 -28.31 -31.07 -0.47
N LEU C 182 -28.39 -31.15 0.86
CA LEU C 182 -29.20 -30.25 1.67
C LEU C 182 -28.28 -29.34 2.47
N GLY C 183 -28.58 -28.04 2.47
CA GLY C 183 -27.77 -27.04 3.13
C GLY C 183 -28.32 -26.66 4.48
N ILE C 184 -27.42 -26.42 5.43
CA ILE C 184 -27.78 -26.05 6.79
C ILE C 184 -26.93 -24.85 7.19
N LYS C 185 -27.57 -23.71 7.38
CA LYS C 185 -26.93 -22.55 7.96
C LYS C 185 -27.49 -22.33 9.36
N VAL C 186 -26.64 -22.47 10.37
CA VAL C 186 -27.03 -22.24 11.76
C VAL C 186 -26.29 -21.02 12.25
N LYS C 187 -27.05 -19.98 12.63
CA LYS C 187 -26.50 -18.76 13.21
C LYS C 187 -27.02 -18.62 14.62
N ILE C 188 -26.10 -18.67 15.59
CA ILE C 188 -26.44 -18.55 17.01
C ILE C 188 -25.93 -17.21 17.51
N MET C 189 -26.84 -16.38 18.04
CA MET C 189 -26.45 -15.10 18.59
C MET C 189 -26.17 -15.24 20.07
N LEU C 190 -24.98 -14.85 20.49
CA LEU C 190 -24.55 -15.03 21.86
C LEU C 190 -24.96 -13.85 22.73
N ASP C 191 -25.00 -14.08 24.03
CA ASP C 191 -25.28 -13.05 25.02
C ASP C 191 -23.97 -12.50 25.56
N TRP C 192 -24.04 -11.25 26.05
CA TRP C 192 -22.84 -10.59 26.54
C TRP C 192 -22.46 -11.18 27.90
N ASP C 193 -21.30 -11.85 27.95
CA ASP C 193 -20.83 -12.46 29.18
C ASP C 193 -19.76 -11.59 29.79
N PRO C 194 -19.98 -11.04 30.99
CA PRO C 194 -18.91 -10.25 31.63
C PRO C 194 -17.63 -11.03 31.84
N LYS C 195 -17.74 -12.33 32.10
CA LYS C 195 -16.57 -13.19 32.28
C LYS C 195 -16.01 -13.70 30.97
N GLY C 196 -16.69 -13.46 29.85
CA GLY C 196 -16.22 -13.84 28.54
C GLY C 196 -16.05 -15.34 28.34
N LYS C 197 -17.03 -16.13 28.79
CA LYS C 197 -17.00 -17.57 28.59
C LYS C 197 -18.16 -18.02 27.72
N LEU C 198 -19.38 -17.64 28.10
CA LEU C 198 -20.55 -18.03 27.32
C LEU C 198 -20.67 -17.23 26.03
N GLY C 199 -20.23 -15.96 26.06
CA GLY C 199 -20.30 -15.12 24.89
C GLY C 199 -19.30 -13.98 24.95
N PRO C 200 -19.55 -12.95 24.14
CA PRO C 200 -18.63 -11.80 24.11
C PRO C 200 -18.55 -11.11 25.46
N THR C 201 -17.39 -10.50 25.72
CA THR C 201 -17.22 -9.67 26.90
C THR C 201 -17.56 -8.21 26.65
N THR C 202 -17.59 -7.77 25.40
CA THR C 202 -17.91 -6.40 25.07
C THR C 202 -19.41 -6.25 24.84
N PRO C 203 -20.10 -5.40 25.57
CA PRO C 203 -21.53 -5.18 25.30
C PRO C 203 -21.75 -4.58 23.93
N LEU C 204 -22.95 -4.80 23.38
CA LEU C 204 -23.32 -4.27 22.07
C LEU C 204 -23.21 -2.75 22.10
N PRO C 205 -22.71 -2.14 21.01
CA PRO C 205 -22.39 -0.70 21.08
C PRO C 205 -23.58 0.18 21.40
N ASP C 206 -24.76 -0.16 20.89
CA ASP C 206 -25.95 0.65 21.11
C ASP C 206 -26.53 0.49 22.50
N LEU C 207 -26.09 -0.51 23.27
CA LEU C 207 -26.67 -0.79 24.57
C LEU C 207 -26.16 0.22 25.59
N VAL C 208 -27.08 0.94 26.22
CA VAL C 208 -26.74 1.98 27.19
C VAL C 208 -27.37 1.63 28.53
N THR C 209 -26.56 1.69 29.59
CA THR C 209 -27.02 1.40 30.94
C THR C 209 -26.83 2.65 31.79
N ILE C 210 -27.90 3.08 32.46
CA ILE C 210 -27.88 4.24 33.33
C ILE C 210 -27.95 3.72 34.76
N HIS C 211 -26.97 4.09 35.58
CA HIS C 211 -26.99 3.71 36.98
C HIS C 211 -28.18 4.39 37.67
N PRO C 212 -28.98 3.64 38.43
CA PRO C 212 -30.08 4.27 39.16
C PRO C 212 -29.56 5.13 40.30
N PRO C 213 -30.04 6.38 40.42
CA PRO C 213 -29.69 7.34 41.47
C PRO C 213 -29.65 6.73 42.87
N GLY D 10 1.67 48.78 -0.12
CA GLY D 10 2.22 48.18 -1.36
C GLY D 10 3.21 47.06 -1.04
N ASP D 11 3.07 46.44 0.13
CA ASP D 11 3.98 45.33 0.53
C ASP D 11 3.69 44.10 -0.32
N VAL D 12 2.41 43.75 -0.47
CA VAL D 12 2.03 42.59 -1.32
C VAL D 12 1.83 43.06 -2.77
N LYS D 13 2.63 42.54 -3.70
CA LYS D 13 2.47 42.87 -5.13
C LYS D 13 2.44 41.56 -5.92
N LEU D 14 1.63 41.48 -6.98
CA LEU D 14 1.59 40.26 -7.81
C LEU D 14 2.95 40.04 -8.45
N PHE D 15 3.56 38.87 -8.23
CA PHE D 15 4.90 38.59 -8.74
C PHE D 15 5.94 39.57 -8.20
N ASN D 16 5.60 40.24 -7.10
CA ASN D 16 6.44 41.27 -6.49
C ASN D 16 6.82 42.34 -7.52
N ARG D 17 5.91 42.58 -8.46
CA ARG D 17 6.21 43.49 -9.56
C ARG D 17 5.03 44.38 -9.91
N TRP D 18 3.87 44.17 -9.27
CA TRP D 18 2.67 44.86 -9.69
C TRP D 18 1.76 45.14 -8.51
N THR D 19 1.32 46.39 -8.40
CA THR D 19 0.62 46.87 -7.22
C THR D 19 -0.86 46.56 -7.28
N PHE D 20 -1.47 46.35 -6.11
CA PHE D 20 -2.89 46.11 -5.97
C PHE D 20 -3.69 47.35 -5.58
N GLU D 21 -3.06 48.34 -4.95
CA GLU D 21 -3.80 49.41 -4.31
C GLU D 21 -4.56 50.27 -5.31
N ASP D 22 -4.02 50.43 -6.52
CA ASP D 22 -4.58 51.34 -7.51
C ASP D 22 -5.48 50.63 -8.51
N VAL D 23 -6.17 49.58 -8.09
CA VAL D 23 -7.11 48.86 -8.95
C VAL D 23 -8.51 49.33 -8.63
N GLN D 24 -9.22 49.83 -9.64
CA GLN D 24 -10.56 50.38 -9.49
C GLN D 24 -11.54 49.43 -10.17
N VAL D 25 -12.34 48.74 -9.38
CA VAL D 25 -13.38 47.85 -9.90
C VAL D 25 -14.62 48.70 -10.13
N SER D 26 -14.89 49.05 -11.39
CA SER D 26 -15.90 50.05 -11.71
C SER D 26 -17.30 49.57 -11.32
N ASP D 27 -17.68 48.37 -11.75
CA ASP D 27 -19.05 47.92 -11.55
C ASP D 27 -19.33 47.64 -10.08
N ILE D 28 -20.38 48.29 -9.57
CA ILE D 28 -20.81 48.03 -8.19
C ILE D 28 -21.41 46.63 -8.08
N SER D 29 -22.14 46.19 -9.11
CA SER D 29 -22.70 44.85 -9.14
C SER D 29 -21.60 43.81 -9.07
N LEU D 30 -20.60 43.94 -9.95
CA LEU D 30 -19.44 43.06 -9.96
C LEU D 30 -18.35 43.71 -9.11
N ASN D 31 -18.55 43.69 -7.79
CA ASN D 31 -17.52 44.22 -6.89
C ASN D 31 -17.18 43.22 -5.81
N ASP D 32 -18.18 42.52 -5.29
CA ASP D 32 -17.96 41.51 -4.27
C ASP D 32 -17.62 40.15 -4.85
N TYR D 33 -17.60 40.02 -6.17
CA TYR D 33 -17.30 38.76 -6.84
C TYR D 33 -16.03 38.84 -7.69
N LEU D 34 -15.31 39.95 -7.62
CA LEU D 34 -13.91 40.00 -8.06
C LEU D 34 -13.07 40.35 -6.84
N ALA D 35 -12.18 39.45 -6.46
CA ALA D 35 -11.39 39.61 -5.24
C ALA D 35 -10.07 40.31 -5.54
N VAL D 36 -10.14 41.62 -5.78
CA VAL D 36 -8.93 42.40 -6.10
C VAL D 36 -8.81 43.57 -5.12
N THR D 37 -9.90 44.26 -4.82
CA THR D 37 -9.84 45.49 -4.01
C THR D 37 -9.45 45.26 -2.55
N SER D 38 -10.10 44.35 -1.84
CA SER D 38 -9.80 44.24 -0.39
C SER D 38 -8.36 43.79 -0.15
N MET D 39 -7.74 44.26 0.91
CA MET D 39 -6.32 43.91 1.23
C MET D 39 -6.21 42.44 1.55
N LYS D 40 -7.33 41.81 1.90
CA LYS D 40 -7.33 40.38 2.25
C LYS D 40 -7.22 39.56 0.97
N HIS D 41 -7.40 40.21 -0.18
CA HIS D 41 -7.41 39.47 -1.44
C HIS D 41 -6.16 39.81 -2.24
N TYR D 42 -5.20 40.45 -1.60
CA TYR D 42 -3.90 40.76 -2.25
C TYR D 42 -2.94 39.59 -2.02
N THR D 43 -2.34 39.04 -3.06
CA THR D 43 -1.47 37.87 -3.02
C THR D 43 -0.24 38.12 -3.86
N PHE D 44 0.87 37.49 -3.47
CA PHE D 44 2.10 37.56 -4.25
C PHE D 44 2.01 36.73 -5.52
N LEU D 45 1.31 35.59 -5.45
CA LEU D 45 1.32 34.62 -6.52
C LEU D 45 -0.09 34.15 -6.84
N PRO D 46 -0.40 33.92 -8.13
CA PRO D 46 -1.72 33.36 -8.46
C PRO D 46 -1.79 31.86 -8.21
N HIS D 47 -1.35 31.46 -7.02
CA HIS D 47 -1.27 30.05 -6.64
C HIS D 47 -1.50 29.97 -5.14
N SER D 48 -2.57 29.33 -4.72
CA SER D 48 -2.91 29.27 -3.31
C SER D 48 -3.22 27.88 -2.78
N ALA D 49 -3.58 26.92 -3.64
CA ALA D 49 -4.05 25.61 -3.21
C ALA D 49 -5.19 25.77 -2.20
N GLY D 50 -6.09 26.71 -2.48
CA GLY D 50 -7.16 27.03 -1.56
C GLY D 50 -8.36 26.14 -1.72
N ARG D 51 -9.13 26.02 -0.64
CA ARG D 51 -10.34 25.21 -0.62
C ARG D 51 -11.56 26.11 -0.86
N TYR D 52 -11.63 26.62 -2.08
CA TYR D 52 -12.68 27.56 -2.48
C TYR D 52 -13.86 26.86 -3.14
N SER D 53 -14.11 25.61 -2.78
CA SER D 53 -15.23 24.89 -3.37
C SER D 53 -16.09 24.17 -2.35
N ALA D 54 -15.76 24.22 -1.06
CA ALA D 54 -16.59 23.53 -0.06
C ALA D 54 -17.97 24.15 0.03
N LYS D 55 -18.07 25.47 -0.04
CA LYS D 55 -19.33 26.17 0.07
C LYS D 55 -19.71 26.83 -1.25
N ARG D 56 -20.98 27.24 -1.33
CA ARG D 56 -21.54 27.70 -2.60
C ARG D 56 -20.90 29.01 -3.07
N PHE D 57 -20.68 29.95 -2.16
CA PHE D 57 -20.20 31.28 -2.55
C PHE D 57 -18.82 31.56 -1.97
N ARG D 58 -17.94 30.56 -1.97
CA ARG D 58 -16.58 30.75 -1.49
C ARG D 58 -15.59 31.00 -2.60
N LYS D 59 -15.88 30.56 -3.83
CA LYS D 59 -15.03 30.89 -4.96
C LYS D 59 -15.06 32.37 -5.30
N ALA D 60 -16.04 33.11 -4.76
CA ALA D 60 -16.06 34.56 -4.94
C ALA D 60 -14.98 35.25 -4.13
N GLN D 61 -14.59 34.68 -2.99
CA GLN D 61 -13.54 35.24 -2.14
C GLN D 61 -12.16 34.71 -2.51
N CYS D 62 -12.01 34.16 -3.70
CA CYS D 62 -10.75 33.70 -4.25
C CYS D 62 -10.16 34.77 -5.15
N PRO D 63 -8.85 35.04 -5.08
CA PRO D 63 -8.27 36.11 -5.90
C PRO D 63 -8.57 35.91 -7.38
N ILE D 64 -8.88 37.02 -8.07
CA ILE D 64 -9.36 36.95 -9.43
C ILE D 64 -8.28 36.50 -10.41
N ILE D 65 -7.01 36.85 -10.16
CA ILE D 65 -5.94 36.35 -11.01
C ILE D 65 -5.83 34.84 -10.90
N GLU D 66 -6.03 34.29 -9.70
CA GLU D 66 -6.03 32.84 -9.54
C GLU D 66 -7.19 32.20 -10.29
N ARG D 67 -8.37 32.85 -10.27
CA ARG D 67 -9.49 32.31 -11.03
C ARG D 67 -9.23 32.35 -12.53
N LEU D 68 -8.51 33.37 -13.00
CA LEU D 68 -8.08 33.39 -14.40
C LEU D 68 -7.06 32.29 -14.68
N THR D 69 -6.16 32.05 -13.73
CA THR D 69 -5.12 31.05 -13.91
C THR D 69 -5.71 29.64 -13.97
N ASN D 70 -6.69 29.35 -13.12
CA ASN D 70 -7.27 28.01 -13.07
C ASN D 70 -7.97 27.63 -14.36
N SER D 71 -8.48 28.60 -15.12
CA SER D 71 -9.15 28.31 -16.38
C SER D 71 -8.17 28.04 -17.51
N LEU D 72 -6.87 28.24 -17.29
CA LEU D 72 -5.86 27.89 -18.28
C LEU D 72 -5.48 26.41 -18.24
N MET D 73 -5.88 25.68 -17.22
CA MET D 73 -5.53 24.26 -17.08
C MET D 73 -6.50 23.41 -17.89
N MET D 74 -6.63 23.76 -19.18
CA MET D 74 -7.50 23.07 -20.11
C MET D 74 -6.82 23.06 -21.46
N HIS D 75 -7.00 22.00 -22.23
CA HIS D 75 -7.83 20.85 -21.88
C HIS D 75 -7.06 19.77 -21.14
N GLY D 76 -7.64 18.56 -21.09
CA GLY D 76 -7.07 17.46 -20.32
C GLY D 76 -5.56 17.34 -20.43
N ARG D 77 -4.99 17.65 -21.59
CA ARG D 77 -3.55 17.63 -21.74
C ARG D 77 -2.85 18.67 -20.87
N ASN D 78 -3.57 19.71 -20.44
CA ASN D 78 -3.01 20.72 -19.54
C ASN D 78 -3.59 20.63 -18.13
N ASN D 79 -4.35 19.58 -17.83
CA ASN D 79 -5.00 19.48 -16.53
C ASN D 79 -3.97 19.29 -15.43
N GLY D 80 -4.14 20.05 -14.34
CA GLY D 80 -3.24 19.99 -13.21
C GLY D 80 -1.94 20.76 -13.36
N LYS D 81 -1.65 21.29 -14.54
CA LYS D 81 -0.38 21.99 -14.79
C LYS D 81 -0.54 23.48 -14.47
N LYS D 82 -0.57 23.76 -13.17
CA LYS D 82 -0.82 25.10 -12.67
C LYS D 82 0.42 25.97 -12.60
N ILE D 83 1.61 25.39 -12.47
CA ILE D 83 2.83 26.19 -12.51
C ILE D 83 3.07 26.77 -13.90
N MET D 84 2.87 25.97 -14.94
CA MET D 84 2.86 26.46 -16.31
C MET D 84 1.78 27.52 -16.55
N ALA D 85 0.62 27.37 -15.93
CA ALA D 85 -0.44 28.38 -16.03
C ALA D 85 -0.02 29.69 -15.37
N VAL D 86 0.61 29.62 -14.19
CA VAL D 86 1.15 30.80 -13.54
C VAL D 86 2.24 31.46 -14.36
N ARG D 87 3.09 30.68 -15.02
CA ARG D 87 4.07 31.23 -15.94
C ARG D 87 3.42 31.95 -17.13
N ILE D 88 2.36 31.36 -17.69
CA ILE D 88 1.61 32.04 -18.74
C ILE D 88 1.03 33.35 -18.23
N ILE D 89 0.50 33.35 -17.00
CA ILE D 89 -0.07 34.57 -16.44
C ILE D 89 0.98 35.65 -16.30
N LYS D 90 2.18 35.29 -15.80
CA LYS D 90 3.25 36.27 -15.65
C LYS D 90 3.68 36.83 -17.00
N HIS D 91 3.90 35.96 -17.98
CA HIS D 91 4.31 36.41 -19.31
C HIS D 91 3.21 37.17 -20.04
N THR D 92 1.95 36.96 -19.67
CA THR D 92 0.83 37.73 -20.21
C THR D 92 0.74 39.11 -19.56
N MET D 93 0.93 39.17 -18.25
CA MET D 93 0.89 40.42 -17.50
C MET D 93 2.06 41.33 -17.84
N GLU D 94 3.20 40.78 -18.27
CA GLU D 94 4.28 41.62 -18.78
C GLU D 94 4.00 42.19 -20.15
N ILE D 95 3.43 41.38 -21.06
CA ILE D 95 3.04 41.89 -22.37
C ILE D 95 1.96 42.95 -22.24
N ILE D 96 1.02 42.76 -21.31
CA ILE D 96 -0.04 43.75 -21.09
C ILE D 96 0.57 45.08 -20.65
N HIS D 97 1.50 45.03 -19.70
CA HIS D 97 2.18 46.26 -19.27
C HIS D 97 2.99 46.87 -20.40
N LEU D 98 3.53 46.05 -21.29
CA LEU D 98 4.32 46.60 -22.39
C LEU D 98 3.43 47.32 -23.39
N LEU D 99 2.30 46.71 -23.77
CA LEU D 99 1.45 47.23 -24.82
C LEU D 99 0.41 48.24 -24.34
N THR D 100 0.26 48.43 -23.02
CA THR D 100 -0.74 49.37 -22.53
C THR D 100 -0.12 50.39 -21.59
N ASP D 101 1.06 50.06 -21.06
CA ASP D 101 1.80 50.90 -20.13
C ASP D 101 1.03 51.18 -18.85
N ALA D 102 -0.02 50.40 -18.59
CA ALA D 102 -0.85 50.54 -17.39
C ALA D 102 -0.64 49.32 -16.50
N ASN D 103 -1.29 49.34 -15.35
CA ASN D 103 -1.22 48.21 -14.44
C ASN D 103 -1.98 47.03 -15.05
N PRO D 104 -1.33 45.87 -15.21
CA PRO D 104 -2.02 44.73 -15.84
C PRO D 104 -3.21 44.22 -15.04
N ILE D 105 -3.24 44.41 -13.72
CA ILE D 105 -4.39 43.97 -12.94
C ILE D 105 -5.63 44.78 -13.30
N GLN D 106 -5.47 46.09 -13.54
CA GLN D 106 -6.60 46.90 -13.97
C GLN D 106 -7.09 46.52 -15.36
N ILE D 107 -6.17 46.21 -16.28
CA ILE D 107 -6.57 45.73 -17.59
C ILE D 107 -7.34 44.43 -17.46
N ILE D 108 -6.88 43.53 -16.59
CA ILE D 108 -7.57 42.25 -16.41
C ILE D 108 -8.96 42.44 -15.80
N VAL D 109 -9.10 43.30 -14.79
CA VAL D 109 -10.42 43.48 -14.20
C VAL D 109 -11.35 44.18 -15.17
N ASP D 110 -10.83 45.11 -15.98
CA ASP D 110 -11.65 45.74 -17.01
C ASP D 110 -12.11 44.72 -18.04
N ALA D 111 -11.22 43.82 -18.45
CA ALA D 111 -11.60 42.79 -19.40
C ALA D 111 -12.66 41.85 -18.83
N ILE D 112 -12.52 41.47 -17.55
CA ILE D 112 -13.51 40.61 -16.92
C ILE D 112 -14.83 41.33 -16.70
N ILE D 113 -14.82 42.65 -16.55
CA ILE D 113 -16.04 43.44 -16.45
C ILE D 113 -16.73 43.59 -17.80
N ASN D 114 -15.96 43.87 -18.86
CA ASN D 114 -16.52 44.07 -20.19
C ASN D 114 -16.70 42.76 -20.95
N SER D 115 -16.74 41.63 -20.25
CA SER D 115 -16.92 40.33 -20.91
C SER D 115 -18.04 39.49 -20.33
N GLY D 116 -18.41 39.67 -19.07
CA GLY D 116 -19.48 38.89 -18.48
C GLY D 116 -20.84 39.30 -18.98
N PRO D 117 -21.55 38.38 -19.63
CA PRO D 117 -22.91 38.68 -20.07
C PRO D 117 -23.83 38.94 -18.88
N ARG D 118 -24.74 39.89 -19.07
CA ARG D 118 -25.65 40.28 -18.01
C ARG D 118 -27.05 39.69 -18.13
N GLU D 119 -27.44 39.25 -19.32
CA GLU D 119 -28.76 38.67 -19.56
C GLU D 119 -28.63 37.47 -20.49
N ASP D 120 -29.43 36.43 -20.20
CA ASP D 120 -29.41 35.21 -20.98
C ASP D 120 -30.82 34.69 -21.15
N ALA D 121 -30.98 33.70 -22.03
CA ALA D 121 -32.27 33.11 -22.34
C ALA D 121 -32.26 31.64 -21.90
N THR D 122 -32.94 31.34 -20.80
CA THR D 122 -33.08 29.97 -20.34
C THR D 122 -34.30 29.30 -20.96
N ARG D 123 -34.66 28.12 -20.46
CA ARG D 123 -35.78 27.34 -20.98
C ARG D 123 -35.66 27.12 -22.49
N ARG D 132 -38.13 30.20 -23.96
CA ARG D 132 -36.91 30.97 -24.20
C ARG D 132 -36.97 32.34 -23.53
N GLN D 133 -37.44 32.38 -22.30
CA GLN D 133 -37.56 33.62 -21.56
C GLN D 133 -36.18 34.22 -21.28
N ALA D 134 -36.03 35.53 -21.40
CA ALA D 134 -34.70 36.11 -21.21
C ALA D 134 -34.52 36.33 -19.72
N VAL D 135 -33.46 35.79 -19.14
CA VAL D 135 -33.23 35.94 -17.67
C VAL D 135 -31.95 36.75 -17.49
N ASP D 136 -31.81 37.34 -16.33
CA ASP D 136 -30.61 38.14 -16.03
C ASP D 136 -29.58 37.28 -15.28
N ILE D 137 -28.32 37.49 -15.59
CA ILE D 137 -27.24 36.70 -14.96
C ILE D 137 -26.85 37.31 -13.62
N SER D 138 -26.61 36.48 -12.61
CA SER D 138 -26.10 36.84 -11.31
C SER D 138 -24.64 37.25 -11.44
N PRO D 139 -24.15 38.07 -10.51
CA PRO D 139 -22.74 38.51 -10.59
C PRO D 139 -21.73 37.38 -10.62
N LEU D 140 -21.95 36.32 -9.85
CA LEU D 140 -21.00 35.21 -9.81
C LEU D 140 -20.95 34.47 -11.15
N ARG D 141 -22.11 34.11 -11.70
CA ARG D 141 -22.11 33.53 -13.03
C ARG D 141 -21.59 34.51 -14.06
N ARG D 142 -21.77 35.81 -13.84
CA ARG D 142 -21.23 36.81 -14.75
C ARG D 142 -19.71 36.74 -14.82
N VAL D 143 -19.04 36.73 -13.66
CA VAL D 143 -17.58 36.68 -13.66
C VAL D 143 -17.10 35.32 -14.15
N ASN D 144 -17.81 34.24 -13.80
CA ASN D 144 -17.45 32.92 -14.30
C ASN D 144 -17.48 32.88 -15.81
N GLN D 145 -18.56 33.39 -16.41
CA GLN D 145 -18.68 33.42 -17.86
C GLN D 145 -17.63 34.31 -18.49
N ALA D 146 -17.33 35.45 -17.88
CA ALA D 146 -16.29 36.33 -18.40
C ALA D 146 -14.95 35.61 -18.47
N ILE D 147 -14.55 34.97 -17.37
CA ILE D 147 -13.28 34.25 -17.33
C ILE D 147 -13.29 33.10 -18.34
N TYR D 148 -14.39 32.35 -18.39
CA TYR D 148 -14.46 31.21 -19.30
C TYR D 148 -14.31 31.66 -20.74
N LEU D 149 -15.03 32.72 -21.14
CA LEU D 149 -14.91 33.23 -22.50
C LEU D 149 -13.52 33.77 -22.79
N LEU D 150 -12.91 34.49 -21.85
CA LEU D 150 -11.58 35.04 -22.08
C LEU D 150 -10.56 33.95 -22.33
N THR D 151 -10.48 32.96 -21.42
CA THR D 151 -9.48 31.90 -21.58
C THR D 151 -9.82 30.99 -22.76
N THR D 152 -11.11 30.76 -23.03
CA THR D 152 -11.47 29.94 -24.18
C THR D 152 -11.04 30.61 -25.48
N GLY D 153 -11.27 31.92 -25.61
CA GLY D 153 -10.82 32.63 -26.78
C GLY D 153 -9.32 32.65 -26.94
N ALA D 154 -8.59 32.88 -25.84
CA ALA D 154 -7.13 32.84 -25.92
C ALA D 154 -6.63 31.47 -26.34
N ARG D 155 -7.20 30.41 -25.76
CA ARG D 155 -6.76 29.06 -26.07
C ARG D 155 -7.05 28.70 -27.53
N GLU D 156 -8.24 29.06 -28.02
CA GLU D 156 -8.56 28.78 -29.42
C GLU D 156 -7.72 29.63 -30.36
N SER D 157 -7.32 30.83 -29.94
CA SER D 157 -6.38 31.62 -30.74
C SER D 157 -5.02 30.97 -30.79
N ALA D 158 -4.58 30.35 -29.68
CA ALA D 158 -3.25 29.78 -29.63
C ALA D 158 -3.16 28.44 -30.36
N PHE D 159 -4.24 27.68 -30.40
CA PHE D 159 -4.22 26.34 -30.99
C PHE D 159 -3.76 26.37 -32.43
N ARG D 160 -2.78 25.51 -32.74
CA ARG D 160 -2.22 25.38 -34.08
C ARG D 160 -1.74 26.72 -34.63
N ASN D 161 -1.13 27.53 -33.78
CA ASN D 161 -0.69 28.87 -34.14
C ASN D 161 0.70 29.11 -33.59
N VAL D 162 1.50 29.85 -34.36
CA VAL D 162 2.85 30.21 -33.91
C VAL D 162 2.77 31.09 -32.67
N LYS D 163 1.75 31.94 -32.59
CA LYS D 163 1.56 32.80 -31.44
C LYS D 163 1.45 32.01 -30.15
N THR D 164 2.16 32.46 -29.12
CA THR D 164 2.19 31.79 -27.83
C THR D 164 0.86 32.01 -27.10
N ILE D 165 0.50 31.07 -26.24
CA ILE D 165 -0.70 31.21 -25.43
C ILE D 165 -0.65 32.45 -24.55
N ALA D 166 0.52 32.85 -24.08
CA ALA D 166 0.66 34.09 -23.33
C ALA D 166 0.38 35.32 -24.16
N GLU D 167 0.90 35.38 -25.38
CA GLU D 167 0.61 36.48 -26.28
C GLU D 167 -0.85 36.53 -26.71
N CYS D 168 -1.44 35.38 -27.01
CA CYS D 168 -2.87 35.33 -27.34
C CYS D 168 -3.72 35.77 -26.16
N LEU D 169 -3.38 35.34 -24.96
CA LEU D 169 -4.08 35.79 -23.76
C LEU D 169 -3.93 37.29 -23.56
N ALA D 170 -2.74 37.83 -23.78
CA ALA D 170 -2.54 39.27 -23.65
C ALA D 170 -3.38 40.04 -24.66
N ASP D 171 -3.37 39.61 -25.92
CA ASP D 171 -4.16 40.29 -26.94
C ASP D 171 -5.65 40.22 -26.63
N GLU D 172 -6.12 39.04 -26.22
CA GLU D 172 -7.54 38.89 -25.90
C GLU D 172 -7.93 39.76 -24.73
N LEU D 173 -7.11 39.79 -23.67
CA LEU D 173 -7.40 40.62 -22.51
C LEU D 173 -7.38 42.10 -22.86
N ILE D 174 -6.42 42.53 -23.69
CA ILE D 174 -6.33 43.94 -24.06
C ILE D 174 -7.53 44.35 -24.89
N ASN D 175 -7.94 43.52 -25.85
CA ASN D 175 -9.12 43.85 -26.65
C ASN D 175 -10.41 43.78 -25.86
N ALA D 176 -10.49 42.93 -24.83
CA ALA D 176 -11.67 42.90 -23.99
C ALA D 176 -11.72 44.06 -23.00
N ALA D 177 -10.57 44.58 -22.58
CA ALA D 177 -10.56 45.72 -21.68
C ALA D 177 -11.04 46.99 -22.38
N LYS D 178 -10.68 47.17 -23.64
CA LYS D 178 -11.14 48.34 -24.39
C LYS D 178 -12.64 48.26 -24.65
N GLY D 179 -13.17 47.05 -24.85
CA GLY D 179 -14.52 46.86 -25.33
C GLY D 179 -14.62 46.58 -26.81
N SER D 180 -13.49 46.40 -27.50
CA SER D 180 -13.50 46.17 -28.93
C SER D 180 -14.14 44.83 -29.27
N SER D 181 -14.86 44.80 -30.38
CA SER D 181 -15.47 43.58 -30.89
C SER D 181 -14.48 42.69 -31.64
N ASN D 182 -13.18 42.94 -31.48
CA ASN D 182 -12.14 42.10 -32.03
C ASN D 182 -11.68 41.02 -31.05
N SER D 183 -12.33 40.93 -29.90
CA SER D 183 -12.01 39.92 -28.89
C SER D 183 -13.11 38.86 -28.89
N TYR D 184 -12.70 37.59 -28.97
CA TYR D 184 -13.66 36.50 -29.05
C TYR D 184 -14.68 36.57 -27.91
N ALA D 185 -14.23 36.94 -26.71
CA ALA D 185 -15.13 37.01 -25.56
C ALA D 185 -16.22 38.03 -25.80
N ILE D 186 -15.87 39.22 -26.26
CA ILE D 186 -16.85 40.32 -26.47
C ILE D 186 -17.81 39.97 -27.61
N LYS D 187 -17.31 39.45 -28.72
CA LYS D 187 -18.22 38.98 -29.78
C LYS D 187 -19.20 37.98 -29.19
N LYS D 188 -18.73 37.05 -28.37
CA LYS D 188 -19.60 35.98 -27.85
C LYS D 188 -20.55 36.57 -26.82
N LYS D 189 -20.09 37.48 -25.96
CA LYS D 189 -21.01 38.15 -25.01
C LYS D 189 -22.13 38.78 -25.82
N ASP D 190 -21.77 39.44 -26.90
CA ASP D 190 -22.79 40.12 -27.74
C ASP D 190 -23.77 39.07 -28.26
N GLU D 191 -23.31 38.01 -28.91
CA GLU D 191 -24.29 36.98 -29.34
C GLU D 191 -25.18 36.55 -28.20
N ILE D 192 -24.60 36.18 -27.07
CA ILE D 192 -25.41 35.64 -25.94
C ILE D 192 -26.51 36.63 -25.57
N GLU D 193 -26.15 37.88 -25.29
CA GLU D 193 -27.15 38.87 -24.85
C GLU D 193 -28.17 39.15 -25.97
N ARG D 194 -27.74 39.18 -27.22
CA ARG D 194 -28.65 39.36 -28.37
C ARG D 194 -29.72 38.28 -28.34
N VAL D 195 -29.33 37.01 -28.20
CA VAL D 195 -30.37 35.94 -28.27
C VAL D 195 -31.35 36.15 -27.11
N ALA D 196 -30.94 36.82 -26.06
CA ALA D 196 -31.84 37.19 -24.98
C ALA D 196 -32.56 38.51 -25.24
N LYS D 197 -32.24 39.20 -26.33
CA LYS D 197 -33.05 40.31 -26.81
C LYS D 197 -34.05 39.85 -27.87
N ALA D 198 -33.62 38.99 -28.80
CA ALA D 198 -34.54 38.41 -29.77
C ALA D 198 -35.64 37.62 -29.08
N ASN D 199 -35.24 36.72 -28.18
CA ASN D 199 -36.18 35.96 -27.35
C ASN D 199 -36.45 36.63 -26.02
N ARG D 200 -36.89 37.89 -26.02
CA ARG D 200 -37.19 38.58 -24.78
C ARG D 200 -38.47 38.03 -24.15
N VAL E 4 11.12 36.23 36.11
CA VAL E 4 9.78 35.89 35.66
C VAL E 4 9.37 36.80 34.52
N LEU E 5 9.66 38.10 34.65
CA LEU E 5 9.30 39.07 33.64
C LEU E 5 10.53 39.54 32.87
N THR E 6 11.45 38.61 32.63
CA THR E 6 12.66 38.90 31.88
C THR E 6 12.75 37.93 30.71
N ARG E 7 13.27 38.41 29.58
CA ARG E 7 13.41 37.55 28.42
C ARG E 7 14.39 36.42 28.73
N PRO E 8 14.10 35.19 28.32
CA PRO E 8 15.06 34.11 28.48
C PRO E 8 16.17 34.19 27.45
N THR E 9 17.27 33.51 27.75
CA THR E 9 18.40 33.45 26.84
C THR E 9 17.95 32.81 25.53
N PRO E 10 18.19 33.44 24.39
CA PRO E 10 17.75 32.87 23.11
C PRO E 10 18.29 31.46 22.91
N GLY E 11 17.41 30.55 22.51
CA GLY E 11 17.73 29.14 22.39
C GLY E 11 17.34 28.61 21.03
N THR E 12 16.84 27.38 21.02
CA THR E 12 16.56 26.67 19.79
C THR E 12 15.12 26.17 19.78
N VAL E 13 14.48 26.27 18.62
CA VAL E 13 13.17 25.67 18.39
C VAL E 13 13.23 24.84 17.11
N GLN E 14 12.39 23.82 17.05
CA GLN E 14 12.25 22.97 15.87
C GLN E 14 10.78 22.83 15.54
N CYS E 15 10.38 23.27 14.36
CA CYS E 15 8.98 23.28 13.97
C CYS E 15 8.82 22.69 12.58
N PHE E 16 7.70 22.00 12.36
CA PHE E 16 7.44 21.33 11.09
C PHE E 16 6.20 21.91 10.42
N GLY E 17 6.16 21.78 9.09
CA GLY E 17 4.96 22.04 8.34
C GLY E 17 4.68 20.87 7.42
N ARG E 18 3.42 20.77 6.99
CA ARG E 18 3.00 19.63 6.19
C ARG E 18 2.10 20.08 5.05
N LYS E 19 2.24 19.42 3.90
CA LYS E 19 1.26 19.49 2.83
C LYS E 19 1.27 18.15 2.12
N LYS E 20 0.12 17.47 2.10
CA LYS E 20 -0.02 16.11 1.56
C LYS E 20 0.93 15.22 2.33
N THR E 21 1.91 14.57 1.70
CA THR E 21 2.85 13.72 2.42
C THR E 21 4.23 14.35 2.57
N ALA E 22 4.37 15.63 2.22
CA ALA E 22 5.64 16.32 2.41
C ALA E 22 5.71 16.90 3.83
N VAL E 23 6.89 16.76 4.44
CA VAL E 23 7.13 17.30 5.78
C VAL E 23 8.43 18.10 5.74
N ALA E 24 8.35 19.35 6.18
CA ALA E 24 9.52 20.22 6.29
C ALA E 24 9.69 20.64 7.74
N VAL E 25 10.89 20.44 8.28
CA VAL E 25 11.20 20.75 9.67
C VAL E 25 12.27 21.81 9.70
N ALA E 26 12.01 22.91 10.39
CA ALA E 26 12.93 24.03 10.46
C ALA E 26 13.61 24.05 11.84
N TYR E 27 14.93 23.99 11.85
CA TYR E 27 15.71 24.12 13.06
C TYR E 27 16.22 25.55 13.18
N CYS E 28 15.84 26.23 14.26
CA CYS E 28 16.19 27.63 14.48
C CYS E 28 17.13 27.73 15.66
N LYS E 29 18.24 28.44 15.48
CA LYS E 29 19.22 28.71 16.50
C LYS E 29 19.63 30.17 16.41
N PRO E 30 20.12 30.76 17.51
CA PRO E 30 20.56 32.15 17.45
C PRO E 30 21.70 32.32 16.45
N GLY E 31 21.55 33.30 15.56
CA GLY E 31 22.51 33.48 14.50
C GLY E 31 22.53 34.85 13.86
N ARG E 32 22.61 34.89 12.53
CA ARG E 32 22.84 36.13 11.79
C ARG E 32 21.84 36.29 10.65
N GLY E 33 20.81 35.45 10.63
CA GLY E 33 19.76 35.57 9.64
C GLY E 33 19.85 34.63 8.46
N LEU E 34 20.66 33.58 8.56
CA LEU E 34 20.79 32.59 7.49
C LEU E 34 19.54 31.71 7.44
N ILE E 35 19.04 31.48 6.23
CA ILE E 35 17.91 30.59 5.99
C ILE E 35 18.30 29.65 4.86
N LYS E 36 18.32 28.35 5.14
CA LYS E 36 18.67 27.35 4.14
C LYS E 36 17.69 26.19 4.17
N VAL E 37 17.52 25.55 3.02
CA VAL E 37 16.66 24.37 2.87
C VAL E 37 17.52 23.25 2.29
N ASN E 38 17.68 22.17 3.05
CA ASN E 38 18.54 21.04 2.66
C ASN E 38 19.95 21.51 2.31
N GLY E 39 20.47 22.47 3.07
CA GLY E 39 21.80 23.00 2.87
C GLY E 39 21.90 24.17 1.91
N ALA E 40 21.10 24.17 0.85
CA ALA E 40 21.10 25.27 -0.10
C ALA E 40 20.32 26.46 0.45
N PRO E 41 20.71 27.68 0.07
CA PRO E 41 19.95 28.87 0.50
C PRO E 41 18.56 28.88 -0.10
N ILE E 42 17.59 29.44 0.65
CA ILE E 42 16.20 29.43 0.21
C ILE E 42 16.03 30.24 -1.07
N GLU E 43 16.93 31.19 -1.32
CA GLU E 43 16.83 32.05 -2.48
C GLU E 43 17.10 31.27 -3.77
N LEU E 44 17.12 29.96 -3.62
CA LEU E 44 17.44 29.09 -4.77
C LEU E 44 16.40 27.97 -4.89
N ILE E 45 15.45 27.91 -3.96
CA ILE E 45 14.43 26.82 -3.92
C ILE E 45 13.71 26.73 -5.25
N ARG E 46 13.30 25.53 -5.65
CA ARG E 46 12.65 25.32 -6.94
C ARG E 46 11.38 24.49 -6.71
N PRO E 47 10.28 24.66 -7.47
CA PRO E 47 10.25 25.45 -8.71
C PRO E 47 10.46 26.94 -8.46
N GLU E 48 10.97 27.67 -9.44
CA GLU E 48 11.31 29.10 -9.25
C GLU E 48 10.07 29.97 -9.22
N MET E 49 9.05 29.59 -9.96
CA MET E 49 7.82 30.35 -10.03
C MET E 49 6.88 30.04 -8.86
N LEU E 50 7.29 29.14 -7.96
CA LEU E 50 6.70 29.02 -6.65
C LEU E 50 7.65 29.51 -5.56
N ARG E 51 8.75 30.16 -5.95
CA ARG E 51 9.72 30.64 -4.98
C ARG E 51 9.13 31.73 -4.08
N LEU E 52 8.33 32.63 -4.67
CA LEU E 52 7.66 33.64 -3.88
C LEU E 52 6.73 33.05 -2.83
N LYS E 53 6.16 31.88 -3.10
CA LYS E 53 5.31 31.22 -2.11
C LYS E 53 6.08 30.91 -0.84
N ALA E 54 7.28 30.35 -0.98
CA ALA E 54 8.12 30.10 0.19
C ALA E 54 8.70 31.38 0.77
N PHE E 55 8.89 32.41 -0.04
CA PHE E 55 9.38 33.69 0.49
C PHE E 55 8.31 34.49 1.23
N GLU E 56 7.03 34.16 1.05
CA GLU E 56 5.96 34.94 1.66
C GLU E 56 6.10 35.16 3.15
N PRO E 57 6.37 34.13 3.98
CA PRO E 57 6.53 34.41 5.42
C PRO E 57 7.66 35.40 5.73
N ILE E 58 8.77 35.32 5.01
CA ILE E 58 9.88 36.25 5.20
C ILE E 58 9.54 37.64 4.66
N LEU E 59 8.90 37.71 3.50
CA LEU E 59 8.54 39.00 2.93
C LEU E 59 7.50 39.72 3.78
N LEU E 60 6.71 38.97 4.57
CA LEU E 60 5.67 39.59 5.37
C LEU E 60 6.13 39.89 6.79
N ALA E 61 6.79 38.94 7.44
CA ALA E 61 7.36 39.22 8.75
C ALA E 61 8.55 40.16 8.66
N GLY E 62 9.05 40.42 7.45
CA GLY E 62 10.20 41.28 7.27
C GLY E 62 11.50 40.55 7.54
N ARG E 63 12.52 40.84 6.73
CA ARG E 63 13.83 40.22 6.95
C ARG E 63 14.47 40.68 8.25
N SER E 64 13.95 41.75 8.87
CA SER E 64 14.49 42.24 10.13
C SER E 64 14.10 41.34 11.31
N ARG E 65 12.98 40.63 11.20
CA ARG E 65 12.53 39.74 12.26
C ARG E 65 13.29 38.42 12.28
N PHE E 66 14.18 38.20 11.30
CA PHE E 66 14.93 36.97 11.19
C PHE E 66 16.41 37.14 11.52
N LYS E 67 16.83 38.33 11.96
CA LYS E 67 18.26 38.59 12.16
C LYS E 67 18.86 37.67 13.22
N ASP E 68 18.16 37.50 14.33
CA ASP E 68 18.73 36.80 15.48
C ASP E 68 18.57 35.29 15.40
N ILE E 69 18.09 34.74 14.28
CA ILE E 69 17.87 33.31 14.14
C ILE E 69 18.54 32.83 12.85
N ASP E 70 19.04 31.60 12.89
CA ASP E 70 19.48 30.86 11.70
C ASP E 70 18.50 29.72 11.44
N MET E 71 17.97 29.67 10.23
CA MET E 71 16.90 28.73 9.87
C MET E 71 17.50 27.64 8.99
N ARG E 72 17.54 26.41 9.51
CA ARG E 72 17.95 25.25 8.74
C ARG E 72 16.75 24.32 8.60
N ILE E 73 16.33 24.07 7.36
CA ILE E 73 15.09 23.36 7.08
C ILE E 73 15.41 22.08 6.32
N ARG E 74 14.90 20.96 6.82
CA ARG E 74 14.95 19.69 6.13
C ARG E 74 13.55 19.31 5.68
N VAL E 75 13.40 19.02 4.39
CA VAL E 75 12.10 18.68 3.82
C VAL E 75 12.21 17.35 3.09
N ARG E 76 11.24 16.48 3.31
CA ARG E 76 11.17 15.17 2.69
C ARG E 76 9.73 14.82 2.35
N GLY E 77 9.54 14.01 1.32
CA GLY E 77 8.23 13.53 0.94
C GLY E 77 7.53 14.43 -0.07
N GLY E 78 6.29 14.07 -0.34
CA GLY E 78 5.44 14.89 -1.20
C GLY E 78 5.99 15.05 -2.59
N GLY E 79 5.82 16.25 -3.14
CA GLY E 79 6.30 16.56 -4.47
C GLY E 79 7.02 17.88 -4.54
N LYS E 80 7.05 18.50 -5.71
CA LYS E 80 7.76 19.75 -5.88
C LYS E 80 6.94 20.98 -5.51
N THR E 81 5.64 20.82 -5.29
CA THR E 81 4.77 21.88 -4.82
C THR E 81 4.47 21.76 -3.32
N SER E 82 4.14 20.55 -2.88
CA SER E 82 3.85 20.33 -1.47
C SER E 82 5.07 20.55 -0.58
N GLN E 83 6.28 20.28 -1.08
CA GLN E 83 7.46 20.58 -0.30
C GLN E 83 7.64 22.07 -0.08
N ILE E 84 7.42 22.88 -1.10
CA ILE E 84 7.48 24.33 -0.94
C ILE E 84 6.39 24.83 0.00
N TYR E 85 5.17 24.32 -0.13
CA TYR E 85 4.11 24.71 0.79
C TYR E 85 4.36 24.25 2.22
N SER E 86 5.11 23.16 2.41
CA SER E 86 5.53 22.70 3.71
C SER E 86 6.64 23.56 4.30
N ILE E 87 7.59 24.00 3.48
CA ILE E 87 8.65 24.88 3.93
C ILE E 87 8.07 26.22 4.37
N ARG E 88 7.11 26.73 3.59
CA ARG E 88 6.36 27.92 3.97
C ARG E 88 5.86 27.84 5.41
N GLN E 89 5.06 26.81 5.71
CA GLN E 89 4.48 26.64 7.03
C GLN E 89 5.53 26.38 8.10
N ALA E 90 6.60 25.66 7.76
CA ALA E 90 7.68 25.45 8.73
C ALA E 90 8.34 26.76 9.11
N ILE E 91 8.63 27.64 8.14
CA ILE E 91 9.22 28.94 8.45
C ILE E 91 8.28 29.76 9.33
N ALA E 92 7.00 29.81 8.95
CA ALA E 92 6.06 30.63 9.71
C ALA E 92 5.91 30.12 11.14
N LYS E 93 5.71 28.81 11.31
CA LYS E 93 5.54 28.25 12.64
C LYS E 93 6.81 28.34 13.47
N SER E 94 7.98 28.20 12.84
CA SER E 94 9.24 28.37 13.55
C SER E 94 9.44 29.77 14.06
N LEU E 95 9.15 30.79 13.23
CA LEU E 95 9.23 32.15 13.74
C LEU E 95 8.22 32.41 14.85
N VAL E 96 7.00 31.91 14.72
CA VAL E 96 6.01 32.09 15.78
C VAL E 96 6.45 31.43 17.09
N ALA E 97 6.96 30.20 17.03
CA ALA E 97 7.40 29.53 18.25
C ALA E 97 8.64 30.18 18.84
N TYR E 98 9.57 30.65 18.01
CA TYR E 98 10.74 31.35 18.53
C TYR E 98 10.34 32.64 19.22
N TYR E 99 9.28 33.30 18.79
CA TYR E 99 8.94 34.59 19.42
C TYR E 99 8.16 34.32 20.70
N GLN E 100 7.65 33.12 20.83
CA GLN E 100 6.80 32.77 21.98
C GLN E 100 7.63 32.32 23.17
N LYS E 101 8.83 31.78 22.92
CA LYS E 101 9.66 31.24 24.03
C LYS E 101 10.80 32.18 24.39
N TYR E 102 11.25 33.03 23.46
CA TYR E 102 12.45 33.85 23.76
C TYR E 102 12.25 35.33 23.41
N VAL E 103 11.11 35.72 22.83
CA VAL E 103 10.95 37.13 22.36
C VAL E 103 9.60 37.71 22.80
N ASP E 104 9.04 37.27 23.94
CA ASP E 104 7.78 37.86 24.48
C ASP E 104 6.55 37.39 23.68
N GLU E 105 5.41 37.26 24.35
CA GLU E 105 4.17 36.77 23.70
C GLU E 105 3.54 37.82 22.79
N ALA E 106 3.68 39.11 23.12
CA ALA E 106 3.03 40.18 22.31
C ALA E 106 3.58 40.18 20.88
N ALA E 107 4.90 40.18 20.72
CA ALA E 107 5.50 40.15 19.39
C ALA E 107 5.08 38.90 18.63
N LYS E 108 4.97 37.80 19.34
CA LYS E 108 4.46 36.57 18.69
C LYS E 108 3.06 36.87 18.20
N LYS E 109 2.24 37.42 19.08
CA LYS E 109 0.85 37.68 18.72
C LYS E 109 0.76 38.54 17.47
N GLU E 110 1.60 39.57 17.38
CA GLU E 110 1.59 40.43 16.20
C GLU E 110 1.99 39.67 14.95
N VAL E 111 3.09 38.91 15.01
CA VAL E 111 3.55 38.20 13.81
C VAL E 111 2.55 37.11 13.43
N LYS E 112 1.94 36.45 14.42
CA LYS E 112 0.92 35.45 14.15
C LYS E 112 -0.32 36.07 13.54
N GLU E 113 -0.69 37.27 13.97
CA GLU E 113 -1.83 37.97 13.38
C GLU E 113 -1.55 38.33 11.93
N ILE E 114 -0.34 38.81 11.63
CA ILE E 114 0.00 39.09 10.23
C ILE E 114 -0.11 37.82 9.39
N PHE E 115 0.48 36.72 9.88
CA PHE E 115 0.45 35.46 9.15
C PHE E 115 -0.98 35.00 8.94
N GLY E 116 -1.82 35.12 9.97
CA GLY E 116 -3.21 34.69 9.86
C GLY E 116 -4.02 35.52 8.88
N ARG E 117 -3.87 36.85 8.94
CA ARG E 117 -4.60 37.68 7.98
C ARG E 117 -4.17 37.40 6.55
N TYR E 118 -2.91 37.05 6.33
CA TYR E 118 -2.55 36.69 4.96
C TYR E 118 -3.10 35.31 4.59
N ASP E 119 -2.74 34.28 5.34
CA ASP E 119 -3.16 32.93 5.01
C ASP E 119 -3.11 32.06 6.26
N ARG E 120 -4.22 31.37 6.54
CA ARG E 120 -4.22 30.40 7.64
C ARG E 120 -3.40 29.16 7.30
N THR E 121 -3.13 28.92 6.02
CA THR E 121 -2.29 27.79 5.64
C THR E 121 -0.84 27.99 6.10
N LEU E 122 -0.43 29.24 6.31
CA LEU E 122 0.90 29.51 6.83
C LEU E 122 1.09 28.93 8.22
N LEU E 123 0.02 28.71 8.96
CA LEU E 123 0.09 28.25 10.34
C LEU E 123 -0.62 26.94 10.58
N VAL E 124 -1.67 26.64 9.83
CA VAL E 124 -2.48 25.44 10.03
C VAL E 124 -2.39 24.60 8.76
N ALA E 125 -2.08 23.32 8.93
CA ALA E 125 -1.90 22.42 7.80
C ALA E 125 -3.23 22.08 7.15
N ASP E 126 -3.22 21.99 5.83
CA ASP E 126 -4.41 21.54 5.10
C ASP E 126 -4.60 20.05 5.32
N PRO E 127 -5.77 19.60 5.77
CA PRO E 127 -5.94 18.19 6.13
C PRO E 127 -6.28 17.29 4.94
N ARG E 128 -6.11 17.78 3.72
CA ARG E 128 -6.58 17.06 2.54
C ARG E 128 -5.56 16.00 2.13
N ARG E 129 -6.04 14.77 1.95
CA ARG E 129 -5.21 13.66 1.49
C ARG E 129 -5.90 12.95 0.34
N CYS E 130 -5.11 12.23 -0.45
CA CYS E 130 -5.64 11.45 -1.56
C CYS E 130 -6.69 10.46 -1.09
N GLU E 131 -7.80 10.40 -1.83
CA GLU E 131 -8.86 9.44 -1.53
C GLU E 131 -8.53 8.08 -2.14
N PRO E 132 -8.75 6.99 -1.41
CA PRO E 132 -8.42 5.67 -1.93
C PRO E 132 -9.22 5.33 -3.18
N LYS E 133 -8.61 4.52 -4.05
CA LYS E 133 -9.29 4.07 -5.26
C LYS E 133 -10.29 2.97 -4.92
N LYS E 134 -11.43 2.99 -5.61
CA LYS E 134 -12.45 1.96 -5.50
C LYS E 134 -12.43 1.09 -6.75
N PHE E 135 -12.59 -0.21 -6.55
CA PHE E 135 -12.77 -1.10 -7.69
C PHE E 135 -14.08 -0.78 -8.39
N GLY E 136 -14.09 -0.94 -9.71
CA GLY E 136 -15.18 -0.47 -10.54
C GLY E 136 -14.86 0.82 -11.26
N GLY E 137 -13.67 1.36 -11.09
CA GLY E 137 -13.21 2.53 -11.82
C GLY E 137 -11.73 2.67 -11.64
N ARG E 138 -11.14 3.56 -12.44
CA ARG E 138 -9.71 3.82 -12.38
C ARG E 138 -9.35 4.90 -11.36
N GLY E 139 -10.33 5.44 -10.64
CA GLY E 139 -10.08 6.50 -9.69
C GLY E 139 -10.97 6.36 -8.47
N ALA E 140 -10.84 7.33 -7.57
CA ALA E 140 -11.63 7.31 -6.33
C ALA E 140 -13.11 7.44 -6.62
N ARG E 141 -13.48 8.29 -7.57
CA ARG E 141 -14.90 8.50 -7.89
C ARG E 141 -15.21 8.02 -9.29
N ALA E 142 -14.26 8.18 -10.20
CA ALA E 142 -14.48 7.80 -11.59
C ALA E 142 -14.76 6.30 -11.70
N ARG E 143 -15.77 5.96 -12.50
CA ARG E 143 -16.18 4.58 -12.71
C ARG E 143 -15.88 4.18 -14.14
N PHE E 144 -15.77 2.86 -14.35
CA PHE E 144 -15.52 2.36 -15.70
C PHE E 144 -16.68 2.73 -16.62
N GLN E 145 -16.35 3.00 -17.88
CA GLN E 145 -17.36 3.42 -18.84
C GLN E 145 -18.40 2.33 -19.03
N LYS E 146 -19.66 2.72 -18.97
CA LYS E 146 -20.78 1.79 -19.04
C LYS E 146 -21.34 1.73 -20.46
N SER E 147 -21.56 0.52 -20.95
CA SER E 147 -22.19 0.27 -22.22
C SER E 147 -23.52 -0.43 -21.99
N TYR E 148 -24.33 -0.51 -23.04
CA TYR E 148 -25.65 -1.11 -22.95
C TYR E 148 -25.95 -1.99 -24.15
N VAL F 24 24.04 -8.33 32.71
CA VAL F 24 25.16 -9.19 33.08
C VAL F 24 26.30 -9.02 32.07
N GLN F 25 26.43 -9.94 31.13
CA GLN F 25 27.55 -9.90 30.19
C GLN F 25 27.10 -9.69 28.75
N HIS F 26 26.28 -10.59 28.23
CA HIS F 26 25.96 -10.58 26.82
C HIS F 26 24.77 -9.67 26.52
N ARG F 27 24.44 -9.57 25.24
CA ARG F 27 23.41 -8.66 24.75
C ARG F 27 22.33 -9.49 24.08
N ILE F 28 21.09 -9.35 24.55
CA ILE F 28 20.01 -10.24 24.17
C ILE F 28 18.94 -9.44 23.44
N ARG F 29 18.59 -9.89 22.24
CA ARG F 29 17.51 -9.31 21.45
C ARG F 29 16.37 -10.31 21.38
N ILE F 30 15.24 -9.98 22.00
CA ILE F 30 14.04 -10.81 21.93
C ILE F 30 13.11 -10.20 20.89
N THR F 31 12.91 -10.93 19.80
CA THR F 31 11.96 -10.52 18.77
C THR F 31 10.62 -11.18 19.04
N LEU F 32 9.56 -10.37 19.04
CA LEU F 32 8.20 -10.85 19.23
C LEU F 32 7.36 -10.46 18.02
N SER F 33 6.65 -11.43 17.46
CA SER F 33 5.74 -11.21 16.35
C SER F 33 4.39 -11.81 16.67
N SER F 34 3.35 -11.28 16.04
CA SER F 34 1.99 -11.71 16.32
C SER F 34 1.08 -11.15 15.23
N LYS F 35 -0.15 -11.67 15.18
CA LYS F 35 -1.20 -11.14 14.34
C LYS F 35 -2.18 -10.26 15.10
N SER F 36 -2.03 -10.17 16.41
CA SER F 36 -2.93 -9.39 17.26
C SER F 36 -2.12 -8.42 18.10
N VAL F 37 -2.66 -7.22 18.29
CA VAL F 37 -1.96 -6.18 19.03
C VAL F 37 -2.04 -6.37 20.54
N LYS F 38 -3.21 -6.74 21.07
CA LYS F 38 -3.37 -6.81 22.53
C LYS F 38 -2.56 -7.93 23.15
N ASN F 39 -2.60 -9.13 22.57
CA ASN F 39 -1.81 -10.23 23.11
C ASN F 39 -0.32 -9.92 23.05
N LEU F 40 0.14 -9.41 21.90
CA LEU F 40 1.55 -9.06 21.74
C LEU F 40 1.98 -7.98 22.71
N GLU F 41 1.20 -6.92 22.88
CA GLU F 41 1.51 -5.85 23.81
C GLU F 41 1.50 -6.29 25.26
N LYS F 42 0.58 -7.19 25.67
CA LYS F 42 0.59 -7.62 27.05
C LYS F 42 1.73 -8.59 27.33
N VAL F 43 2.10 -9.42 26.34
CA VAL F 43 3.31 -10.22 26.47
C VAL F 43 4.54 -9.32 26.60
N CYS F 44 4.61 -8.28 25.76
CA CYS F 44 5.73 -7.34 25.84
C CYS F 44 5.76 -6.65 27.19
N SER F 45 4.60 -6.26 27.71
CA SER F 45 4.54 -5.65 29.04
C SER F 45 5.02 -6.61 30.11
N ASP F 46 4.65 -7.88 30.02
CA ASP F 46 5.16 -8.87 30.97
C ASP F 46 6.67 -8.97 30.90
N LEU F 47 7.23 -9.00 29.68
CA LEU F 47 8.67 -9.13 29.54
C LEU F 47 9.41 -7.92 30.12
N VAL F 48 8.99 -6.71 29.74
CA VAL F 48 9.63 -5.50 30.24
C VAL F 48 9.36 -5.27 31.72
N LYS F 49 8.29 -5.82 32.28
CA LYS F 49 8.07 -5.73 33.71
C LYS F 49 8.99 -6.69 34.46
N GLY F 50 9.13 -7.91 33.96
CA GLY F 50 10.07 -8.85 34.55
C GLY F 50 11.49 -8.36 34.48
N ALA F 51 11.86 -7.73 33.35
CA ALA F 51 13.20 -7.18 33.21
C ALA F 51 13.46 -6.07 34.21
N LYS F 52 12.45 -5.23 34.48
CA LYS F 52 12.61 -4.11 35.40
C LYS F 52 12.46 -4.51 36.87
N GLU F 53 12.00 -5.73 37.15
CA GLU F 53 11.99 -6.25 38.51
C GLU F 53 13.34 -6.87 38.90
N LYS F 54 14.02 -7.52 37.97
CA LYS F 54 15.32 -8.12 38.21
C LYS F 54 16.46 -7.13 37.99
N GLN F 55 16.12 -5.85 37.87
CA GLN F 55 17.05 -4.73 37.77
C GLN F 55 17.90 -4.78 36.49
N LEU F 56 17.47 -5.54 35.49
CA LEU F 56 18.15 -5.55 34.21
C LEU F 56 17.71 -4.36 33.39
N LYS F 57 18.66 -3.68 32.76
CA LYS F 57 18.31 -2.58 31.88
C LYS F 57 17.63 -3.15 30.64
N VAL F 58 16.54 -2.51 30.22
CA VAL F 58 15.77 -2.97 29.07
C VAL F 58 15.58 -1.80 28.11
N LYS F 59 15.94 -2.01 26.85
CA LYS F 59 15.62 -1.08 25.78
C LYS F 59 14.47 -1.66 24.96
N GLY F 60 13.28 -1.11 25.18
CA GLY F 60 12.10 -1.59 24.51
C GLY F 60 10.83 -1.34 25.31
N PRO F 61 9.68 -1.77 24.79
CA PRO F 61 9.56 -2.43 23.49
C PRO F 61 9.72 -1.45 22.33
N VAL F 62 10.35 -1.91 21.25
CA VAL F 62 10.55 -1.12 20.04
C VAL F 62 9.63 -1.69 18.97
N ARG F 63 8.69 -0.87 18.51
CA ARG F 63 7.68 -1.33 17.57
C ARG F 63 8.15 -1.12 16.14
N MET F 64 8.36 -2.20 15.42
CA MET F 64 8.69 -2.18 14.01
C MET F 64 7.48 -1.77 13.20
N PRO F 65 7.67 -1.26 11.99
CA PRO F 65 6.52 -0.94 11.13
C PRO F 65 5.68 -2.18 10.87
N THR F 66 4.37 -2.02 10.97
CA THR F 66 3.46 -3.15 10.83
C THR F 66 3.41 -3.63 9.38
N LYS F 67 3.56 -4.94 9.20
CA LYS F 67 3.45 -5.54 7.88
C LYS F 67 1.99 -5.83 7.57
N VAL F 68 1.56 -5.43 6.38
CA VAL F 68 0.17 -5.56 5.94
C VAL F 68 0.16 -6.53 4.77
N LEU F 69 -0.09 -7.80 5.05
CA LEU F 69 -0.24 -8.80 4.00
C LEU F 69 -1.64 -8.69 3.41
N ASN F 70 -1.71 -8.42 2.11
CA ASN F 70 -2.98 -8.10 1.47
C ASN F 70 -3.24 -9.06 0.32
N ILE F 71 -4.44 -9.63 0.28
CA ILE F 71 -4.92 -10.45 -0.83
C ILE F 71 -6.22 -9.84 -1.32
N THR F 72 -6.31 -9.59 -2.61
CA THR F 72 -7.52 -9.05 -3.23
C THR F 72 -7.96 -10.02 -4.32
N THR F 73 -9.18 -10.53 -4.20
CA THR F 73 -9.68 -11.51 -5.14
C THR F 73 -11.16 -11.25 -5.45
N ARG F 74 -11.57 -11.65 -6.64
CA ARG F 74 -12.96 -11.54 -7.05
C ARG F 74 -13.84 -12.46 -6.19
N LYS F 75 -14.85 -11.87 -5.54
CA LYS F 75 -15.66 -12.65 -4.62
C LYS F 75 -16.48 -13.70 -5.34
N SER F 76 -16.89 -13.43 -6.58
CA SER F 76 -17.66 -14.39 -7.34
C SER F 76 -16.84 -15.65 -7.57
N PRO F 77 -17.39 -16.84 -7.30
CA PRO F 77 -16.70 -18.08 -7.69
C PRO F 77 -16.69 -18.32 -9.18
N CYS F 78 -17.30 -17.43 -9.96
CA CYS F 78 -17.34 -17.54 -11.42
C CYS F 78 -17.13 -16.16 -12.03
N GLY F 79 -17.45 -16.00 -13.31
CA GLY F 79 -17.24 -14.73 -13.96
C GLY F 79 -18.50 -13.98 -14.33
N GLU F 80 -19.49 -13.99 -13.45
CA GLU F 80 -20.77 -13.33 -13.71
C GLU F 80 -21.06 -12.36 -12.58
N GLY F 81 -21.69 -11.25 -12.92
CA GLY F 81 -22.08 -10.24 -11.95
C GLY F 81 -21.17 -9.04 -12.02
N THR F 82 -21.48 -8.06 -11.17
CA THR F 82 -20.58 -6.94 -10.98
C THR F 82 -19.26 -7.44 -10.41
N ASN F 83 -18.16 -7.08 -11.05
CA ASN F 83 -16.85 -7.55 -10.61
C ASN F 83 -16.53 -6.87 -9.29
N THR F 84 -16.88 -7.54 -8.19
CA THR F 84 -16.72 -7.00 -6.85
C THR F 84 -15.52 -7.68 -6.20
N TRP F 85 -14.75 -6.91 -5.45
CA TRP F 85 -13.46 -7.36 -4.93
C TRP F 85 -13.44 -7.24 -3.41
N ASP F 86 -13.15 -8.34 -2.73
CA ASP F 86 -12.89 -8.32 -1.30
C ASP F 86 -11.40 -8.28 -1.03
N ARG F 87 -11.00 -7.35 -0.16
CA ARG F 87 -9.60 -7.13 0.18
C ARG F 87 -9.32 -7.72 1.55
N PHE F 88 -8.61 -8.84 1.59
CA PHE F 88 -8.23 -9.47 2.83
C PHE F 88 -6.89 -8.95 3.31
N GLU F 89 -6.76 -8.77 4.62
CA GLU F 89 -5.54 -8.26 5.21
C GLU F 89 -5.13 -9.10 6.40
N MET F 90 -3.83 -9.37 6.50
CA MET F 90 -3.21 -9.93 7.69
C MET F 90 -2.14 -8.96 8.15
N ARG F 91 -2.24 -8.54 9.40
CA ARG F 91 -1.34 -7.52 9.96
C ARG F 91 -0.38 -8.19 10.93
N VAL F 92 0.91 -8.14 10.60
CA VAL F 92 1.95 -8.74 11.42
C VAL F 92 2.62 -7.61 12.20
N HIS F 93 2.63 -7.74 13.51
CA HIS F 93 3.19 -6.72 14.41
C HIS F 93 4.45 -7.28 15.04
N LYS F 94 5.55 -6.53 14.91
CA LYS F 94 6.86 -6.99 15.35
C LYS F 94 7.35 -6.09 16.48
N ARG F 95 7.82 -6.72 17.56
CA ARG F 95 8.34 -6.02 18.72
C ARG F 95 9.73 -6.53 19.03
N VAL F 96 10.65 -5.62 19.34
CA VAL F 96 12.03 -5.97 19.63
C VAL F 96 12.36 -5.44 21.03
N ILE F 97 12.88 -6.32 21.88
CA ILE F 97 13.33 -5.96 23.22
C ILE F 97 14.81 -6.28 23.33
N ASP F 98 15.59 -5.31 23.79
CA ASP F 98 17.04 -5.41 23.84
C ASP F 98 17.50 -5.31 25.30
N LEU F 99 17.83 -6.45 25.89
CA LEU F 99 18.41 -6.49 27.22
C LEU F 99 19.92 -6.73 27.13
N VAL F 100 20.61 -6.39 28.23
CA VAL F 100 22.00 -6.76 28.43
C VAL F 100 22.03 -7.71 29.64
N SER F 101 22.40 -8.96 29.39
CA SER F 101 22.37 -9.98 30.43
C SER F 101 22.99 -11.29 29.96
N SER F 102 22.86 -12.32 30.79
CA SER F 102 23.30 -13.68 30.50
C SER F 102 22.11 -14.52 30.04
N PRO F 103 22.36 -15.59 29.29
CA PRO F 103 21.25 -16.42 28.78
C PRO F 103 20.32 -16.95 29.86
N ASP F 104 20.86 -17.21 31.05
CA ASP F 104 20.08 -17.85 32.11
C ASP F 104 18.88 -17.00 32.50
N VAL F 105 19.10 -15.72 32.81
CA VAL F 105 17.98 -14.85 33.18
C VAL F 105 17.03 -14.66 32.01
N VAL F 106 17.55 -14.70 30.78
CA VAL F 106 16.70 -14.49 29.60
C VAL F 106 15.70 -15.63 29.44
N LYS F 107 16.18 -16.88 29.49
CA LYS F 107 15.22 -18.00 29.43
C LYS F 107 14.42 -18.14 30.72
N GLN F 108 14.90 -17.60 31.84
CA GLN F 108 14.06 -17.60 33.03
C GLN F 108 12.94 -16.57 32.94
N ILE F 109 13.16 -15.49 32.19
CA ILE F 109 12.12 -14.48 31.98
C ILE F 109 11.15 -14.95 30.90
N THR F 110 11.68 -15.36 29.75
CA THR F 110 10.84 -15.81 28.64
C THR F 110 10.43 -17.26 28.86
N SER F 111 9.91 -17.56 30.06
CA SER F 111 9.34 -18.86 30.37
C SER F 111 7.93 -18.74 30.95
N ILE F 112 7.42 -17.52 31.13
CA ILE F 112 6.05 -17.29 31.56
C ILE F 112 5.11 -17.68 30.43
N THR F 113 3.81 -17.68 30.69
CA THR F 113 2.81 -18.10 29.72
C THR F 113 2.79 -17.09 28.59
N ILE F 114 3.46 -17.42 27.49
CA ILE F 114 3.36 -16.62 26.27
C ILE F 114 2.05 -16.99 25.58
N GLU F 115 1.21 -15.99 25.34
CA GLU F 115 -0.15 -16.19 24.83
C GLU F 115 -0.10 -16.72 23.39
N PRO F 116 -1.12 -17.44 22.95
CA PRO F 116 -1.09 -18.01 21.60
C PRO F 116 -1.06 -16.94 20.53
N GLY F 117 -0.33 -17.23 19.45
CA GLY F 117 -0.16 -16.33 18.33
C GLY F 117 1.11 -15.50 18.42
N VAL F 118 1.64 -15.32 19.63
CA VAL F 118 2.86 -14.55 19.83
C VAL F 118 4.06 -15.46 19.61
N GLU F 119 4.94 -15.07 18.69
CA GLU F 119 6.15 -15.82 18.38
C GLU F 119 7.33 -15.13 19.05
N VAL F 120 7.77 -15.68 20.18
CA VAL F 120 8.94 -15.15 20.86
C VAL F 120 10.20 -15.80 20.29
N GLU F 121 11.25 -14.99 20.12
CA GLU F 121 12.48 -15.46 19.52
C GLU F 121 13.64 -14.75 20.21
N VAL F 122 14.53 -15.51 20.84
CA VAL F 122 15.65 -14.98 21.60
C VAL F 122 16.94 -15.21 20.81
N THR F 123 17.75 -14.16 20.70
CA THR F 123 19.02 -14.23 19.98
C THR F 123 20.09 -13.55 20.83
N ILE F 124 21.22 -14.23 21.02
CA ILE F 124 22.30 -13.72 21.84
C ILE F 124 23.27 -12.94 20.96
N SER F 125 23.52 -11.69 21.32
CA SER F 125 24.52 -10.88 20.66
C SER F 125 25.76 -10.73 21.55
N ASP F 126 26.78 -10.08 21.01
CA ASP F 126 28.02 -9.87 21.75
C ASP F 126 27.80 -8.92 22.93
N SER G 14 29.91 36.43 -3.96
CA SER G 14 31.37 36.47 -3.94
C SER G 14 31.95 35.07 -3.83
N THR G 15 33.18 34.98 -3.33
CA THR G 15 33.82 33.70 -3.09
C THR G 15 33.33 33.15 -1.76
N ALA G 16 34.00 32.11 -1.23
CA ALA G 16 33.61 31.43 -0.01
C ALA G 16 32.27 30.74 -0.18
N ARG G 17 31.87 30.53 -1.43
CA ARG G 17 30.64 29.82 -1.76
C ARG G 17 31.00 28.42 -2.23
N THR G 18 30.42 27.40 -1.59
CA THR G 18 30.64 26.02 -1.95
C THR G 18 29.64 25.62 -3.03
N VAL G 19 29.61 24.33 -3.37
CA VAL G 19 28.70 23.85 -4.41
C VAL G 19 27.25 24.00 -3.97
N LYS G 20 26.97 23.71 -2.69
CA LYS G 20 25.61 23.87 -2.20
C LYS G 20 25.33 25.32 -1.81
N ASP G 21 25.73 26.26 -2.68
CA ASP G 21 25.45 27.68 -2.50
C ASP G 21 25.11 28.30 -3.85
N VAL G 22 25.41 27.61 -4.93
CA VAL G 22 25.32 28.15 -6.28
C VAL G 22 24.20 27.45 -7.03
N ASN G 23 23.66 28.14 -8.02
CA ASN G 23 22.61 27.56 -8.86
C ASN G 23 23.19 26.41 -9.66
N PRO G 24 22.59 25.21 -9.59
CA PRO G 24 23.19 24.06 -10.27
C PRO G 24 23.31 24.24 -11.78
N HIS G 25 22.36 24.92 -12.42
CA HIS G 25 22.42 25.11 -13.85
C HIS G 25 23.65 25.91 -14.27
N GLU G 26 24.05 26.88 -13.45
CA GLU G 26 25.24 27.67 -13.73
C GLU G 26 26.52 26.94 -13.31
N PHE G 27 26.48 26.22 -12.19
CA PHE G 27 27.67 25.51 -11.74
C PHE G 27 28.07 24.43 -12.73
N VAL G 28 27.09 23.67 -13.25
CA VAL G 28 27.41 22.63 -14.21
C VAL G 28 28.02 23.22 -15.48
N LYS G 29 27.47 24.34 -15.96
CA LYS G 29 28.01 25.01 -17.13
C LYS G 29 29.42 25.55 -16.90
N ALA G 30 29.71 26.09 -15.71
CA ALA G 30 31.05 26.56 -15.42
C ALA G 30 32.05 25.42 -15.27
N TYR G 31 31.65 24.33 -14.63
CA TYR G 31 32.56 23.20 -14.43
C TYR G 31 32.79 22.40 -15.70
N SER G 32 31.81 22.33 -16.60
CA SER G 32 32.08 21.71 -17.90
C SER G 32 33.14 22.50 -18.67
N ALA G 33 33.06 23.83 -18.63
CA ALA G 33 34.09 24.65 -19.25
C ALA G 33 35.44 24.45 -18.57
N HIS G 34 35.43 24.36 -17.25
CA HIS G 34 36.67 24.09 -16.51
C HIS G 34 37.30 22.78 -16.95
N LEU G 35 36.49 21.72 -17.05
CA LEU G 35 37.00 20.41 -17.44
C LEU G 35 37.52 20.44 -18.87
N LYS G 36 36.81 21.12 -19.78
CA LYS G 36 37.27 21.20 -21.16
C LYS G 36 38.57 21.97 -21.26
N ARG G 37 38.73 23.01 -20.43
CA ARG G 37 39.97 23.78 -20.44
C ARG G 37 41.13 22.97 -19.88
N SER G 38 40.87 22.17 -18.84
CA SER G 38 41.95 21.43 -18.18
C SER G 38 42.68 20.49 -19.13
N GLY G 39 41.99 19.95 -20.13
CA GLY G 39 42.63 19.10 -21.12
C GLY G 39 43.06 17.75 -20.60
N LYS G 40 42.59 17.37 -19.42
CA LYS G 40 42.89 16.08 -18.82
C LYS G 40 41.80 15.05 -19.08
N MET G 41 40.85 15.35 -19.95
CA MET G 41 39.77 14.44 -20.31
C MET G 41 40.06 13.88 -21.69
N GLU G 42 40.11 12.56 -21.80
CA GLU G 42 40.28 11.88 -23.07
C GLU G 42 38.92 11.34 -23.53
N LEU G 43 38.52 11.73 -24.73
CA LEU G 43 37.18 11.34 -25.15
C LEU G 43 37.22 10.02 -25.91
N PRO G 44 36.22 9.16 -25.72
CA PRO G 44 36.15 7.91 -26.49
C PRO G 44 35.93 8.19 -27.96
N GLU G 45 36.09 7.13 -28.76
CA GLU G 45 35.72 7.22 -30.17
C GLU G 45 34.21 7.36 -30.32
N TRP G 46 33.44 6.70 -29.45
CA TRP G 46 31.99 6.72 -29.56
C TRP G 46 31.36 7.88 -28.79
N VAL G 47 31.87 9.09 -28.98
CA VAL G 47 31.24 10.27 -28.39
C VAL G 47 30.18 10.87 -29.31
N ASP G 48 30.41 10.87 -30.62
CA ASP G 48 29.49 11.44 -31.58
C ASP G 48 28.51 10.41 -32.13
N ILE G 49 28.53 9.18 -31.61
CA ILE G 49 27.68 8.11 -32.11
C ILE G 49 26.61 7.77 -31.08
N VAL G 50 27.02 7.53 -29.85
CA VAL G 50 26.13 6.88 -28.88
C VAL G 50 25.00 7.79 -28.47
N LYS G 51 23.98 7.19 -27.88
CA LYS G 51 22.92 7.87 -27.16
C LYS G 51 23.11 7.66 -25.66
N THR G 52 22.70 8.64 -24.87
CA THR G 52 22.84 8.49 -23.42
C THR G 52 21.93 7.41 -22.85
N ALA G 53 20.89 7.02 -23.59
CA ALA G 53 20.00 5.96 -23.15
C ALA G 53 19.30 5.37 -24.36
N ARG G 54 18.73 4.18 -24.18
CA ARG G 54 18.04 3.53 -25.28
C ARG G 54 16.68 4.14 -25.54
N PHE G 55 16.06 4.79 -24.55
CA PHE G 55 14.79 5.45 -24.80
C PHE G 55 15.01 6.75 -25.57
N LYS G 56 16.20 7.33 -25.49
CA LYS G 56 16.55 8.45 -26.35
C LYS G 56 16.49 8.01 -27.80
N GLU G 57 16.05 8.92 -28.67
CA GLU G 57 16.01 8.64 -30.09
C GLU G 57 17.04 9.41 -30.90
N LEU G 58 17.75 10.34 -30.28
CA LEU G 58 18.81 11.07 -30.95
C LEU G 58 20.01 11.18 -30.00
N PRO G 59 21.22 11.25 -30.53
CA PRO G 59 22.39 11.55 -29.69
C PRO G 59 22.29 12.95 -29.12
N PRO G 60 23.02 13.23 -28.04
CA PRO G 60 22.96 14.57 -27.45
C PRO G 60 23.31 15.65 -28.46
N SER G 61 22.51 16.72 -28.47
CA SER G 61 22.66 17.78 -29.45
C SER G 61 23.77 18.78 -29.10
N ASP G 62 24.35 18.67 -27.90
CA ASP G 62 25.41 19.57 -27.49
C ASP G 62 26.76 18.91 -27.72
N ALA G 63 27.66 19.50 -28.52
CA ALA G 63 28.96 18.87 -28.75
C ALA G 63 29.75 18.61 -27.48
N ASP G 64 29.65 19.48 -26.48
CA ASP G 64 30.35 19.31 -25.21
C ASP G 64 29.51 18.56 -24.19
N TRP G 65 28.57 17.72 -24.65
CA TRP G 65 27.72 16.97 -23.74
C TRP G 65 28.53 16.05 -22.85
N TYR G 66 29.66 15.55 -23.34
CA TYR G 66 30.51 14.69 -22.51
C TYR G 66 31.02 15.44 -21.29
N TYR G 67 31.51 16.67 -21.49
CA TYR G 67 32.00 17.45 -20.37
C TYR G 67 30.85 17.92 -19.48
N ILE G 68 29.69 18.21 -20.07
CA ILE G 68 28.54 18.60 -19.28
C ILE G 68 28.11 17.46 -18.36
N ARG G 69 28.07 16.24 -18.89
CA ARG G 69 27.71 15.08 -18.08
C ARG G 69 28.78 14.77 -17.05
N ALA G 70 30.05 15.00 -17.39
CA ALA G 70 31.11 14.83 -16.43
C ALA G 70 30.95 15.79 -15.26
N ALA G 71 30.64 17.06 -15.55
CA ALA G 71 30.40 18.02 -14.49
C ALA G 71 29.17 17.65 -13.66
N SER G 72 28.12 17.17 -14.31
CA SER G 72 26.91 16.77 -13.60
C SER G 72 27.20 15.63 -12.63
N MET G 73 27.90 14.59 -13.10
CA MET G 73 28.20 13.47 -12.21
C MET G 73 29.22 13.84 -11.15
N ALA G 74 30.15 14.73 -11.46
CA ALA G 74 31.08 15.23 -10.45
C ALA G 74 30.33 15.93 -9.34
N ARG G 75 29.37 16.80 -9.69
CA ARG G 75 28.57 17.46 -8.67
C ARG G 75 27.74 16.47 -7.87
N LYS G 76 27.18 15.46 -8.54
CA LYS G 76 26.36 14.47 -7.84
C LYS G 76 27.20 13.66 -6.85
N ILE G 77 28.43 13.28 -7.23
CA ILE G 77 29.32 12.59 -6.32
C ILE G 77 29.76 13.51 -5.20
N TYR G 78 29.90 14.80 -5.48
CA TYR G 78 30.17 15.78 -4.43
C TYR G 78 29.04 15.77 -3.39
N LEU G 79 27.79 15.74 -3.83
CA LEU G 79 26.68 15.90 -2.85
C LEU G 79 26.35 14.58 -2.16
N ARG G 80 26.66 13.46 -2.81
CA ARG G 80 26.33 12.14 -2.24
C ARG G 80 27.51 11.22 -2.44
N GLN G 81 27.72 10.30 -1.51
CA GLN G 81 28.80 9.30 -1.63
C GLN G 81 28.23 7.91 -1.86
N GLY G 82 28.88 7.10 -2.69
CA GLY G 82 28.50 5.73 -2.88
C GLY G 82 27.66 5.43 -4.12
N ILE G 83 27.55 6.38 -5.05
CA ILE G 83 26.77 6.14 -6.25
C ILE G 83 27.53 5.19 -7.17
N GLY G 84 26.87 4.11 -7.59
CA GLY G 84 27.41 3.18 -8.53
C GLY G 84 26.97 3.46 -9.96
N ILE G 85 27.41 2.60 -10.87
CA ILE G 85 27.06 2.78 -12.27
C ILE G 85 25.58 2.55 -12.51
N GLY G 86 24.98 1.55 -11.84
CA GLY G 86 23.54 1.38 -11.93
C GLY G 86 22.77 2.54 -11.33
N GLY G 87 23.27 3.10 -10.22
CA GLY G 87 22.67 4.29 -9.67
C GLY G 87 22.68 5.47 -10.63
N PHE G 88 23.79 5.66 -11.34
CA PHE G 88 23.86 6.73 -12.33
C PHE G 88 23.03 6.43 -13.57
N GLN G 89 22.85 5.15 -13.92
CA GLN G 89 21.92 4.78 -14.97
C GLN G 89 20.49 5.15 -14.59
N LYS G 90 20.13 4.95 -13.32
CA LYS G 90 18.82 5.37 -12.85
C LYS G 90 18.70 6.88 -12.76
N ILE G 91 19.78 7.58 -12.39
CA ILE G 91 19.73 9.03 -12.25
C ILE G 91 19.47 9.71 -13.59
N TYR G 92 20.12 9.24 -14.65
CA TYR G 92 19.99 9.84 -15.97
C TYR G 92 19.00 9.09 -16.85
N GLY G 93 18.24 8.18 -16.27
CA GLY G 93 17.16 7.54 -16.99
C GLY G 93 15.89 8.35 -16.83
N GLY G 94 14.96 8.20 -17.76
CA GLY G 94 13.73 8.98 -17.76
C GLY G 94 12.59 8.18 -18.31
N ARG G 95 11.72 8.85 -19.06
CA ARG G 95 10.51 8.25 -19.59
C ARG G 95 10.76 7.72 -20.99
N GLN G 96 10.35 6.48 -21.23
CA GLN G 96 10.40 5.87 -22.55
C GLN G 96 9.00 5.86 -23.15
N ARG G 97 8.89 6.35 -24.38
CA ARG G 97 7.64 6.33 -25.11
C ARG G 97 7.62 5.11 -26.01
N ASN G 98 6.63 4.24 -25.81
CA ASN G 98 6.60 2.92 -26.41
C ASN G 98 5.64 2.85 -27.61
N GLY G 99 5.59 3.93 -28.38
CA GLY G 99 4.68 3.97 -29.50
C GLY G 99 3.24 3.94 -29.03
N SER G 100 2.48 2.95 -29.50
CA SER G 100 1.08 2.81 -29.13
C SER G 100 0.88 2.24 -27.73
N ARG G 101 1.94 2.05 -26.97
CA ARG G 101 1.87 1.48 -25.63
C ARG G 101 2.20 2.52 -24.56
N PRO G 102 1.73 2.31 -23.33
CA PRO G 102 1.94 3.30 -22.28
C PRO G 102 3.42 3.51 -21.99
N PRO G 103 3.80 4.73 -21.59
CA PRO G 103 5.20 5.00 -21.26
C PRO G 103 5.58 4.46 -19.89
N HIS G 104 6.84 4.10 -19.75
CA HIS G 104 7.40 3.64 -18.49
C HIS G 104 8.79 4.22 -18.29
N PHE G 105 9.32 4.03 -17.09
CA PHE G 105 10.67 4.46 -16.78
C PHE G 105 11.68 3.54 -17.47
N CYS G 106 12.83 4.12 -17.80
CA CYS G 106 13.92 3.38 -18.41
C CYS G 106 15.23 3.91 -17.86
N LYS G 107 16.29 3.10 -17.96
CA LYS G 107 17.59 3.44 -17.43
C LYS G 107 18.51 3.92 -18.55
N SER G 108 19.57 4.61 -18.14
CA SER G 108 20.52 5.22 -19.05
C SER G 108 21.61 4.20 -19.43
N SER G 109 22.54 4.63 -20.27
CA SER G 109 23.63 3.77 -20.72
C SER G 109 24.69 3.67 -19.63
N GLY G 110 25.17 2.45 -19.37
CA GLY G 110 26.18 2.23 -18.37
C GLY G 110 27.58 2.47 -18.84
N ALA G 111 27.82 2.29 -20.15
CA ALA G 111 29.15 2.52 -20.69
C ALA G 111 29.56 3.97 -20.58
N VAL G 112 28.63 4.90 -20.87
CA VAL G 112 28.94 6.31 -20.77
C VAL G 112 29.27 6.70 -19.34
N SER G 113 28.44 6.25 -18.39
CA SER G 113 28.68 6.57 -16.99
C SER G 113 30.01 6.01 -16.51
N ARG G 114 30.29 4.74 -16.84
CA ARG G 114 31.54 4.12 -16.39
C ARG G 114 32.76 4.81 -17.01
N ASN G 115 32.70 5.12 -18.30
CA ASN G 115 33.83 5.76 -18.96
C ASN G 115 34.08 7.14 -18.39
N ILE G 116 33.03 7.92 -18.16
CA ILE G 116 33.22 9.27 -17.63
C ILE G 116 33.73 9.20 -16.20
N LEU G 117 33.22 8.24 -15.40
CA LEU G 117 33.72 8.11 -14.04
C LEU G 117 35.17 7.67 -14.01
N GLN G 118 35.59 6.82 -14.95
CA GLN G 118 37.00 6.42 -15.02
C GLN G 118 37.87 7.59 -15.46
N GLU G 119 37.39 8.39 -16.41
CA GLU G 119 38.09 9.61 -16.78
C GLU G 119 38.21 10.57 -15.61
N LEU G 120 37.22 10.60 -14.73
CA LEU G 120 37.24 11.42 -13.54
C LEU G 120 38.06 10.80 -12.41
N GLN G 121 38.33 9.49 -12.47
CA GLN G 121 39.33 8.90 -11.60
C GLN G 121 40.74 9.19 -12.09
N LYS G 122 40.91 9.36 -13.39
CA LYS G 122 42.21 9.71 -13.96
C LYS G 122 42.46 11.21 -13.88
N MET G 123 41.73 11.89 -13.00
CA MET G 123 42.08 13.26 -12.63
C MET G 123 42.20 13.46 -11.13
N GLY G 124 41.96 12.44 -10.31
CA GLY G 124 41.95 12.63 -8.88
C GLY G 124 40.80 13.48 -8.40
N ILE G 125 39.69 13.48 -9.14
CA ILE G 125 38.49 14.20 -8.72
C ILE G 125 37.58 13.31 -7.89
N ILE G 126 37.34 12.08 -8.36
CA ILE G 126 36.54 11.10 -7.64
C ILE G 126 37.29 9.78 -7.59
N ASP G 127 37.36 9.20 -6.40
CA ASP G 127 37.93 7.86 -6.25
C ASP G 127 36.82 6.84 -6.06
N VAL G 128 37.18 5.59 -5.75
CA VAL G 128 36.19 4.55 -5.48
C VAL G 128 36.32 4.12 -4.02
N ASP G 129 35.20 4.06 -3.31
CA ASP G 129 35.22 3.71 -1.90
C ASP G 129 35.17 2.20 -1.71
N PRO G 130 35.75 1.70 -0.61
CA PRO G 130 35.59 0.27 -0.30
C PRO G 130 34.15 -0.13 -0.06
N LYS G 131 33.33 0.77 0.45
CA LYS G 131 31.93 0.47 0.73
C LYS G 131 31.08 0.35 -0.53
N GLY G 132 31.63 0.67 -1.70
CA GLY G 132 30.91 0.51 -2.95
C GLY G 132 30.57 1.85 -3.57
N GLY G 133 30.69 1.93 -4.89
CA GLY G 133 30.38 3.15 -5.61
C GLY G 133 31.58 4.03 -5.86
N ARG G 134 31.41 5.34 -5.67
CA ARG G 134 32.50 6.30 -5.85
C ARG G 134 32.38 7.39 -4.80
N LEU G 135 33.52 7.85 -4.29
CA LEU G 135 33.57 8.97 -3.37
C LEU G 135 34.23 10.16 -4.05
N ILE G 136 34.02 11.33 -3.47
CA ILE G 136 34.73 12.53 -3.91
C ILE G 136 36.06 12.61 -3.18
N THR G 137 37.12 12.90 -3.93
CA THR G 137 38.43 13.08 -3.33
C THR G 137 38.56 14.48 -2.76
N SER G 138 39.56 14.66 -1.89
CA SER G 138 39.82 15.99 -1.36
C SER G 138 40.18 16.97 -2.47
N GLN G 139 40.97 16.53 -3.44
CA GLN G 139 41.27 17.38 -4.59
C GLN G 139 40.02 17.69 -5.41
N GLY G 140 39.14 16.70 -5.60
CA GLY G 140 37.90 16.96 -6.31
C GLY G 140 36.98 17.92 -5.57
N ARG G 141 36.87 17.73 -4.26
CA ARG G 141 36.11 18.67 -3.44
C ARG G 141 36.67 20.08 -3.57
N ARG G 142 38.00 20.19 -3.50
CA ARG G 142 38.65 21.50 -3.63
C ARG G 142 38.36 22.11 -4.99
N ASP G 143 38.43 21.31 -6.05
CA ASP G 143 38.21 21.83 -7.40
C ASP G 143 36.78 22.35 -7.55
N LEU G 144 35.80 21.54 -7.14
CA LEU G 144 34.41 21.97 -7.25
C LEU G 144 34.14 23.21 -6.39
N ASP G 145 34.69 23.25 -5.17
CA ASP G 145 34.46 24.39 -4.30
C ASP G 145 35.14 25.65 -4.80
N GLN G 146 36.31 25.55 -5.43
CA GLN G 146 37.01 26.70 -5.97
C GLN G 146 36.43 27.16 -7.29
N VAL G 147 35.73 26.28 -8.02
CA VAL G 147 34.94 26.71 -9.16
C VAL G 147 33.61 27.35 -8.73
N ALA G 148 32.99 26.86 -7.65
CA ALA G 148 31.73 27.43 -7.18
C ALA G 148 31.89 28.89 -6.77
N GLY G 149 33.07 29.28 -6.29
CA GLY G 149 33.29 30.67 -5.94
C GLY G 149 33.37 31.60 -7.13
N THR G 150 33.69 31.07 -8.31
CA THR G 150 33.77 31.89 -9.51
C THR G 150 32.40 32.08 -10.16
N VAL G 151 31.41 31.28 -9.79
CA VAL G 151 30.09 31.36 -10.38
C VAL G 151 29.42 32.68 -9.97
N PRO G 152 29.01 33.51 -10.92
CA PRO G 152 28.36 34.78 -10.56
C PRO G 152 27.00 34.53 -9.93
N ALA G 153 26.70 35.30 -8.88
CA ALA G 153 25.44 35.16 -8.17
C ALA G 153 24.37 36.05 -8.79
N LYS H 36 -1.57 27.89 -45.31
CA LYS H 36 -0.26 27.45 -45.78
C LYS H 36 0.78 28.54 -45.60
N VAL H 37 1.58 28.42 -44.53
CA VAL H 37 2.61 29.41 -44.25
C VAL H 37 3.71 29.33 -45.29
N ASN H 38 4.18 30.50 -45.72
CA ASN H 38 5.32 30.61 -46.62
C ASN H 38 6.44 31.39 -45.96
N ASN H 39 6.65 31.14 -44.67
CA ASN H 39 7.68 31.86 -43.93
C ASN H 39 9.06 31.55 -44.49
N ALA H 40 9.86 32.59 -44.70
CA ALA H 40 11.22 32.44 -45.18
C ALA H 40 12.14 32.02 -44.03
N VAL H 41 13.26 31.41 -44.39
CA VAL H 41 14.24 30.97 -43.40
C VAL H 41 15.50 31.82 -43.43
N LEU H 42 15.74 32.61 -44.47
CA LEU H 42 16.89 33.49 -44.56
C LEU H 42 16.44 34.83 -45.12
N PHE H 43 16.88 35.91 -44.48
CA PHE H 43 16.52 37.25 -44.90
C PHE H 43 17.08 37.55 -46.28
N ASP H 44 16.38 38.39 -47.03
CA ASP H 44 17.02 39.10 -48.13
C ASP H 44 17.39 40.50 -47.66
N GLN H 45 18.33 41.13 -48.37
CA GLN H 45 18.95 42.36 -47.88
C GLN H 45 17.90 43.43 -47.56
N ALA H 46 16.84 43.50 -48.36
CA ALA H 46 15.76 44.44 -48.09
C ALA H 46 15.07 44.12 -46.77
N THR H 47 14.80 42.84 -46.51
CA THR H 47 14.17 42.48 -45.25
C THR H 47 15.11 42.67 -44.08
N TYR H 48 16.42 42.52 -44.29
CA TYR H 48 17.36 42.87 -43.23
C TYR H 48 17.32 44.37 -42.93
N ASP H 49 17.22 45.20 -43.96
CA ASP H 49 17.09 46.64 -43.73
C ASP H 49 15.82 46.95 -42.96
N LYS H 50 14.70 46.33 -43.34
CA LYS H 50 13.46 46.58 -42.62
C LYS H 50 13.53 46.05 -41.19
N LEU H 51 14.24 44.94 -40.97
CA LEU H 51 14.42 44.42 -39.62
C LEU H 51 15.24 45.38 -38.78
N LEU H 52 16.25 46.00 -39.36
CA LEU H 52 17.09 46.93 -38.62
C LEU H 52 16.47 48.32 -38.45
N THR H 53 15.46 48.67 -39.25
CA THR H 53 14.86 50.01 -39.13
C THR H 53 13.46 49.97 -38.54
N GLU H 54 12.51 49.24 -39.16
CA GLU H 54 11.13 49.29 -38.71
C GLU H 54 10.91 48.49 -37.43
N VAL H 55 11.58 47.33 -37.32
CA VAL H 55 11.37 46.49 -36.14
C VAL H 55 11.75 47.19 -34.84
N PRO H 56 12.88 47.93 -34.75
CA PRO H 56 13.18 48.63 -33.48
C PRO H 56 12.10 49.64 -33.10
N LYS H 57 11.21 49.99 -34.03
CA LYS H 57 10.09 50.87 -33.73
C LYS H 57 8.89 50.10 -33.18
N TYR H 58 8.91 48.77 -33.20
CA TYR H 58 7.85 47.99 -32.58
C TYR H 58 7.89 48.12 -31.07
N LYS H 59 6.72 48.17 -30.45
CA LYS H 59 6.67 48.23 -28.99
C LYS H 59 7.03 46.89 -28.37
N GLN H 60 6.26 45.85 -28.66
CA GLN H 60 6.58 44.49 -28.24
C GLN H 60 7.30 43.76 -29.36
N ILE H 61 8.40 43.10 -29.02
CA ILE H 61 9.20 42.35 -29.98
C ILE H 61 9.41 40.95 -29.42
N THR H 62 8.70 39.98 -30.00
CA THR H 62 8.82 38.57 -29.70
C THR H 62 8.94 37.81 -31.00
N PRO H 63 9.47 36.58 -30.98
CA PRO H 63 9.64 35.84 -32.25
C PRO H 63 8.34 35.66 -33.02
N SER H 64 7.21 35.51 -32.34
CA SER H 64 5.94 35.31 -33.03
C SER H 64 5.54 36.54 -33.84
N VAL H 65 5.66 37.73 -33.25
CA VAL H 65 5.26 38.95 -33.95
C VAL H 65 6.13 39.17 -35.18
N LEU H 66 7.44 38.97 -35.05
CA LEU H 66 8.33 39.12 -36.19
C LEU H 66 8.04 38.07 -37.25
N SER H 67 7.74 36.85 -36.85
CA SER H 67 7.42 35.80 -37.82
C SER H 67 6.16 36.15 -38.59
N GLU H 68 5.14 36.68 -37.90
CA GLU H 68 3.89 37.03 -38.58
C GLU H 68 4.06 38.23 -39.48
N ARG H 69 4.85 39.22 -39.05
CA ARG H 69 4.96 40.46 -39.82
C ARG H 69 5.95 40.34 -40.98
N LEU H 70 7.20 39.99 -40.68
CA LEU H 70 8.24 39.93 -41.71
C LEU H 70 8.13 38.71 -42.61
N ARG H 71 7.22 37.78 -42.30
CA ARG H 71 7.05 36.54 -43.07
C ARG H 71 8.32 35.70 -43.03
N ILE H 72 8.78 35.40 -41.82
CA ILE H 72 10.00 34.65 -41.59
C ILE H 72 9.73 33.52 -40.62
N ASN H 73 10.63 32.54 -40.61
CA ASN H 73 10.51 31.40 -39.72
C ASN H 73 10.77 31.81 -38.27
N GLY H 74 10.26 31.01 -37.34
CA GLY H 74 10.51 31.24 -35.93
C GLY H 74 11.97 31.17 -35.54
N SER H 75 12.74 30.27 -36.17
CA SER H 75 14.18 30.22 -35.94
C SER H 75 14.84 31.51 -36.40
N LEU H 76 14.47 31.96 -37.60
CA LEU H 76 14.98 33.23 -38.12
C LEU H 76 14.56 34.38 -37.21
N ALA H 77 13.33 34.33 -36.69
CA ALA H 77 12.84 35.36 -35.78
C ALA H 77 13.70 35.43 -34.53
N ARG H 78 13.95 34.28 -33.90
CA ARG H 78 14.77 34.23 -32.68
C ARG H 78 16.18 34.73 -32.96
N ARG H 79 16.75 34.31 -34.09
CA ARG H 79 18.13 34.70 -34.41
C ARG H 79 18.22 36.18 -34.75
N ALA H 80 17.20 36.72 -35.43
CA ALA H 80 17.17 38.15 -35.72
C ALA H 80 17.02 38.96 -34.44
N ILE H 81 16.23 38.46 -33.49
CA ILE H 81 16.11 39.10 -32.20
C ILE H 81 17.44 39.10 -31.47
N LYS H 82 18.17 37.98 -31.52
CA LYS H 82 19.51 37.95 -30.93
C LYS H 82 20.46 38.93 -31.59
N ASP H 83 20.43 39.04 -32.92
CA ASP H 83 21.29 40.00 -33.60
C ASP H 83 20.94 41.43 -33.22
N LEU H 84 19.65 41.77 -33.18
CA LEU H 84 19.26 43.12 -32.78
C LEU H 84 19.61 43.39 -31.32
N MET H 85 19.62 42.36 -30.48
CA MET H 85 20.14 42.50 -29.13
C MET H 85 21.66 42.65 -29.10
N GLU H 86 22.35 42.20 -30.14
CA GLU H 86 23.79 42.41 -30.28
C GLU H 86 24.12 43.81 -30.76
N ARG H 87 23.35 44.33 -31.71
CA ARG H 87 23.56 45.69 -32.21
C ARG H 87 22.99 46.71 -31.24
N GLY H 88 22.32 46.24 -30.19
CA GLY H 88 21.79 47.13 -29.17
C GLY H 88 20.60 47.94 -29.60
N LEU H 89 19.86 47.49 -30.60
CA LEU H 89 18.69 48.21 -31.10
C LEU H 89 17.42 47.84 -30.35
N ILE H 90 17.50 46.94 -29.37
CA ILE H 90 16.34 46.57 -28.56
C ILE H 90 16.76 46.42 -27.11
N ARG H 91 15.79 46.30 -26.23
CA ARG H 91 15.98 45.90 -24.85
C ARG H 91 15.41 44.51 -24.66
N MET H 92 15.48 44.00 -23.43
CA MET H 92 14.87 42.72 -23.09
C MET H 92 14.04 42.93 -21.82
N VAL H 93 12.75 42.61 -21.90
CA VAL H 93 11.87 42.76 -20.74
C VAL H 93 11.80 41.46 -19.96
N SER H 94 11.81 40.31 -20.64
CA SER H 94 11.79 39.02 -19.97
C SER H 94 12.23 37.95 -20.97
N ILE H 95 13.07 37.04 -20.50
CA ILE H 95 13.55 35.92 -21.30
C ILE H 95 13.14 34.63 -20.61
N HIS H 96 12.63 33.69 -21.40
CA HIS H 96 12.23 32.39 -20.89
C HIS H 96 12.28 31.38 -22.04
N SER H 97 12.31 30.10 -21.67
CA SER H 97 12.39 29.04 -22.67
C SER H 97 11.19 29.08 -23.62
N SER H 98 9.99 29.27 -23.08
CA SER H 98 8.78 29.27 -23.90
C SER H 98 8.56 30.62 -24.57
N GLN H 99 8.59 31.70 -23.78
CA GLN H 99 8.29 33.04 -24.26
C GLN H 99 9.48 33.95 -24.06
N GLN H 100 9.94 34.56 -25.15
CA GLN H 100 10.98 35.59 -25.11
C GLN H 100 10.31 36.92 -25.42
N ILE H 101 10.40 37.87 -24.48
CA ILE H 101 9.77 39.17 -24.62
C ILE H 101 10.86 40.22 -24.71
N PHE H 102 10.89 40.96 -25.81
CA PHE H 102 11.83 42.04 -26.02
C PHE H 102 11.06 43.32 -26.37
N THR H 103 11.67 44.45 -26.07
CA THR H 103 11.09 45.76 -26.38
C THR H 103 12.16 46.69 -26.89
N ARG H 104 11.73 47.86 -27.35
CA ARG H 104 12.64 48.84 -27.92
C ARG H 104 13.32 49.65 -26.83
N ALA H 105 14.59 49.99 -27.06
CA ALA H 105 15.30 50.90 -26.18
C ALA H 105 14.88 52.35 -26.39
N THR H 106 14.55 52.72 -27.63
CA THR H 106 14.13 54.07 -27.94
C THR H 106 12.63 54.24 -27.74
N GLN I 4 -32.36 51.91 -20.35
CA GLN I 4 -30.96 51.98 -19.86
C GLN I 4 -30.70 50.79 -18.93
N VAL I 5 -29.53 50.77 -18.30
CA VAL I 5 -29.18 49.65 -17.39
C VAL I 5 -29.53 50.05 -15.95
N LYS I 6 -30.53 49.39 -15.38
CA LYS I 6 -30.90 49.63 -13.97
C LYS I 6 -30.17 48.61 -13.11
N LEU I 7 -29.60 49.05 -12.01
CA LEU I 7 -28.94 48.11 -11.09
C LEU I 7 -29.88 47.96 -9.89
N ALA I 8 -30.33 46.74 -9.61
CA ALA I 8 -31.28 46.51 -8.51
C ALA I 8 -30.70 45.51 -7.53
N VAL I 9 -30.73 45.83 -6.24
CA VAL I 9 -30.08 44.97 -5.20
C VAL I 9 -31.08 43.92 -4.72
N VAL I 10 -30.70 42.65 -4.77
CA VAL I 10 -31.56 41.58 -4.28
C VAL I 10 -31.84 41.78 -2.80
N VAL I 11 -33.10 41.63 -2.40
CA VAL I 11 -33.49 41.78 -1.01
C VAL I 11 -34.05 40.48 -0.41
N LYS I 12 -34.67 39.63 -1.21
CA LYS I 12 -35.17 38.35 -0.73
C LYS I 12 -35.24 37.37 -1.89
N VAL I 13 -34.73 36.15 -1.65
CA VAL I 13 -34.69 35.10 -2.65
C VAL I 13 -35.83 34.13 -2.34
N MET I 14 -36.69 33.89 -3.33
CA MET I 14 -37.86 33.04 -3.13
C MET I 14 -38.02 32.09 -4.33
N GLY I 15 -37.53 30.86 -4.17
CA GLY I 15 -37.90 29.80 -5.09
C GLY I 15 -36.92 29.51 -6.21
N ARG I 16 -36.73 28.23 -6.50
CA ARG I 16 -36.01 27.78 -7.68
C ARG I 16 -37.05 27.39 -8.72
N THR I 17 -37.17 28.20 -9.77
CA THR I 17 -38.20 27.99 -10.78
C THR I 17 -37.59 27.35 -12.02
N GLY I 18 -38.46 26.99 -12.94
CA GLY I 18 -38.09 26.20 -14.10
C GLY I 18 -38.33 24.72 -13.86
N SER I 19 -38.34 23.97 -14.97
CA SER I 19 -38.52 22.53 -14.87
C SER I 19 -37.40 21.87 -14.10
N ARG I 20 -36.16 22.36 -14.26
CA ARG I 20 -34.99 21.77 -13.63
C ARG I 20 -34.43 22.62 -12.50
N GLY I 21 -35.06 23.74 -12.16
CA GLY I 21 -34.53 24.62 -11.14
C GLY I 21 -33.35 25.44 -11.59
N GLN I 22 -33.23 25.70 -12.90
CA GLN I 22 -32.08 26.42 -13.42
C GLN I 22 -32.17 27.92 -13.16
N VAL I 23 -33.30 28.42 -12.70
CA VAL I 23 -33.54 29.86 -12.58
C VAL I 23 -34.08 30.15 -11.19
N THR I 24 -33.65 31.28 -10.64
CA THR I 24 -34.07 31.71 -9.31
C THR I 24 -34.98 32.92 -9.40
N GLN I 25 -36.15 32.83 -8.78
CA GLN I 25 -37.06 33.96 -8.66
C GLN I 25 -36.67 34.78 -7.44
N VAL I 26 -36.60 36.10 -7.61
CA VAL I 26 -36.03 36.97 -6.59
C VAL I 26 -36.74 38.32 -6.58
N ARG I 27 -36.70 38.97 -5.42
CA ARG I 27 -37.22 40.32 -5.25
C ARG I 27 -36.05 41.31 -5.19
N VAL I 28 -36.18 42.43 -5.87
CA VAL I 28 -35.13 43.44 -5.93
C VAL I 28 -35.74 44.82 -5.74
N LYS I 29 -35.09 45.65 -4.91
CA LYS I 29 -35.39 47.08 -4.88
C LYS I 29 -34.33 47.81 -5.69
N PHE I 30 -34.77 48.72 -6.56
CA PHE I 30 -33.86 49.38 -7.47
C PHE I 30 -32.93 50.33 -6.72
N LEU I 31 -31.81 50.65 -7.37
CA LEU I 31 -30.77 51.50 -6.77
C LEU I 31 -31.13 52.97 -6.78
N ASP I 32 -31.88 53.43 -7.78
CA ASP I 32 -32.37 54.80 -7.81
C ASP I 32 -33.76 54.95 -7.23
N ASP I 33 -34.51 53.85 -7.09
CA ASP I 33 -35.87 53.86 -6.56
C ASP I 33 -35.98 52.73 -5.54
N GLN I 34 -35.82 53.08 -4.27
CA GLN I 34 -35.91 52.09 -3.20
C GLN I 34 -37.36 51.78 -2.86
N ASN I 35 -38.29 52.34 -3.64
CA ASN I 35 -39.70 52.03 -3.51
C ASN I 35 -40.24 51.22 -4.68
N ARG I 36 -39.38 50.79 -5.61
CA ARG I 36 -39.76 50.01 -6.78
C ARG I 36 -39.25 48.59 -6.58
N LEU I 37 -40.16 47.69 -6.19
CA LEU I 37 -39.82 46.31 -5.85
C LEU I 37 -40.39 45.38 -6.90
N ILE I 38 -39.51 44.68 -7.61
CA ILE I 38 -39.89 43.88 -8.75
C ILE I 38 -39.42 42.45 -8.55
N MET I 39 -40.19 41.49 -9.08
CA MET I 39 -39.83 40.07 -9.07
C MET I 39 -39.18 39.73 -10.41
N ARG I 40 -37.90 39.43 -10.38
CA ARG I 40 -37.18 39.05 -11.60
C ARG I 40 -36.57 37.66 -11.46
N ASN I 41 -36.32 37.03 -12.60
CA ASN I 41 -35.75 35.70 -12.67
C ASN I 41 -34.26 35.79 -12.94
N VAL I 42 -33.48 35.03 -12.17
CA VAL I 42 -32.02 35.12 -12.20
C VAL I 42 -31.44 33.76 -12.58
N LYS I 43 -30.45 33.76 -13.46
CA LYS I 43 -29.71 32.57 -13.82
C LYS I 43 -28.32 32.64 -13.20
N GLY I 44 -27.95 31.59 -12.48
CA GLY I 44 -26.69 31.57 -11.77
C GLY I 44 -26.89 31.68 -10.27
N PRO I 45 -25.86 31.34 -9.50
CA PRO I 45 -25.98 31.42 -8.05
C PRO I 45 -26.18 32.85 -7.59
N VAL I 46 -27.26 33.11 -6.86
CA VAL I 46 -27.58 34.50 -6.41
C VAL I 46 -27.91 34.47 -4.91
N ARG I 47 -27.57 35.54 -4.19
CA ARG I 47 -27.82 35.61 -2.74
C ARG I 47 -28.43 36.98 -2.41
N GLU I 48 -28.87 37.19 -1.17
CA GLU I 48 -29.54 38.47 -0.82
C GLU I 48 -28.50 39.56 -0.60
N GLY I 49 -28.40 40.49 -1.53
CA GLY I 49 -27.48 41.61 -1.44
C GLY I 49 -26.61 41.83 -2.66
N ASP I 50 -26.66 40.95 -3.66
CA ASP I 50 -25.87 41.14 -4.88
C ASP I 50 -26.69 41.94 -5.88
N ILE I 51 -26.01 42.86 -6.57
CA ILE I 51 -26.69 43.80 -7.46
C ILE I 51 -26.81 43.18 -8.84
N LEU I 52 -28.00 43.24 -9.42
CA LEU I 52 -28.27 42.72 -10.75
C LEU I 52 -28.44 43.89 -11.72
N THR I 53 -27.78 43.80 -12.87
CA THR I 53 -27.90 44.82 -13.91
C THR I 53 -29.02 44.42 -14.86
N LEU I 54 -30.25 44.60 -14.39
CA LEU I 54 -31.43 44.25 -15.19
C LEU I 54 -31.56 45.21 -16.36
N LEU I 55 -31.20 44.74 -17.56
CA LEU I 55 -31.15 45.62 -18.72
C LEU I 55 -32.51 46.22 -19.05
N GLU I 56 -33.54 45.39 -19.15
CA GLU I 56 -34.92 45.86 -19.29
C GLU I 56 -35.61 45.68 -17.93
N SER I 57 -36.10 46.78 -17.38
CA SER I 57 -36.60 46.81 -15.99
C SER I 57 -38.08 47.21 -15.99
N GLU I 58 -38.84 46.62 -16.91
CA GLU I 58 -40.28 46.90 -16.93
C GLU I 58 -41.08 45.62 -17.09
N ARG I 59 -40.44 44.56 -17.61
CA ARG I 59 -41.19 43.35 -17.96
C ARG I 59 -41.59 42.54 -16.74
N GLU I 60 -40.78 42.56 -15.69
CA GLU I 60 -40.99 41.72 -14.50
C GLU I 60 -41.14 40.26 -14.92
N ALA I 61 -41.86 39.48 -14.11
CA ALA I 61 -42.12 38.07 -14.41
C ALA I 61 -43.28 37.63 -13.54
N ARG I 62 -43.92 36.53 -13.95
CA ARG I 62 -45.02 35.96 -13.20
C ARG I 62 -44.47 35.22 -11.99
N ARG I 63 -45.05 35.47 -10.83
CA ARG I 63 -44.56 34.84 -9.60
C ARG I 63 -44.78 33.33 -9.64
N LEU I 64 -43.75 32.59 -9.25
CA LEU I 64 -43.79 31.12 -9.20
C LEU I 64 -44.21 30.53 -10.54
N ARG I 65 -43.41 30.80 -11.55
CA ARG I 65 -43.63 30.24 -12.89
C ARG I 65 -42.30 29.85 -13.54
N GLY J 2 9.88 -48.83 -23.96
CA GLY J 2 9.93 -47.89 -22.87
C GLY J 2 8.72 -46.98 -22.78
N HIS J 3 7.80 -47.33 -21.87
CA HIS J 3 6.62 -46.51 -21.63
C HIS J 3 6.80 -45.55 -20.46
N SER J 4 7.68 -45.89 -19.50
CA SER J 4 7.89 -45.02 -18.35
C SER J 4 8.61 -43.73 -18.71
N ASN J 5 9.38 -43.71 -19.79
CA ASN J 5 10.05 -42.50 -20.24
C ASN J 5 9.21 -41.67 -21.19
N VAL J 6 8.02 -42.13 -21.56
CA VAL J 6 7.09 -41.34 -22.34
C VAL J 6 5.79 -41.10 -21.57
N TRP J 7 5.77 -41.45 -20.29
CA TRP J 7 4.63 -41.20 -19.41
C TRP J 7 5.03 -40.13 -18.41
N ASN J 8 4.27 -39.03 -18.37
CA ASN J 8 4.66 -37.83 -17.63
C ASN J 8 6.02 -37.32 -18.06
N SER J 9 6.36 -37.50 -19.33
CA SER J 9 7.69 -37.17 -19.84
C SER J 9 7.85 -35.69 -20.18
N HIS J 10 6.76 -34.94 -20.26
CA HIS J 10 6.88 -33.50 -20.51
C HIS J 10 7.33 -32.81 -19.23
N PRO J 11 8.23 -31.82 -19.32
CA PRO J 11 8.73 -31.17 -18.10
C PRO J 11 7.64 -30.37 -17.39
N LYS J 12 7.60 -30.50 -16.07
CA LYS J 12 6.72 -29.69 -15.22
C LYS J 12 7.50 -28.70 -14.38
N ASN J 13 8.60 -28.15 -14.92
CA ASN J 13 9.37 -27.16 -14.17
C ASN J 13 8.53 -25.90 -13.92
N TYR J 14 7.76 -25.47 -14.90
CA TYR J 14 6.95 -24.27 -14.79
C TYR J 14 5.62 -24.50 -15.49
N GLY J 15 4.82 -23.45 -15.57
CA GLY J 15 3.52 -23.51 -16.21
C GLY J 15 2.38 -23.59 -15.22
N ALA J 16 1.19 -23.21 -15.68
CA ALA J 16 0.01 -23.30 -14.84
C ALA J 16 -0.38 -24.75 -14.57
N GLY J 17 -0.06 -25.65 -15.50
CA GLY J 17 -0.36 -27.06 -15.33
C GLY J 17 0.66 -27.80 -14.50
N SER J 18 1.32 -27.09 -13.58
CA SER J 18 2.32 -27.69 -12.71
C SER J 18 2.01 -27.33 -11.26
N ARG J 19 1.31 -26.23 -11.07
CA ARG J 19 0.96 -25.78 -9.70
C ARG J 19 -0.52 -26.04 -9.53
N VAL J 20 -0.96 -26.49 -8.38
CA VAL J 20 -2.38 -26.88 -8.23
C VAL J 20 -2.87 -26.29 -6.92
N CYS J 21 -4.17 -26.17 -6.76
CA CYS J 21 -4.66 -25.78 -5.44
C CYS J 21 -4.24 -26.85 -4.42
N ARG J 22 -3.74 -26.46 -3.27
CA ARG J 22 -3.40 -27.36 -2.17
C ARG J 22 -4.64 -27.86 -1.48
N VAL J 23 -5.79 -27.28 -1.75
CA VAL J 23 -7.07 -27.77 -1.16
C VAL J 23 -7.91 -28.54 -2.17
N CYS J 24 -7.70 -28.41 -3.48
CA CYS J 24 -8.62 -29.03 -4.46
C CYS J 24 -7.92 -29.55 -5.71
N GLY J 25 -6.73 -29.08 -6.01
CA GLY J 25 -5.99 -29.53 -7.19
C GLY J 25 -6.39 -28.83 -8.48
N ASN J 26 -7.30 -27.87 -8.43
CA ASN J 26 -7.61 -27.10 -9.64
C ASN J 26 -6.44 -26.17 -9.87
N SER J 27 -6.15 -25.88 -11.11
CA SER J 27 -5.01 -25.08 -11.52
C SER J 27 -5.40 -23.68 -12.01
N HIS J 28 -6.63 -23.24 -11.76
CA HIS J 28 -7.10 -21.95 -12.25
C HIS J 28 -7.39 -21.02 -11.08
N GLY J 29 -7.09 -19.75 -11.28
CA GLY J 29 -7.27 -18.75 -10.25
C GLY J 29 -6.47 -19.03 -9.01
N LEU J 30 -5.21 -19.41 -9.18
CA LEU J 30 -4.35 -19.84 -8.09
C LEU J 30 -3.58 -18.66 -7.53
N ILE J 31 -3.67 -18.48 -6.21
CA ILE J 31 -2.98 -17.38 -5.53
C ILE J 31 -1.66 -17.92 -5.00
N ARG J 32 -0.57 -17.60 -5.69
CA ARG J 32 0.76 -18.01 -5.27
C ARG J 32 1.40 -17.03 -4.30
N LYS J 33 0.75 -15.91 -4.01
CA LYS J 33 1.33 -14.90 -3.15
C LYS J 33 1.52 -15.44 -1.74
N TYR J 34 2.67 -15.13 -1.15
CA TYR J 34 3.06 -15.51 0.21
C TYR J 34 3.21 -17.01 0.38
N GLY J 35 3.15 -17.81 -0.68
CA GLY J 35 3.16 -19.25 -0.55
C GLY J 35 1.84 -19.86 -0.17
N LEU J 36 0.73 -19.14 -0.36
CA LEU J 36 -0.59 -19.69 -0.01
C LEU J 36 -0.91 -20.92 -0.85
N MET J 37 -0.76 -20.85 -2.15
CA MET J 37 -1.00 -22.01 -3.03
C MET J 37 -2.45 -22.48 -2.98
N CYS J 38 -3.39 -21.57 -2.71
CA CYS J 38 -4.83 -21.88 -2.72
C CYS J 38 -5.39 -21.25 -3.99
N CYS J 39 -6.54 -21.71 -4.44
CA CYS J 39 -7.19 -21.12 -5.62
C CYS J 39 -8.00 -19.92 -5.11
N ARG J 40 -8.53 -19.09 -5.96
CA ARG J 40 -9.27 -17.90 -5.47
C ARG J 40 -10.45 -18.33 -4.61
N GLN J 41 -11.27 -19.28 -5.08
CA GLN J 41 -12.50 -19.77 -4.42
C GLN J 41 -12.19 -20.43 -3.09
N CYS J 42 -11.19 -21.27 -3.09
CA CYS J 42 -10.78 -21.98 -1.87
C CYS J 42 -10.19 -20.99 -0.86
N PHE J 43 -9.40 -20.01 -1.31
CA PHE J 43 -8.89 -19.02 -0.33
C PHE J 43 -10.05 -18.20 0.22
N ARG J 44 -11.05 -17.90 -0.61
CA ARG J 44 -12.13 -17.02 -0.15
C ARG J 44 -12.87 -17.81 0.94
N SER J 45 -13.01 -19.12 0.74
CA SER J 45 -13.62 -19.95 1.80
C SER J 45 -12.76 -20.13 3.05
N ASP J 46 -11.44 -20.28 2.94
CA ASP J 46 -10.62 -20.62 4.13
C ASP J 46 -9.91 -19.40 4.67
N ALA J 47 -10.18 -18.24 4.07
CA ALA J 47 -9.41 -17.06 4.46
C ALA J 47 -9.49 -16.78 5.96
N LYS J 48 -10.67 -16.95 6.54
CA LYS J 48 -10.81 -16.71 7.97
C LYS J 48 -9.94 -17.66 8.79
N ASP J 49 -9.89 -18.93 8.39
CA ASP J 49 -9.02 -19.88 9.08
C ASP J 49 -7.56 -19.54 8.87
N ILE J 50 -7.17 -19.17 7.65
CA ILE J 50 -5.79 -18.80 7.37
C ILE J 50 -5.39 -17.54 8.14
N GLY J 51 -6.33 -16.68 8.46
CA GLY J 51 -6.08 -15.51 9.25
C GLY J 51 -6.17 -14.18 8.54
N PHE J 52 -6.87 -14.11 7.41
CA PHE J 52 -7.04 -12.87 6.66
C PHE J 52 -8.38 -12.26 7.02
N ILE J 53 -8.35 -11.05 7.56
CA ILE J 53 -9.54 -10.36 8.04
C ILE J 53 -9.85 -9.21 7.10
N LYS J 54 -11.13 -9.05 6.78
CA LYS J 54 -11.59 -7.95 5.95
C LYS J 54 -11.91 -6.75 6.83
N TYR J 55 -11.14 -5.68 6.68
CA TYR J 55 -11.43 -4.41 7.33
C TYR J 55 -11.89 -3.33 6.38
N ARG J 56 -11.50 -3.39 5.12
CA ARG J 56 -11.85 -2.38 4.13
C ARG J 56 -11.98 -3.03 2.75
N GLU K 6 -13.27 50.69 49.82
CA GLU K 6 -14.66 50.56 50.24
C GLU K 6 -15.53 50.07 49.08
N SER K 7 -15.04 50.27 47.87
CA SER K 7 -15.77 49.87 46.67
C SER K 7 -14.77 49.56 45.57
N LEU K 8 -15.25 48.92 44.50
CA LEU K 8 -14.42 48.52 43.38
C LEU K 8 -14.97 49.12 42.10
N VAL K 9 -14.06 49.45 41.18
CA VAL K 9 -14.41 50.04 39.89
C VAL K 9 -13.71 49.24 38.81
N TYR K 10 -14.28 49.28 37.60
CA TYR K 10 -13.74 48.50 36.48
C TYR K 10 -12.46 49.16 36.00
N ALA K 11 -11.32 48.67 36.51
CA ALA K 11 -10.02 49.20 36.11
C ALA K 11 -9.72 48.95 34.65
N GLY K 12 -9.99 47.75 34.17
CA GLY K 12 -9.70 47.41 32.79
C GLY K 12 -9.95 45.95 32.53
N VAL K 13 -9.71 45.55 31.28
CA VAL K 13 -9.91 44.18 30.84
C VAL K 13 -8.70 43.74 30.03
N MET K 14 -8.28 42.49 30.20
CA MET K 14 -7.22 41.89 29.41
C MET K 14 -7.74 40.62 28.75
N ARG K 15 -7.39 40.44 27.48
CA ARG K 15 -7.81 39.26 26.71
C ARG K 15 -6.58 38.52 26.23
N GLY K 16 -6.33 37.35 26.81
CA GLY K 16 -5.22 36.53 26.39
C GLY K 16 -5.58 35.06 26.20
N HIS K 17 -6.78 34.70 26.63
CA HIS K 17 -7.28 33.35 26.50
C HIS K 17 -8.52 33.34 25.61
N ASN K 18 -8.61 32.32 24.74
CA ASN K 18 -9.69 32.22 23.77
C ASN K 18 -10.80 31.31 24.24
N ASP K 19 -10.77 30.90 25.51
CA ASP K 19 -11.76 29.98 26.04
C ASP K 19 -11.70 30.16 27.55
N VAL K 20 -12.64 29.52 28.27
CA VAL K 20 -12.94 29.80 29.66
C VAL K 20 -11.68 29.86 30.53
N VAL K 21 -11.44 31.00 31.16
CA VAL K 21 -10.35 31.12 32.12
C VAL K 21 -10.74 30.40 33.41
N THR K 22 -9.89 29.47 33.85
CA THR K 22 -10.24 28.58 34.94
C THR K 22 -9.64 28.97 36.28
N ALA K 23 -8.47 29.61 36.31
CA ALA K 23 -7.85 29.99 37.57
C ALA K 23 -6.93 31.17 37.35
N ILE K 24 -6.74 31.96 38.40
CA ILE K 24 -5.82 33.09 38.38
C ILE K 24 -5.02 33.10 39.67
N ALA K 25 -3.73 32.81 39.58
CA ALA K 25 -2.84 32.86 40.73
C ALA K 25 -2.10 34.20 40.76
N THR K 26 -1.87 34.71 41.98
CA THR K 26 -1.19 35.97 42.15
C THR K 26 0.05 35.79 43.01
N PRO K 27 1.15 36.48 42.67
CA PRO K 27 2.36 36.41 43.51
C PRO K 27 2.11 36.85 44.94
N ILE K 28 2.70 36.14 45.90
CA ILE K 28 2.56 36.50 47.30
C ILE K 28 3.33 37.76 47.68
N ASP K 29 4.35 38.12 46.90
CA ASP K 29 5.23 39.25 47.21
C ASP K 29 4.88 40.50 46.41
N ASN K 30 3.64 40.60 45.93
CA ASN K 30 3.17 41.78 45.19
C ASN K 30 4.00 42.05 43.95
N SER K 31 4.50 40.99 43.32
CA SER K 31 5.21 41.13 42.06
C SER K 31 4.25 41.61 40.98
N PRO K 32 4.73 42.39 40.02
CA PRO K 32 3.80 42.98 39.04
C PRO K 32 3.49 42.05 37.87
N PHE K 33 3.07 40.83 38.19
CA PHE K 33 2.55 39.91 37.19
C PHE K 33 1.46 39.06 37.84
N ILE K 34 0.70 38.36 36.99
CA ILE K 34 -0.24 37.35 37.44
C ILE K 34 -0.15 36.16 36.51
N VAL K 35 -0.63 35.01 37.00
CA VAL K 35 -0.66 33.77 36.22
C VAL K 35 -2.11 33.32 36.12
N SER K 36 -2.54 33.04 34.89
CA SER K 36 -3.93 32.65 34.64
C SER K 36 -3.96 31.40 33.76
N SER K 37 -4.82 30.46 34.14
CA SER K 37 -5.06 29.26 33.36
C SER K 37 -6.38 29.38 32.61
N SER K 38 -6.55 28.51 31.61
CA SER K 38 -7.75 28.52 30.80
C SER K 38 -8.03 27.11 30.30
N ARG K 39 -9.21 26.93 29.71
CA ARG K 39 -9.56 25.71 29.02
C ARG K 39 -8.96 25.64 27.62
N ASP K 40 -7.97 26.49 27.32
CA ASP K 40 -7.19 26.38 26.10
C ASP K 40 -5.87 25.64 26.32
N LYS K 41 -5.74 24.94 27.45
CA LYS K 41 -4.63 24.04 27.77
C LYS K 41 -3.32 24.78 27.99
N SER K 42 -3.36 26.06 28.33
CA SER K 42 -2.14 26.85 28.48
C SER K 42 -2.23 27.71 29.73
N LEU K 43 -1.05 28.02 30.28
CA LEU K 43 -0.88 29.04 31.30
C LEU K 43 -0.37 30.32 30.63
N LEU K 44 -0.67 31.46 31.25
CA LEU K 44 -0.24 32.75 30.72
C LEU K 44 0.21 33.65 31.85
N VAL K 45 1.43 34.17 31.73
CA VAL K 45 1.95 35.15 32.66
C VAL K 45 1.73 36.54 32.06
N TRP K 46 1.18 37.45 32.86
CA TRP K 46 0.80 38.77 32.38
C TRP K 46 1.80 39.82 32.86
N ASP K 47 2.27 40.64 31.94
CA ASP K 47 3.10 41.78 32.30
C ASP K 47 2.20 42.89 32.85
N LEU K 48 2.28 43.12 34.16
CA LEU K 48 1.42 44.07 34.85
C LEU K 48 2.24 45.24 35.39
N THR K 49 3.32 45.59 34.71
CA THR K 49 4.17 46.69 35.13
C THR K 49 3.63 48.05 34.71
N ASN K 50 3.00 48.13 33.53
CA ASN K 50 2.43 49.38 33.01
C ASN K 50 0.95 49.16 32.73
N PRO K 51 0.08 49.26 33.74
CA PRO K 51 -1.35 49.03 33.51
C PRO K 51 -2.06 50.24 32.91
N ILE K 52 -2.63 50.08 31.72
CA ILE K 52 -3.41 51.13 31.09
C ILE K 52 -4.82 51.10 31.65
N GLN K 53 -5.14 52.08 32.50
CA GLN K 53 -6.49 52.17 33.12
C GLN K 53 -7.53 52.43 32.04
N ALA K 54 -8.77 51.98 32.26
CA ALA K 54 -9.84 52.11 31.24
C ALA K 54 -10.11 53.59 30.92
N THR K 55 -10.15 53.94 29.63
CA THR K 55 -10.44 55.33 29.22
C THR K 55 -11.81 55.36 28.54
N GLN K 56 -12.45 54.21 28.39
CA GLN K 56 -13.76 54.13 27.68
C GLN K 56 -13.54 54.53 26.21
N ASP K 57 -12.28 54.57 25.78
CA ASP K 57 -11.97 54.88 24.35
C ASP K 57 -12.05 53.58 23.55
N SER K 58 -12.41 52.46 24.21
CA SER K 58 -12.56 51.15 23.51
C SER K 58 -11.21 50.68 22.95
N SER K 59 -10.23 50.43 23.81
CA SER K 59 -8.91 49.92 23.36
C SER K 59 -8.02 49.64 24.58
N SER K 60 -6.71 49.48 24.37
CA SER K 60 -5.74 49.30 25.49
C SER K 60 -5.82 47.89 26.08
N GLU K 61 -5.18 47.68 27.23
CA GLU K 61 -5.13 46.34 27.86
C GLU K 61 -4.56 46.50 29.28
N TYR K 62 -5.36 46.27 30.31
CA TYR K 62 -4.81 46.55 31.62
C TYR K 62 -3.46 45.86 31.79
N GLY K 63 -3.19 44.86 30.95
CA GLY K 63 -1.94 44.14 31.03
C GLY K 63 -1.59 43.53 29.70
N VAL K 64 -0.33 43.12 29.58
CA VAL K 64 0.20 42.52 28.36
C VAL K 64 0.51 41.06 28.66
N PRO K 65 0.09 40.13 27.82
CA PRO K 65 0.53 38.73 27.99
C PRO K 65 2.03 38.63 27.74
N PHE K 66 2.74 38.11 28.73
CA PHE K 66 4.20 38.06 28.66
C PHE K 66 4.73 36.72 28.18
N ARG K 67 4.32 35.63 28.82
CA ARG K 67 4.86 34.31 28.51
C ARG K 67 3.75 33.27 28.57
N ARG K 68 3.65 32.45 27.52
CA ARG K 68 2.71 31.34 27.48
C ARG K 68 3.39 30.04 27.90
N LEU K 69 2.62 29.18 28.55
CA LEU K 69 3.12 27.90 29.04
C LEU K 69 2.24 26.81 28.44
N THR K 70 2.70 26.18 27.37
CA THR K 70 1.93 25.19 26.63
C THR K 70 2.64 23.84 26.74
N GLY K 71 2.36 23.12 27.83
CA GLY K 71 2.89 21.79 28.01
C GLY K 71 1.81 20.75 28.27
N HIS K 72 0.68 21.19 28.82
CA HIS K 72 -0.39 20.27 29.16
C HIS K 72 -1.14 19.80 27.92
N GLY K 73 -1.76 18.62 28.02
CA GLY K 73 -2.48 18.02 26.93
C GLY K 73 -3.98 18.24 26.94
N HIS K 74 -4.55 18.74 28.04
CA HIS K 74 -5.97 19.04 28.09
C HIS K 74 -6.18 20.23 29.01
N PHE K 75 -7.45 20.60 29.19
CA PHE K 75 -7.84 21.82 29.90
C PHE K 75 -7.09 22.01 31.22
N VAL K 76 -6.40 23.13 31.36
CA VAL K 76 -5.78 23.49 32.63
C VAL K 76 -6.84 24.09 33.53
N GLN K 77 -6.93 23.60 34.76
CA GLN K 77 -8.05 23.98 35.62
C GLN K 77 -7.65 24.75 36.87
N ASP K 78 -6.47 24.52 37.42
CA ASP K 78 -6.06 25.23 38.64
C ASP K 78 -4.56 25.40 38.64
N VAL K 79 -4.09 26.63 38.89
CA VAL K 79 -2.68 26.94 39.01
C VAL K 79 -2.46 27.71 40.31
N VAL K 80 -1.45 27.32 41.06
CA VAL K 80 -1.03 28.02 42.28
C VAL K 80 0.44 28.35 42.16
N LEU K 81 0.79 29.59 42.50
CA LEU K 81 2.18 30.03 42.42
C LEU K 81 2.95 29.61 43.67
N SER K 82 4.27 29.57 43.52
CA SER K 82 5.17 29.25 44.62
C SER K 82 5.37 30.46 45.51
N SER K 83 5.87 30.20 46.73
CA SER K 83 6.16 31.29 47.65
C SER K 83 7.25 32.20 47.10
N ASP K 84 8.26 31.63 46.45
CA ASP K 84 9.28 32.44 45.80
C ASP K 84 8.68 33.26 44.66
N GLY K 85 7.80 32.64 43.88
CA GLY K 85 7.18 33.28 42.74
C GLY K 85 7.74 32.89 41.39
N GLN K 86 8.84 32.16 41.34
CA GLN K 86 9.40 31.70 40.07
C GLN K 86 8.80 30.38 39.60
N PHE K 87 8.01 29.70 40.42
CA PHE K 87 7.48 28.39 40.09
C PHE K 87 5.96 28.39 40.13
N ALA K 88 5.36 27.64 39.22
CA ALA K 88 3.92 27.47 39.14
C ALA K 88 3.57 25.99 39.09
N LEU K 89 2.42 25.65 39.66
CA LEU K 89 1.91 24.28 39.65
C LEU K 89 0.52 24.28 39.05
N SER K 90 0.38 23.70 37.87
CA SER K 90 -0.86 23.75 37.10
C SER K 90 -1.46 22.35 37.00
N GLY K 91 -2.63 22.15 37.61
CA GLY K 91 -3.36 20.91 37.43
C GLY K 91 -4.20 20.96 36.17
N SER K 92 -4.21 19.87 35.42
CA SER K 92 -4.91 19.80 34.15
C SER K 92 -5.84 18.60 34.12
N TRP K 93 -6.80 18.64 33.17
CA TRP K 93 -7.75 17.55 33.00
C TRP K 93 -7.11 16.31 32.40
N ASP K 94 -5.89 16.42 31.86
CA ASP K 94 -5.20 15.27 31.29
C ASP K 94 -4.70 14.33 32.39
N GLY K 95 -4.81 14.76 33.65
CA GLY K 95 -4.55 13.89 34.78
C GLY K 95 -3.24 14.14 35.50
N GLU K 96 -2.37 15.00 34.99
CA GLU K 96 -1.07 15.24 35.60
C GLU K 96 -1.00 16.64 36.19
N LEU K 97 0.03 16.83 37.02
CA LEU K 97 0.41 18.14 37.52
C LEU K 97 1.78 18.49 36.96
N ARG K 98 1.94 19.74 36.52
CA ARG K 98 3.21 20.21 36.02
C ARG K 98 3.74 21.34 36.90
N LEU K 99 5.05 21.34 37.11
CA LEU K 99 5.74 22.40 37.83
C LEU K 99 6.54 23.20 36.80
N TRP K 100 6.20 24.48 36.66
CA TRP K 100 6.78 25.34 35.63
C TRP K 100 7.72 26.34 36.24
N ASP K 101 8.91 26.47 35.66
CA ASP K 101 9.81 27.57 35.97
C ASP K 101 9.33 28.77 35.15
N LEU K 102 8.75 29.77 35.84
CA LEU K 102 8.16 30.89 35.13
C LEU K 102 9.19 31.69 34.35
N SER K 103 10.44 31.74 34.83
CA SER K 103 11.47 32.47 34.12
C SER K 103 11.76 31.84 32.76
N THR K 104 12.00 30.53 32.74
CA THR K 104 12.27 29.83 31.48
C THR K 104 10.99 29.56 30.72
N GLY K 105 10.02 28.93 31.39
CA GLY K 105 8.75 28.59 30.77
C GLY K 105 8.56 27.12 30.44
N VAL K 106 9.39 26.23 30.98
CA VAL K 106 9.31 24.81 30.68
C VAL K 106 8.94 24.05 31.96
N THR K 107 8.45 22.83 31.77
CA THR K 107 8.08 21.98 32.88
C THR K 107 9.32 21.46 33.59
N THR K 108 9.30 21.50 34.92
CA THR K 108 10.38 20.95 35.72
C THR K 108 10.07 19.60 36.35
N ARG K 109 8.79 19.27 36.53
CA ARG K 109 8.42 17.98 37.11
C ARG K 109 6.96 17.68 36.78
N ARG K 110 6.72 16.53 36.15
CA ARG K 110 5.37 16.03 35.95
C ARG K 110 4.98 15.14 37.11
N PHE K 111 3.72 15.26 37.54
CA PHE K 111 3.21 14.52 38.69
C PHE K 111 2.17 13.53 38.19
N VAL K 112 2.58 12.28 38.01
CA VAL K 112 1.70 11.24 37.50
C VAL K 112 1.15 10.42 38.66
N GLY K 113 -0.04 9.87 38.48
CA GLY K 113 -0.69 9.11 39.53
C GLY K 113 -2.20 9.29 39.59
N HIS K 114 -2.69 10.42 39.09
CA HIS K 114 -4.13 10.64 38.99
C HIS K 114 -4.64 10.02 37.70
N GLU K 115 -5.69 9.21 37.82
CA GLU K 115 -6.26 8.54 36.66
C GLU K 115 -7.27 9.40 35.92
N LYS K 116 -7.94 10.32 36.61
CA LYS K 116 -8.95 11.17 36.01
C LYS K 116 -8.52 12.63 36.04
N ASP K 117 -9.40 13.50 35.55
CA ASP K 117 -9.09 14.92 35.42
C ASP K 117 -8.81 15.55 36.78
N VAL K 118 -7.66 16.23 36.88
CA VAL K 118 -7.33 16.95 38.11
C VAL K 118 -8.09 18.25 38.16
N LEU K 119 -8.64 18.57 39.33
CA LEU K 119 -9.50 19.73 39.48
C LEU K 119 -8.90 20.85 40.32
N SER K 120 -8.17 20.52 41.38
CA SER K 120 -7.65 21.55 42.29
C SER K 120 -6.25 21.19 42.74
N VAL K 121 -5.37 22.19 42.78
CA VAL K 121 -4.03 22.04 43.29
C VAL K 121 -3.83 23.06 44.41
N ALA K 122 -2.84 22.78 45.27
CA ALA K 122 -2.53 23.69 46.37
C ALA K 122 -1.15 23.44 46.94
N PHE K 123 -0.29 24.47 46.92
CA PHE K 123 0.99 24.41 47.59
C PHE K 123 0.81 24.55 49.09
N SER K 124 1.72 23.95 49.85
CA SER K 124 1.73 24.14 51.29
C SER K 124 2.20 25.54 51.63
N ILE K 125 2.12 25.92 52.91
CA ILE K 125 2.59 27.23 53.33
C ILE K 125 4.09 27.39 53.16
N ASP K 126 4.82 26.27 53.09
CA ASP K 126 6.27 26.29 52.95
C ASP K 126 6.75 25.60 51.68
N ASN K 127 5.85 25.34 50.73
CA ASN K 127 6.21 24.84 49.40
C ASN K 127 6.95 23.50 49.47
N ARG K 128 6.67 22.71 50.50
CA ARG K 128 7.31 21.40 50.65
C ARG K 128 6.40 20.27 50.17
N GLN K 129 5.10 20.38 50.41
CA GLN K 129 4.14 19.36 50.02
C GLN K 129 3.19 19.93 48.96
N ILE K 130 2.65 19.03 48.15
CA ILE K 130 1.71 19.38 47.09
C ILE K 130 0.49 18.47 47.23
N VAL K 131 -0.70 19.05 47.19
CA VAL K 131 -1.95 18.31 47.23
C VAL K 131 -2.71 18.58 45.95
N SER K 132 -3.34 17.54 45.40
CA SER K 132 -4.16 17.67 44.21
C SER K 132 -5.50 16.99 44.42
N ALA K 133 -6.50 17.47 43.70
CA ALA K 133 -7.83 16.91 43.74
C ALA K 133 -8.25 16.58 42.32
N SER K 134 -8.92 15.43 42.16
CA SER K 134 -9.22 14.92 40.84
C SER K 134 -10.65 14.39 40.84
N ARG K 135 -11.08 13.90 39.67
CA ARG K 135 -12.37 13.27 39.51
C ARG K 135 -12.37 11.82 39.98
N ASP K 136 -11.20 11.28 40.32
CA ASP K 136 -11.07 9.93 40.86
C ASP K 136 -11.50 9.84 42.32
N ARG K 137 -12.06 10.91 42.89
CA ARG K 137 -12.57 10.92 44.26
C ARG K 137 -11.48 10.73 45.30
N THR K 138 -10.23 11.05 44.95
CA THR K 138 -9.11 10.88 45.87
C THR K 138 -8.34 12.18 46.00
N ILE K 139 -7.75 12.37 47.17
CA ILE K 139 -6.89 13.50 47.47
C ILE K 139 -5.47 12.97 47.60
N LYS K 140 -4.57 13.44 46.75
CA LYS K 140 -3.21 12.93 46.67
C LYS K 140 -2.22 13.96 47.19
N LEU K 141 -1.38 13.55 48.14
CA LEU K 141 -0.31 14.38 48.66
C LEU K 141 1.00 14.03 47.95
N TRP K 142 1.76 15.05 47.58
CA TRP K 142 2.97 14.86 46.78
C TRP K 142 4.15 15.54 47.46
N ASN K 143 5.34 15.30 46.91
CA ASN K 143 6.54 16.06 47.20
C ASN K 143 6.91 16.93 46.01
N THR K 144 7.92 17.75 46.21
CA THR K 144 8.46 18.50 45.09
C THR K 144 9.33 17.65 44.18
N LEU K 145 9.35 16.34 44.39
CA LEU K 145 10.13 15.40 43.60
C LEU K 145 9.22 14.43 42.84
N GLY K 146 7.94 14.79 42.73
CA GLY K 146 7.01 13.99 41.94
C GLY K 146 6.68 12.63 42.51
N GLU K 147 6.81 12.45 43.82
CA GLU K 147 6.49 11.19 44.47
C GLU K 147 5.21 11.35 45.26
N CYS K 148 4.29 10.39 45.11
CA CYS K 148 2.96 10.49 45.69
C CYS K 148 2.96 9.89 47.10
N LYS K 149 2.69 10.73 48.08
CA LYS K 149 2.47 10.30 49.46
C LYS K 149 1.04 9.79 49.62
N TYR K 150 0.58 9.71 50.87
CA TYR K 150 -0.76 9.23 51.21
C TYR K 150 -1.83 9.79 50.27
N THR K 151 -2.85 8.98 49.98
CA THR K 151 -3.73 9.20 48.85
C THR K 151 -5.19 9.15 49.30
N ILE K 152 -5.48 9.90 50.36
CA ILE K 152 -6.82 10.13 50.90
C ILE K 152 -7.98 9.83 49.94
N GLY K 161 -12.91 8.87 53.16
CA GLY K 161 -12.74 9.49 51.85
C GLY K 161 -14.03 10.04 51.28
N HIS K 162 -13.92 10.75 50.16
CA HIS K 162 -15.08 11.31 49.50
C HIS K 162 -15.72 10.27 48.59
N THR K 163 -16.96 10.55 48.20
CA THR K 163 -17.73 9.70 47.29
C THR K 163 -18.15 10.46 46.05
N GLY K 164 -17.24 11.25 45.50
CA GLY K 164 -17.51 12.06 44.33
C GLY K 164 -16.31 12.89 43.97
N TRP K 165 -16.45 13.63 42.87
CA TRP K 165 -15.38 14.50 42.42
C TRP K 165 -14.96 15.47 43.52
N VAL K 166 -13.74 15.32 44.01
CA VAL K 166 -13.19 16.30 44.94
C VAL K 166 -12.85 17.55 44.14
N SER K 167 -13.72 18.56 44.24
CA SER K 167 -13.58 19.76 43.37
C SER K 167 -12.52 20.74 43.89
N CYS K 168 -12.34 20.81 45.20
CA CYS K 168 -11.41 21.84 45.74
C CYS K 168 -10.70 21.29 46.96
N VAL K 169 -9.46 21.74 47.18
CA VAL K 169 -8.69 21.32 48.38
C VAL K 169 -7.75 22.49 48.70
N ARG K 170 -8.02 23.21 49.79
CA ARG K 170 -7.20 24.40 50.12
C ARG K 170 -6.41 24.11 51.40
N PHE K 171 -5.13 24.50 51.42
CA PHE K 171 -4.28 24.30 52.62
C PHE K 171 -4.61 25.35 53.67
N SER K 172 -5.11 24.93 54.83
CA SER K 172 -5.35 25.86 55.94
C SER K 172 -4.12 26.71 56.16
N PRO K 173 -4.25 28.05 56.16
CA PRO K 173 -3.06 28.91 56.25
C PRO K 173 -2.46 28.99 57.65
N ASN K 174 -2.90 28.11 58.55
CA ASN K 174 -2.43 28.10 59.92
C ASN K 174 -1.58 26.85 60.18
N ASN K 175 -0.63 26.96 61.11
CA ASN K 175 0.44 25.98 61.23
C ASN K 175 0.35 25.11 62.48
N PHE K 176 -0.62 25.34 63.36
CA PHE K 176 -0.66 24.55 64.60
C PHE K 176 -0.93 23.09 64.28
N ALA K 177 -1.68 22.84 63.21
CA ALA K 177 -1.96 21.52 62.68
C ALA K 177 -2.31 21.65 61.21
N PRO K 178 -1.35 21.45 60.30
CA PRO K 178 -1.63 21.56 58.86
C PRO K 178 -2.89 20.82 58.45
N THR K 179 -3.80 21.52 57.78
CA THR K 179 -5.12 20.99 57.45
C THR K 179 -5.44 21.30 55.99
N ILE K 180 -6.04 20.33 55.31
CA ILE K 180 -6.52 20.50 53.96
C ILE K 180 -8.03 20.30 53.95
N VAL K 181 -8.76 21.30 53.49
CA VAL K 181 -10.21 21.23 53.34
C VAL K 181 -10.49 20.45 52.06
N SER K 182 -11.74 20.07 51.84
CA SER K 182 -12.09 19.39 50.59
C SER K 182 -13.57 19.49 50.28
N GLY K 183 -13.90 20.12 49.16
CA GLY K 183 -15.28 20.20 48.69
C GLY K 183 -15.46 19.24 47.52
N SER K 184 -16.58 18.52 47.53
CA SER K 184 -16.81 17.45 46.58
C SER K 184 -18.20 17.54 45.99
N TRP K 185 -18.38 16.87 44.85
CA TRP K 185 -19.68 16.73 44.22
C TRP K 185 -20.59 15.75 44.94
N ASP K 186 -20.10 15.19 46.04
CA ASP K 186 -20.93 14.39 46.94
C ASP K 186 -21.66 15.25 47.95
N ARG K 187 -21.64 16.57 47.80
CA ARG K 187 -22.35 17.51 48.66
C ARG K 187 -21.86 17.41 50.11
N SER K 188 -20.57 17.64 50.28
CA SER K 188 -19.96 17.60 51.61
C SER K 188 -18.68 18.41 51.60
N VAL K 189 -18.25 18.81 52.80
CA VAL K 189 -16.98 19.49 53.02
C VAL K 189 -16.26 18.75 54.13
N LYS K 190 -15.03 18.32 53.88
CA LYS K 190 -14.31 17.47 54.81
C LYS K 190 -13.00 18.14 55.23
N VAL K 191 -12.68 18.02 56.52
CA VAL K 191 -11.50 18.62 57.11
C VAL K 191 -10.50 17.50 57.40
N TRP K 192 -9.40 17.48 56.64
CA TRP K 192 -8.41 16.37 56.79
C TRP K 192 -7.21 16.84 57.61
N ASN K 193 -6.80 16.05 58.61
CA ASN K 193 -5.58 16.39 59.39
C ASN K 193 -4.37 15.92 58.59
N LEU K 194 -3.52 16.84 58.15
CA LEU K 194 -2.38 16.46 57.28
C LEU K 194 -1.39 15.60 58.06
N THR K 195 -1.20 15.88 59.36
CA THR K 195 -0.20 15.14 60.16
C THR K 195 -0.45 13.63 60.04
N ASN K 196 -1.70 13.19 60.21
CA ASN K 196 -2.02 11.74 60.15
C ASN K 196 -2.69 11.43 58.80
N CYS K 197 -2.93 12.46 57.99
CA CYS K 197 -3.62 12.26 56.69
C CYS K 197 -4.94 11.53 56.92
N LYS K 198 -5.53 11.72 58.10
CA LYS K 198 -6.86 11.11 58.40
C LYS K 198 -7.93 12.18 58.25
N LEU K 199 -9.08 12.01 58.91
CA LEU K 199 -10.19 12.99 58.80
C LEU K 199 -10.51 13.57 60.17
N ARG K 200 -11.12 14.75 60.20
CA ARG K 200 -11.51 15.39 61.45
C ARG K 200 -13.01 15.62 61.54
N CYS K 201 -13.58 16.37 60.59
CA CYS K 201 -14.99 16.73 60.65
C CYS K 201 -15.56 16.81 59.25
N THR K 202 -16.70 16.15 59.04
CA THR K 202 -17.40 16.21 57.76
C THR K 202 -18.44 17.32 57.87
N LEU K 203 -18.14 18.47 57.27
CA LEU K 203 -19.03 19.62 57.29
C LEU K 203 -20.07 19.45 56.19
N ASP K 204 -21.26 18.99 56.56
CA ASP K 204 -22.33 18.72 55.62
C ASP K 204 -23.45 19.73 55.78
N GLY K 205 -24.33 19.80 54.78
CA GLY K 205 -25.44 20.74 54.81
C GLY K 205 -25.74 21.37 53.47
N HIS K 206 -24.95 21.05 52.46
CA HIS K 206 -25.16 21.58 51.12
C HIS K 206 -26.27 20.81 50.41
N GLY K 207 -26.92 21.50 49.47
CA GLY K 207 -27.96 20.90 48.67
C GLY K 207 -27.55 20.66 47.24
N GLY K 208 -26.25 20.79 46.97
CA GLY K 208 -25.71 20.58 45.65
C GLY K 208 -24.22 20.37 45.73
N TYR K 209 -23.61 20.13 44.58
CA TYR K 209 -22.17 19.86 44.54
C TYR K 209 -21.39 21.08 45.01
N VAL K 210 -20.37 20.84 45.83
CA VAL K 210 -19.56 21.93 46.39
C VAL K 210 -18.44 22.19 45.39
N SER K 211 -18.69 23.12 44.49
CA SER K 211 -17.74 23.45 43.43
C SER K 211 -16.66 24.43 43.86
N ALA K 212 -16.71 24.94 45.08
CA ALA K 212 -15.72 25.91 45.53
C ALA K 212 -15.67 26.03 47.06
N VAL K 213 -14.47 25.99 47.63
CA VAL K 213 -14.26 26.24 49.04
C VAL K 213 -13.19 27.32 49.18
N ALA K 214 -13.20 27.97 50.34
CA ALA K 214 -12.23 29.03 50.62
C ALA K 214 -12.03 29.12 52.12
N VAL K 215 -10.80 29.44 52.53
CA VAL K 215 -10.43 29.56 53.94
C VAL K 215 -9.94 30.97 54.19
N SER K 216 -10.41 31.57 55.29
CA SER K 216 -9.98 32.92 55.63
C SER K 216 -8.49 32.92 55.95
N PRO K 217 -7.80 34.02 55.69
CA PRO K 217 -6.35 34.08 55.95
C PRO K 217 -5.96 33.69 57.37
N ASP K 218 -6.76 34.04 58.37
CA ASP K 218 -6.46 33.67 59.75
C ASP K 218 -6.63 32.19 60.02
N GLY K 219 -7.22 31.43 59.09
CA GLY K 219 -7.34 30.00 59.25
C GLY K 219 -8.46 29.57 60.18
N SER K 220 -9.51 30.37 60.31
CA SER K 220 -10.63 30.07 61.18
C SER K 220 -11.93 29.83 60.41
N LEU K 221 -12.33 30.75 59.54
CA LEU K 221 -13.56 30.59 58.78
C LEU K 221 -13.27 29.89 57.45
N CYS K 222 -14.14 28.95 57.10
CA CYS K 222 -14.04 28.21 55.84
C CYS K 222 -15.32 28.43 55.06
N ALA K 223 -15.18 28.91 53.83
CA ALA K 223 -16.33 29.16 52.96
C ALA K 223 -16.55 27.98 52.04
N SER K 224 -17.81 27.77 51.67
CA SER K 224 -18.19 26.63 50.84
C SER K 224 -19.43 26.99 50.03
N GLY K 225 -19.35 26.79 48.71
CA GLY K 225 -20.45 27.10 47.83
C GLY K 225 -20.50 26.12 46.67
N GLY K 226 -21.52 26.29 45.82
CA GLY K 226 -21.69 25.42 44.68
C GLY K 226 -23.09 25.44 44.10
N LYS K 227 -23.63 24.24 43.84
CA LYS K 227 -24.90 24.15 43.11
C LYS K 227 -26.06 24.74 43.91
N ASP K 228 -26.03 24.58 45.23
CA ASP K 228 -27.13 25.06 46.06
C ASP K 228 -27.34 26.56 45.93
N GLY K 229 -26.31 27.31 45.56
CA GLY K 229 -26.43 28.74 45.47
C GLY K 229 -26.34 29.48 46.79
N VAL K 230 -26.12 28.76 47.89
CA VAL K 230 -26.02 29.35 49.22
C VAL K 230 -24.63 29.06 49.76
N THR K 231 -23.92 30.12 50.16
CA THR K 231 -22.56 30.00 50.67
C THR K 231 -22.61 29.80 52.17
N LEU K 232 -22.32 28.58 52.62
CA LEU K 232 -22.27 28.27 54.05
C LEU K 232 -20.85 28.49 54.55
N LEU K 233 -20.70 29.41 55.50
CA LEU K 233 -19.39 29.71 56.08
C LEU K 233 -19.30 29.03 57.44
N TRP K 234 -18.46 27.99 57.52
CA TRP K 234 -18.24 27.27 58.75
C TRP K 234 -16.94 27.74 59.41
N ASP K 235 -16.64 27.17 60.58
CA ASP K 235 -15.41 27.41 61.29
C ASP K 235 -14.62 26.10 61.34
N LEU K 236 -13.39 26.13 60.84
CA LEU K 236 -12.60 24.89 60.78
C LEU K 236 -12.30 24.36 62.16
N THR K 237 -11.99 25.23 63.11
CA THR K 237 -11.53 24.78 64.43
C THR K 237 -12.63 24.01 65.15
N GLU K 238 -13.87 24.50 65.11
CA GLU K 238 -14.97 23.87 65.82
C GLU K 238 -15.83 22.98 64.93
N GLY K 239 -15.74 23.12 63.61
CA GLY K 239 -16.53 22.29 62.73
C GLY K 239 -18.02 22.43 62.93
N LYS K 240 -18.49 23.65 63.18
CA LYS K 240 -19.91 23.93 63.40
C LYS K 240 -20.36 24.94 62.35
N ARG K 241 -21.60 24.79 61.88
CA ARG K 241 -22.13 25.71 60.89
C ARG K 241 -22.34 27.09 61.52
N LEU K 242 -22.30 28.12 60.66
CA LEU K 242 -22.45 29.51 61.08
C LEU K 242 -23.37 30.16 60.07
N TYR K 243 -23.43 31.50 60.02
CA TYR K 243 -24.35 32.19 59.14
C TYR K 243 -24.25 31.66 57.71
N SER K 244 -25.35 31.79 56.99
CA SER K 244 -25.64 30.99 55.80
C SER K 244 -25.90 31.91 54.61
N LEU K 245 -24.96 32.83 54.40
CA LEU K 245 -25.01 33.78 53.29
C LEU K 245 -25.53 33.14 52.01
N ASP K 246 -26.47 33.82 51.36
CA ASP K 246 -27.23 33.28 50.25
C ASP K 246 -26.86 34.08 49.00
N ALA K 247 -26.25 33.39 48.03
CA ALA K 247 -25.92 34.01 46.75
C ALA K 247 -27.05 33.77 45.75
N GLY K 248 -26.94 34.42 44.59
CA GLY K 248 -27.99 34.35 43.60
C GLY K 248 -28.05 33.03 42.86
N SER K 249 -26.92 32.61 42.29
CA SER K 249 -26.88 31.38 41.51
C SER K 249 -25.73 30.48 41.95
N ILE K 250 -25.44 29.46 41.14
CA ILE K 250 -24.34 28.54 41.41
C ILE K 250 -23.05 29.31 41.58
N ILE K 251 -22.36 29.07 42.71
CA ILE K 251 -21.10 29.73 43.01
C ILE K 251 -19.97 28.92 42.38
N ASN K 252 -19.13 29.59 41.61
CA ASN K 252 -18.00 28.93 40.94
C ASN K 252 -16.72 29.06 41.75
N SER K 253 -16.46 30.22 42.32
CA SER K 253 -15.25 30.46 43.10
C SER K 253 -15.59 31.20 44.38
N LEU K 254 -14.74 31.01 45.39
CA LEU K 254 -14.86 31.71 46.65
C LEU K 254 -13.48 32.16 47.09
N CYS K 255 -13.40 33.39 47.62
CA CYS K 255 -12.12 33.95 48.02
C CYS K 255 -12.35 35.00 49.09
N PHE K 256 -11.42 35.06 50.05
CA PHE K 256 -11.49 36.01 51.16
C PHE K 256 -10.56 37.17 50.88
N SER K 257 -11.02 38.38 51.17
CA SER K 257 -10.17 39.55 50.99
C SER K 257 -8.98 39.48 51.93
N PRO K 258 -7.78 39.79 51.45
CA PRO K 258 -6.58 39.63 52.31
C PRO K 258 -6.60 40.49 53.56
N ASN K 259 -7.13 41.70 53.51
CA ASN K 259 -7.01 42.63 54.63
C ASN K 259 -8.28 43.43 54.91
N ARG K 260 -9.40 43.09 54.27
CA ARG K 260 -10.60 43.92 54.35
C ARG K 260 -11.80 43.12 54.85
N TYR K 261 -11.56 41.90 55.33
CA TYR K 261 -12.58 41.06 55.95
C TYR K 261 -13.80 40.91 55.04
N TRP K 262 -13.57 40.60 53.77
CA TRP K 262 -14.63 40.42 52.79
C TRP K 262 -14.61 38.98 52.29
N LEU K 263 -15.70 38.61 51.60
CA LEU K 263 -15.81 37.29 50.98
C LEU K 263 -16.46 37.48 49.62
N CYS K 264 -15.67 37.33 48.56
CA CYS K 264 -16.17 37.44 47.20
C CYS K 264 -16.53 36.06 46.65
N ALA K 265 -17.68 36.00 45.97
CA ALA K 265 -18.19 34.75 45.42
C ALA K 265 -18.48 34.94 43.94
N ALA K 266 -17.73 34.25 43.09
CA ALA K 266 -17.97 34.28 41.65
C ALA K 266 -19.17 33.41 41.34
N THR K 267 -20.33 34.03 41.15
CA THR K 267 -21.56 33.33 40.82
C THR K 267 -21.85 33.46 39.34
N GLN K 268 -22.87 32.76 38.87
CA GLN K 268 -23.23 32.83 37.46
C GLN K 268 -24.04 34.07 37.13
N ASP K 269 -24.48 34.82 38.13
CA ASP K 269 -25.15 36.09 37.88
C ASP K 269 -24.17 37.26 37.93
N SER K 270 -23.35 37.34 38.97
CA SER K 270 -22.44 38.45 39.15
C SER K 270 -21.38 38.07 40.18
N ILE K 271 -20.45 38.99 40.41
CA ILE K 271 -19.45 38.85 41.46
C ILE K 271 -19.94 39.66 42.67
N LYS K 272 -20.24 38.96 43.76
CA LYS K 272 -20.82 39.58 44.94
C LYS K 272 -19.81 39.53 46.08
N ILE K 273 -19.50 40.70 46.64
CA ILE K 273 -18.63 40.80 47.81
C ILE K 273 -19.51 41.03 49.04
N TRP K 274 -19.23 40.29 50.11
CA TRP K 274 -20.04 40.32 51.31
C TRP K 274 -19.13 40.63 52.49
N ASP K 275 -19.46 41.69 53.24
CA ASP K 275 -18.77 41.94 54.49
C ASP K 275 -19.28 40.96 55.55
N LEU K 276 -18.38 40.12 56.07
CA LEU K 276 -18.79 39.12 57.04
C LEU K 276 -19.14 39.70 58.40
N GLU K 277 -18.87 40.98 58.64
CA GLU K 277 -19.26 41.63 59.88
C GLU K 277 -20.74 41.98 59.90
N SER K 278 -21.22 42.66 58.86
CA SER K 278 -22.64 42.97 58.73
C SER K 278 -23.43 41.89 58.00
N LYS K 279 -22.73 40.92 57.40
CA LYS K 279 -23.38 39.83 56.64
C LYS K 279 -24.27 40.38 55.54
N HIS K 280 -23.82 41.46 54.90
CA HIS K 280 -24.60 42.17 53.90
C HIS K 280 -23.80 42.29 52.61
N ILE K 281 -24.51 42.52 51.52
CA ILE K 281 -23.89 42.60 50.21
C ILE K 281 -23.40 44.03 49.99
N VAL K 282 -22.08 44.17 49.86
CA VAL K 282 -21.47 45.53 49.69
C VAL K 282 -21.47 45.92 48.21
N GLN K 283 -21.43 44.93 47.30
CA GLN K 283 -21.33 45.26 45.86
C GLN K 283 -21.69 44.01 45.03
N ASP K 284 -21.89 44.18 43.73
CA ASP K 284 -22.17 43.04 42.83
C ASP K 284 -21.67 43.39 41.43
N LEU K 285 -20.39 43.09 41.15
CA LEU K 285 -19.78 43.46 39.84
C LEU K 285 -20.33 42.58 38.72
N ARG K 286 -20.67 43.17 37.57
CA ARG K 286 -21.25 42.42 36.45
C ARG K 286 -20.66 42.94 35.12
N PRO K 287 -20.21 42.05 34.21
CA PRO K 287 -19.61 42.47 32.95
C PRO K 287 -20.50 43.43 32.17
N GLU K 288 -19.91 44.26 31.32
CA GLU K 288 -20.68 45.29 30.57
C GLU K 288 -20.97 44.78 29.17
N VAL K 289 -20.93 43.46 28.97
CA VAL K 289 -21.28 42.86 27.65
C VAL K 289 -22.44 43.63 27.00
N PRO K 290 -22.50 43.73 25.66
CA PRO K 290 -23.52 44.53 24.99
C PRO K 290 -24.71 43.80 24.33
N VAL K 291 -24.67 42.46 24.23
CA VAL K 291 -25.78 41.77 23.48
C VAL K 291 -26.10 40.42 24.13
N SER K 292 -27.16 39.75 23.65
CA SER K 292 -27.54 38.40 24.17
C SER K 292 -26.69 37.35 23.47
N THR K 293 -25.59 37.77 22.85
CA THR K 293 -24.71 36.81 22.21
C THR K 293 -24.20 35.78 23.23
N LYS K 294 -23.36 36.21 24.16
CA LYS K 294 -22.87 35.32 25.21
C LYS K 294 -23.94 35.26 26.31
N GLN K 295 -24.93 34.40 26.07
CA GLN K 295 -26.09 34.27 26.94
C GLN K 295 -25.67 33.94 28.37
N MET K 296 -24.58 33.19 28.52
CA MET K 296 -23.98 32.92 29.82
C MET K 296 -22.54 33.40 29.79
N LEU K 297 -22.29 34.58 30.34
CA LEU K 297 -20.94 35.10 30.49
C LEU K 297 -20.79 35.50 31.96
N TYR K 298 -20.21 34.59 32.74
CA TYR K 298 -20.05 34.75 34.18
C TYR K 298 -18.58 34.62 34.55
N CYS K 299 -18.30 34.85 35.84
CA CYS K 299 -16.95 34.77 36.37
C CYS K 299 -16.72 33.39 36.97
N THR K 300 -15.57 32.80 36.64
CA THR K 300 -15.24 31.45 37.10
C THR K 300 -14.17 31.44 38.19
N CYS K 301 -13.26 32.40 38.20
CA CYS K 301 -12.14 32.40 39.15
C CYS K 301 -11.90 33.82 39.66
N LEU K 302 -12.09 34.01 40.96
CA LEU K 302 -11.77 35.26 41.63
C LEU K 302 -10.39 35.17 42.26
N SER K 303 -9.70 36.31 42.31
CA SER K 303 -8.32 36.32 42.80
C SER K 303 -7.97 37.71 43.30
N TRP K 304 -7.80 37.85 44.62
CA TRP K 304 -7.32 39.10 45.19
C TRP K 304 -5.81 39.18 45.08
N SER K 305 -5.30 40.38 44.80
CA SER K 305 -3.86 40.59 44.79
C SER K 305 -3.30 40.48 46.20
N ALA K 306 -1.98 40.42 46.29
CA ALA K 306 -1.32 40.24 47.59
C ALA K 306 -1.63 41.41 48.52
N ASP K 307 -1.57 42.63 48.00
CA ASP K 307 -1.89 43.80 48.82
C ASP K 307 -3.37 43.83 49.18
N GLY K 308 -4.22 43.29 48.33
CA GLY K 308 -5.65 43.36 48.51
C GLY K 308 -6.31 44.57 47.88
N SER K 309 -5.63 45.25 46.95
CA SER K 309 -6.16 46.44 46.31
C SER K 309 -6.82 46.17 44.97
N THR K 310 -6.45 45.11 44.28
CA THR K 310 -7.02 44.78 42.98
C THR K 310 -7.62 43.38 43.04
N LEU K 311 -8.77 43.20 42.41
CA LEU K 311 -9.44 41.91 42.31
C LEU K 311 -9.42 41.48 40.85
N TYR K 312 -8.79 40.35 40.57
CA TYR K 312 -8.76 39.79 39.23
C TYR K 312 -9.86 38.73 39.09
N ALA K 313 -10.64 38.83 38.03
CA ALA K 313 -11.75 37.94 37.78
C ALA K 313 -11.61 37.31 36.41
N GLY K 314 -11.62 35.98 36.35
CA GLY K 314 -11.60 35.25 35.10
C GLY K 314 -13.02 34.89 34.69
N TYR K 315 -13.32 35.15 33.42
CA TYR K 315 -14.66 34.97 32.89
C TYR K 315 -14.68 33.82 31.88
N THR K 316 -15.88 33.49 31.42
CA THR K 316 -16.08 32.35 30.53
C THR K 316 -15.69 32.65 29.08
N ASP K 317 -15.45 33.91 28.72
CA ASP K 317 -15.00 34.22 27.37
C ASP K 317 -13.48 34.20 27.25
N GLY K 318 -12.76 33.98 28.34
CA GLY K 318 -11.32 34.07 28.34
C GLY K 318 -10.77 35.41 28.73
N THR K 319 -11.62 36.42 28.87
CA THR K 319 -11.16 37.74 29.29
C THR K 319 -10.97 37.78 30.80
N ILE K 320 -10.13 38.69 31.25
CA ILE K 320 -9.89 38.93 32.67
C ILE K 320 -10.17 40.40 32.96
N ARG K 321 -10.99 40.65 33.97
CA ARG K 321 -11.37 42.01 34.36
C ARG K 321 -10.81 42.32 35.73
N ILE K 322 -10.24 43.52 35.87
CA ILE K 322 -9.56 43.95 37.07
C ILE K 322 -10.40 45.02 37.74
N TYR K 323 -10.62 44.87 39.05
CA TYR K 323 -11.38 45.84 39.83
C TYR K 323 -10.50 46.29 40.99
N LYS K 324 -10.08 47.55 40.97
CA LYS K 324 -9.25 48.11 42.02
C LYS K 324 -10.11 48.79 43.08
N ILE K 325 -9.64 48.76 44.32
CA ILE K 325 -10.34 49.40 45.42
C ILE K 325 -10.19 50.92 45.30
N SER K 326 -11.30 51.62 45.38
CA SER K 326 -11.29 53.08 45.33
C SER K 326 -12.07 53.66 46.49
N SER L 2 19.65 37.71 -38.57
CA SER L 2 20.82 36.86 -38.42
C SER L 2 21.60 36.74 -39.72
N LEU L 3 22.02 35.52 -40.04
CA LEU L 3 22.61 35.26 -41.34
C LEU L 3 21.62 35.66 -42.43
N ILE L 4 22.06 36.48 -43.38
CA ILE L 4 21.11 37.08 -44.29
C ILE L 4 20.74 36.04 -45.34
N ALA L 5 21.68 35.68 -46.20
CA ALA L 5 21.37 34.83 -47.35
C ALA L 5 22.61 34.43 -48.11
N GLY L 6 22.40 33.80 -49.27
CA GLY L 6 23.48 33.55 -50.20
C GLY L 6 22.93 33.44 -51.61
N GLU L 7 23.71 33.98 -52.56
CA GLU L 7 23.34 33.86 -53.96
C GLU L 7 23.32 32.42 -54.43
N GLU L 8 24.03 31.53 -53.73
CA GLU L 8 24.10 30.12 -54.07
C GLU L 8 23.01 29.30 -53.40
N PHE L 9 22.18 29.92 -52.56
CA PHE L 9 21.14 29.21 -51.83
C PHE L 9 20.20 28.49 -52.79
N GLN L 10 20.17 27.15 -52.70
CA GLN L 10 19.34 26.34 -53.58
C GLN L 10 18.13 25.83 -52.81
N HIS L 11 16.94 26.10 -53.36
CA HIS L 11 15.71 25.68 -52.69
C HIS L 11 15.46 24.18 -52.82
N ILE L 12 15.69 23.60 -54.01
CA ILE L 12 15.57 22.17 -54.23
C ILE L 12 16.95 21.67 -54.68
N LEU L 13 17.47 20.65 -54.00
CA LEU L 13 18.74 20.05 -54.35
C LEU L 13 18.47 18.60 -54.73
N ARG L 14 18.88 18.21 -55.94
CA ARG L 14 18.60 16.87 -56.45
C ARG L 14 19.66 15.93 -55.89
N VAL L 15 19.24 15.11 -54.93
CA VAL L 15 20.13 14.34 -54.08
C VAL L 15 19.71 12.87 -54.09
N LEU L 16 20.61 11.99 -54.54
CA LEU L 16 20.40 10.55 -54.55
C LEU L 16 19.04 10.18 -55.18
N ASN L 17 18.78 10.79 -56.35
CA ASN L 17 17.51 10.63 -57.04
C ASN L 17 16.33 11.00 -56.15
N THR L 18 16.54 12.01 -55.31
CA THR L 18 15.50 12.50 -54.41
C THR L 18 15.64 14.02 -54.31
N ASN L 19 14.52 14.68 -54.04
CA ASN L 19 14.47 16.13 -53.92
C ASN L 19 14.58 16.50 -52.45
N VAL L 20 15.55 17.35 -52.12
CA VAL L 20 15.78 17.81 -50.76
C VAL L 20 15.43 19.29 -50.67
N ASP L 21 14.61 19.63 -49.68
CA ASP L 21 14.24 21.03 -49.47
C ASP L 21 15.43 21.81 -48.95
N GLY L 22 15.73 22.93 -49.61
CA GLY L 22 16.81 23.79 -49.16
C GLY L 22 16.47 24.64 -47.95
N LYS L 23 15.17 24.80 -47.66
CA LYS L 23 14.71 25.56 -46.51
C LYS L 23 14.62 24.70 -45.25
N GLN L 24 15.37 23.60 -45.20
CA GLN L 24 15.34 22.66 -44.10
C GLN L 24 16.74 22.51 -43.53
N LYS L 25 16.82 22.30 -42.22
CA LYS L 25 18.10 21.98 -41.59
C LYS L 25 18.67 20.73 -42.23
N ILE L 26 19.99 20.71 -42.44
CA ILE L 26 20.60 19.68 -43.29
C ILE L 26 20.37 18.29 -42.72
N MET L 27 20.43 18.15 -41.40
CA MET L 27 20.30 16.83 -40.79
C MET L 27 18.93 16.23 -41.10
N PHE L 28 17.86 16.98 -40.84
CA PHE L 28 16.52 16.53 -41.16
C PHE L 28 16.22 16.58 -42.65
N ALA L 29 16.99 17.35 -43.41
CA ALA L 29 16.86 17.36 -44.86
C ALA L 29 17.38 16.08 -45.50
N LEU L 30 18.40 15.46 -44.92
CA LEU L 30 18.90 14.20 -45.44
C LEU L 30 17.96 13.03 -45.20
N THR L 31 16.96 13.20 -44.35
CA THR L 31 15.99 12.12 -44.14
C THR L 31 14.97 12.02 -45.24
N SER L 32 15.10 12.84 -46.29
CA SER L 32 14.24 12.72 -47.46
C SER L 32 14.60 11.51 -48.31
N ILE L 33 15.89 11.19 -48.42
CA ILE L 33 16.31 10.00 -49.13
C ILE L 33 15.95 8.76 -48.32
N LYS L 34 15.31 7.79 -48.97
CA LYS L 34 14.95 6.55 -48.30
C LYS L 34 16.19 5.79 -47.88
N GLY L 35 16.14 5.20 -46.69
CA GLY L 35 17.30 4.48 -46.16
C GLY L 35 18.07 5.30 -45.15
N VAL L 36 17.87 6.61 -45.18
CA VAL L 36 18.51 7.51 -44.24
C VAL L 36 17.46 8.04 -43.28
N GLY L 37 17.62 7.73 -41.99
CA GLY L 37 16.78 8.27 -40.96
C GLY L 37 17.44 9.43 -40.23
N ARG L 38 16.77 9.91 -39.18
CA ARG L 38 17.29 11.03 -38.42
C ARG L 38 18.61 10.71 -37.74
N ARG L 39 18.75 9.51 -37.19
CA ARG L 39 19.97 9.13 -36.50
C ARG L 39 21.12 8.84 -37.46
N PHE L 40 20.85 8.14 -38.56
CA PHE L 40 21.90 7.96 -39.56
C PHE L 40 22.27 9.26 -40.24
N SER L 41 21.31 10.15 -40.49
CA SER L 41 21.63 11.46 -41.03
C SER L 41 22.47 12.27 -40.06
N ASN L 42 22.18 12.17 -38.76
CA ASN L 42 22.98 12.88 -37.76
C ASN L 42 24.41 12.36 -37.77
N ILE L 43 24.58 11.04 -37.81
CA ILE L 43 25.92 10.46 -37.87
C ILE L 43 26.65 10.88 -39.13
N VAL L 44 25.93 10.87 -40.27
CA VAL L 44 26.53 11.28 -41.54
C VAL L 44 26.96 12.73 -41.53
N CYS L 45 26.17 13.62 -40.92
CA CYS L 45 26.53 15.03 -40.80
C CYS L 45 27.72 15.24 -39.88
N LYS L 46 27.79 14.51 -38.76
CA LYS L 46 28.95 14.66 -37.89
C LYS L 46 30.22 14.13 -38.53
N LYS L 47 30.15 12.97 -39.18
CA LYS L 47 31.35 12.37 -39.77
C LYS L 47 31.84 13.11 -41.00
N ALA L 48 30.97 13.84 -41.69
CA ALA L 48 31.36 14.64 -42.83
C ALA L 48 31.83 16.04 -42.46
N ASP L 49 31.86 16.36 -41.17
CA ASP L 49 32.24 17.68 -40.67
C ASP L 49 31.39 18.77 -41.33
N ILE L 50 30.08 18.62 -41.16
CA ILE L 50 29.10 19.54 -41.71
C ILE L 50 28.37 20.21 -40.56
N ASP L 51 28.26 21.54 -40.61
CA ASP L 51 27.57 22.28 -39.57
C ASP L 51 26.12 21.82 -39.46
N MET L 52 25.71 21.48 -38.23
CA MET L 52 24.36 21.03 -37.98
C MET L 52 23.39 22.19 -37.78
N ASN L 53 23.89 23.41 -37.64
CA ASN L 53 23.05 24.59 -37.47
C ASN L 53 22.79 25.30 -38.79
N LYS L 54 23.13 24.67 -39.92
CA LYS L 54 22.94 25.24 -41.24
C LYS L 54 21.62 24.76 -41.83
N ARG L 55 21.34 25.24 -43.04
CA ARG L 55 20.20 24.77 -43.83
C ARG L 55 20.74 24.07 -45.07
N ALA L 56 19.92 23.20 -45.66
CA ALA L 56 20.37 22.38 -46.78
C ALA L 56 20.84 23.25 -47.95
N GLY L 57 20.11 24.32 -48.24
CA GLY L 57 20.50 25.21 -49.32
C GLY L 57 21.75 26.01 -49.05
N GLU L 58 22.12 26.18 -47.77
CA GLU L 58 23.31 26.96 -47.44
C GLU L 58 24.59 26.25 -47.87
N LEU L 59 24.58 24.91 -47.86
CA LEU L 59 25.78 24.16 -48.18
C LEU L 59 26.18 24.33 -49.64
N SER L 60 27.46 24.15 -49.91
CA SER L 60 28.02 24.23 -51.25
C SER L 60 28.10 22.83 -51.86
N ALA L 61 28.67 22.73 -53.06
CA ALA L 61 28.82 21.47 -53.76
C ALA L 61 29.71 20.50 -53.02
N GLU L 62 30.85 20.98 -52.53
CA GLU L 62 31.82 20.11 -51.87
C GLU L 62 31.24 19.49 -50.59
N GLU L 63 30.48 20.27 -49.83
CA GLU L 63 29.93 19.79 -48.57
C GLU L 63 28.98 18.61 -48.81
N MET L 64 28.09 18.74 -49.80
CA MET L 64 27.23 17.62 -50.13
C MET L 64 28.00 16.47 -50.73
N ASP L 65 29.12 16.74 -51.40
CA ASP L 65 29.96 15.65 -51.89
C ASP L 65 30.56 14.84 -50.74
N ARG L 66 31.01 15.52 -49.68
CA ARG L 66 31.47 14.78 -48.51
C ARG L 66 30.34 14.06 -47.80
N LEU L 67 29.15 14.68 -47.76
CA LEU L 67 27.99 13.98 -47.22
C LEU L 67 27.70 12.70 -47.99
N MET L 68 27.87 12.73 -49.32
CA MET L 68 27.64 11.53 -50.12
C MET L 68 28.80 10.53 -49.99
N ALA L 69 30.01 11.02 -49.76
CA ALA L 69 31.10 10.11 -49.44
C ALA L 69 30.79 9.32 -48.19
N VAL L 70 30.24 9.99 -47.17
CA VAL L 70 29.84 9.30 -45.95
C VAL L 70 28.61 8.42 -46.16
N VAL L 71 27.62 8.87 -46.93
CA VAL L 71 26.39 8.11 -47.11
C VAL L 71 26.62 6.86 -47.93
N HIS L 72 27.54 6.89 -48.88
CA HIS L 72 27.76 5.70 -49.76
C HIS L 72 28.84 4.77 -49.20
N ASN L 73 29.41 5.06 -48.05
CA ASN L 73 30.49 4.22 -47.46
C ASN L 73 30.62 4.47 -45.97
N PRO L 74 29.56 4.35 -45.16
CA PRO L 74 29.66 4.73 -43.75
C PRO L 74 30.85 4.07 -43.05
N ARG L 75 31.38 3.00 -43.64
CA ARG L 75 32.45 2.20 -43.00
C ARG L 75 33.80 2.89 -43.06
N GLN L 76 34.22 3.37 -44.24
CA GLN L 76 35.48 4.12 -44.37
C GLN L 76 35.46 5.30 -43.42
N PHE L 77 34.28 5.87 -43.18
CA PHE L 77 34.15 7.05 -42.30
C PHE L 77 33.95 6.55 -40.88
N LYS L 78 34.23 5.28 -40.65
CA LYS L 78 34.18 4.69 -39.28
C LYS L 78 32.78 4.66 -38.66
N VAL L 79 31.74 4.42 -39.44
CA VAL L 79 30.39 4.27 -38.83
C VAL L 79 30.26 2.80 -38.48
N PRO L 80 30.09 2.45 -37.19
CA PRO L 80 30.05 1.06 -36.75
C PRO L 80 29.00 0.25 -37.51
N ASP L 81 29.20 -1.07 -37.50
CA ASP L 81 28.36 -1.98 -38.26
C ASP L 81 26.99 -2.21 -37.64
N TRP L 82 26.82 -1.93 -36.33
CA TRP L 82 25.53 -2.06 -35.69
C TRP L 82 24.62 -0.90 -36.05
N PHE L 83 25.11 0.00 -36.90
CA PHE L 83 24.41 1.21 -37.26
C PHE L 83 23.81 1.14 -38.66
N LEU L 84 23.84 -0.03 -39.30
CA LEU L 84 23.46 -0.17 -40.69
C LEU L 84 22.12 -0.88 -40.81
N ASN L 85 21.36 -0.50 -41.85
CA ASN L 85 20.04 -1.08 -42.08
C ASN L 85 20.09 -2.42 -42.80
N ARG L 86 21.23 -2.78 -43.39
CA ARG L 86 21.44 -4.11 -43.95
C ARG L 86 22.68 -4.72 -43.30
N LYS L 87 22.47 -5.37 -42.17
CA LYS L 87 23.53 -6.04 -41.44
C LYS L 87 23.58 -7.49 -41.89
N LYS L 88 24.76 -7.95 -42.32
CA LYS L 88 24.96 -9.37 -42.61
C LYS L 88 24.00 -9.85 -43.68
N ASP L 89 24.15 -9.34 -44.90
CA ASP L 89 23.23 -9.65 -45.99
C ASP L 89 23.20 -11.16 -46.26
N TYR L 90 22.07 -11.65 -46.76
CA TYR L 90 21.86 -13.08 -46.92
C TYR L 90 22.87 -13.67 -47.90
N LYS L 91 22.84 -13.20 -49.15
CA LYS L 91 23.74 -13.68 -50.20
C LYS L 91 25.14 -13.18 -49.92
N ASP L 92 25.31 -11.86 -49.81
CA ASP L 92 26.65 -11.29 -49.71
C ASP L 92 27.31 -11.58 -48.37
N GLY L 93 26.59 -11.35 -47.27
CA GLY L 93 27.22 -11.34 -45.97
C GLY L 93 27.94 -10.06 -45.63
N ARG L 94 27.82 -9.01 -46.46
CA ARG L 94 28.51 -7.76 -46.22
C ARG L 94 27.56 -6.79 -45.53
N PHE L 95 28.09 -6.08 -44.55
CA PHE L 95 27.35 -4.97 -43.94
C PHE L 95 27.36 -3.77 -44.87
N SER L 96 26.20 -3.12 -44.98
CA SER L 96 26.06 -1.98 -45.88
C SER L 96 24.87 -1.15 -45.44
N GLN L 97 24.84 0.09 -45.90
CA GLN L 97 23.71 0.99 -45.67
C GLN L 97 22.96 1.13 -46.99
N VAL L 98 21.77 0.55 -47.05
CA VAL L 98 20.94 0.60 -48.25
C VAL L 98 20.16 1.91 -48.25
N VAL L 99 20.29 2.67 -49.33
CA VAL L 99 19.64 3.97 -49.45
C VAL L 99 18.94 4.05 -50.81
N SER L 100 17.95 4.96 -50.89
CA SER L 100 17.22 5.27 -52.11
C SER L 100 16.36 4.11 -52.56
N ASN L 101 16.26 3.91 -53.89
CA ASN L 101 15.43 2.84 -54.43
C ASN L 101 15.97 1.46 -54.11
N ALA L 102 17.23 1.37 -53.68
CA ALA L 102 17.79 0.08 -53.31
C ALA L 102 17.07 -0.52 -52.11
N VAL L 103 16.49 0.34 -51.26
CA VAL L 103 15.71 -0.17 -50.12
C VAL L 103 14.49 -0.93 -50.62
N ASP L 104 13.76 -0.35 -51.58
CA ASP L 104 12.61 -1.03 -52.17
C ASP L 104 13.05 -2.30 -52.90
N MET L 105 14.18 -2.22 -53.60
CA MET L 105 14.69 -3.40 -54.31
C MET L 105 14.99 -4.53 -53.34
N LYS L 106 15.66 -4.22 -52.22
CA LYS L 106 15.97 -5.24 -51.23
C LYS L 106 14.71 -5.79 -50.58
N LEU L 107 13.71 -4.93 -50.35
CA LEU L 107 12.42 -5.40 -49.84
C LEU L 107 11.80 -6.41 -50.79
N ARG L 108 11.75 -6.08 -52.08
CA ARG L 108 11.13 -6.97 -53.06
C ARG L 108 11.89 -8.28 -53.19
N ASP L 109 13.23 -8.22 -53.19
CA ASP L 109 14.01 -9.45 -53.26
C ASP L 109 13.86 -10.32 -52.01
N ASP L 110 13.86 -9.70 -50.83
CA ASP L 110 13.65 -10.45 -49.60
C ASP L 110 12.28 -11.10 -49.55
N LEU L 111 11.26 -10.44 -50.10
CA LEU L 111 9.94 -11.06 -50.19
C LEU L 111 9.83 -12.14 -51.25
N GLU L 112 10.51 -11.98 -52.39
CA GLU L 112 10.53 -13.03 -53.40
C GLU L 112 11.25 -14.27 -52.92
N ARG L 113 12.30 -14.10 -52.11
CA ARG L 113 13.00 -15.25 -51.55
C ARG L 113 12.05 -16.12 -50.71
N LEU L 114 11.21 -15.49 -49.90
CA LEU L 114 10.26 -16.23 -49.08
C LEU L 114 9.06 -16.73 -49.88
N LYS L 115 8.74 -16.08 -50.99
CA LYS L 115 7.59 -16.47 -51.86
C LYS L 115 7.98 -17.60 -52.81
N LYS L 116 9.26 -17.99 -52.88
CA LYS L 116 9.63 -19.15 -53.71
C LYS L 116 9.80 -20.38 -52.83
N ILE L 117 10.13 -20.23 -51.55
CA ILE L 117 10.38 -21.41 -50.66
C ILE L 117 9.09 -21.77 -49.91
N ARG L 118 8.00 -21.08 -50.21
CA ARG L 118 6.71 -21.32 -49.52
C ARG L 118 6.90 -21.22 -48.01
N ASN L 119 7.67 -20.24 -47.55
CA ASN L 119 7.78 -19.99 -46.10
C ASN L 119 6.45 -19.36 -45.66
N HIS L 120 6.06 -19.57 -44.41
CA HIS L 120 4.80 -18.99 -43.87
C HIS L 120 4.78 -17.48 -44.07
N ARG L 121 5.81 -16.78 -43.61
CA ARG L 121 5.78 -15.32 -43.66
C ARG L 121 5.69 -14.80 -45.09
N GLY L 122 6.38 -15.45 -46.03
CA GLY L 122 6.24 -15.07 -47.42
C GLY L 122 4.83 -15.26 -47.94
N LEU L 123 4.18 -16.36 -47.54
CA LEU L 123 2.79 -16.55 -47.93
C LEU L 123 1.87 -15.53 -47.28
N ARG L 124 2.15 -15.12 -46.04
CA ARG L 124 1.38 -14.04 -45.43
C ARG L 124 1.54 -12.75 -46.22
N HIS L 125 2.76 -12.46 -46.66
CA HIS L 125 2.98 -11.30 -47.53
C HIS L 125 2.19 -11.43 -48.83
N TYR L 126 2.19 -12.62 -49.42
CA TYR L 126 1.51 -12.85 -50.69
C TYR L 126 -0.01 -12.78 -50.57
N TRP L 127 -0.56 -13.10 -49.39
CA TRP L 127 -2.00 -13.06 -49.18
C TRP L 127 -2.51 -11.69 -48.79
N GLY L 128 -1.62 -10.72 -48.58
CA GLY L 128 -2.05 -9.41 -48.14
C GLY L 128 -2.49 -9.35 -46.70
N VAL L 129 -2.01 -10.27 -45.85
CA VAL L 129 -2.39 -10.31 -44.45
C VAL L 129 -1.17 -9.95 -43.60
N ARG L 130 -1.37 -9.88 -42.29
CA ARG L 130 -0.32 -9.51 -41.36
C ARG L 130 0.71 -10.63 -41.25
N VAL L 131 1.97 -10.25 -41.08
CA VAL L 131 3.08 -11.19 -41.11
C VAL L 131 3.81 -11.32 -39.78
N ARG L 132 3.54 -10.45 -38.81
CA ARG L 132 4.26 -10.45 -37.55
C ARG L 132 3.42 -11.01 -36.40
N GLY L 133 2.50 -11.92 -36.71
CA GLY L 133 1.73 -12.61 -35.70
C GLY L 133 0.78 -11.77 -34.89
N GLN L 134 0.03 -10.88 -35.52
CA GLN L 134 -0.97 -10.08 -34.84
C GLN L 134 -2.36 -10.63 -35.11
N HIS L 135 -3.28 -10.34 -34.19
CA HIS L 135 -4.67 -10.71 -34.40
C HIS L 135 -5.24 -9.94 -35.59
N THR L 136 -5.98 -10.64 -36.44
CA THR L 136 -6.53 -10.07 -37.65
C THR L 136 -8.05 -10.03 -37.66
N LYS L 137 -8.70 -10.40 -36.56
CA LYS L 137 -10.16 -10.48 -36.55
C LYS L 137 -10.80 -9.10 -36.58
N THR L 138 -10.33 -8.18 -35.74
CA THR L 138 -11.01 -6.91 -35.52
C THR L 138 -10.24 -5.68 -36.01
N THR L 139 -8.93 -5.77 -36.15
CA THR L 139 -8.12 -4.64 -36.59
C THR L 139 -7.47 -4.97 -37.93
N GLY L 140 -6.91 -3.95 -38.56
CA GLY L 140 -6.36 -4.10 -39.89
C GLY L 140 -7.38 -4.09 -41.00
N ARG L 141 -8.63 -3.75 -40.70
CA ARG L 141 -9.71 -3.73 -41.69
C ARG L 141 -9.55 -2.55 -42.64
N LYS M 22 23.49 -19.64 -58.10
CA LYS M 22 24.53 -19.94 -57.13
C LYS M 22 24.14 -19.49 -55.72
N PHE M 23 23.49 -20.38 -54.96
CA PHE M 23 23.12 -20.04 -53.60
C PHE M 23 24.36 -19.84 -52.73
N SER M 24 24.29 -18.84 -51.86
CA SER M 24 25.47 -18.34 -51.19
C SER M 24 25.44 -18.46 -49.66
N TYR M 25 24.40 -17.94 -49.02
CA TYR M 25 24.33 -17.85 -47.56
C TYR M 25 25.56 -17.19 -46.95
N ARG M 26 25.65 -15.86 -47.07
CA ARG M 26 26.73 -15.03 -46.49
C ARG M 26 28.04 -15.18 -47.26
N GLY M 27 27.94 -15.17 -48.59
CA GLY M 27 29.12 -15.07 -49.43
C GLY M 27 29.88 -16.37 -49.62
N VAL M 28 29.47 -17.41 -48.90
CA VAL M 28 30.07 -18.74 -49.05
C VAL M 28 29.41 -19.42 -50.25
N ASP M 29 29.96 -20.54 -50.69
CA ASP M 29 29.34 -21.33 -51.74
C ASP M 29 28.72 -22.59 -51.14
N LEU M 30 27.79 -23.20 -51.88
CA LEU M 30 27.06 -24.35 -51.37
C LEU M 30 27.98 -25.51 -51.04
N ASP M 31 28.96 -25.78 -51.92
CA ASP M 31 29.92 -26.85 -51.65
C ASP M 31 30.75 -26.54 -50.41
N ALA M 32 31.24 -25.30 -50.29
CA ALA M 32 31.99 -24.92 -49.11
C ALA M 32 31.12 -24.98 -47.87
N LEU M 33 29.86 -24.57 -47.98
CA LEU M 33 28.94 -24.65 -46.85
C LEU M 33 28.75 -26.09 -46.40
N LEU M 34 28.60 -27.01 -47.36
CA LEU M 34 28.50 -28.43 -47.05
C LEU M 34 29.75 -28.91 -46.34
N ASP M 35 30.92 -28.48 -46.82
CA ASP M 35 32.18 -28.91 -46.22
C ASP M 35 32.57 -28.10 -44.99
N MET M 36 31.93 -26.95 -44.75
CA MET M 36 32.31 -26.07 -43.66
C MET M 36 32.00 -26.70 -42.31
N SER M 37 32.85 -26.41 -41.32
CA SER M 37 32.70 -26.96 -39.97
C SER M 37 31.42 -26.44 -39.33
N THR M 38 30.88 -27.25 -38.41
CA THR M 38 29.62 -26.91 -37.75
C THR M 38 29.76 -25.67 -36.88
N GLU M 39 30.92 -25.48 -36.26
CA GLU M 39 31.10 -24.36 -35.35
C GLU M 39 31.15 -23.02 -36.09
N ASP M 40 31.61 -23.03 -37.34
CA ASP M 40 31.48 -21.84 -38.16
C ASP M 40 30.05 -21.67 -38.66
N LEU M 41 29.42 -22.78 -39.07
CA LEU M 41 28.06 -22.72 -39.61
C LEU M 41 27.09 -22.13 -38.60
N VAL M 42 27.35 -22.29 -37.30
CA VAL M 42 26.55 -21.57 -36.32
C VAL M 42 26.75 -20.07 -36.48
N GLN M 43 28.00 -19.63 -36.67
CA GLN M 43 28.27 -18.20 -36.76
C GLN M 43 27.75 -17.58 -38.05
N LEU M 44 27.51 -18.37 -39.10
CA LEU M 44 26.77 -17.82 -40.23
C LEU M 44 25.25 -17.80 -40.02
N PHE M 45 24.72 -18.63 -39.13
CA PHE M 45 23.29 -18.70 -38.91
C PHE M 45 22.82 -17.48 -38.13
N PRO M 46 21.52 -17.16 -38.20
CA PRO M 46 20.99 -16.03 -37.41
C PRO M 46 21.04 -16.27 -35.92
N ALA M 47 20.65 -15.26 -35.13
CA ALA M 47 20.79 -15.33 -33.68
C ALA M 47 19.93 -16.42 -33.05
N ARG M 48 18.71 -16.62 -33.54
CA ARG M 48 17.86 -17.68 -32.99
C ARG M 48 18.46 -19.06 -33.24
N PRO M 49 18.87 -19.43 -34.45
CA PRO M 49 19.58 -20.72 -34.60
C PRO M 49 20.86 -20.78 -33.80
N ARG M 50 21.58 -19.66 -33.67
CA ARG M 50 22.81 -19.67 -32.90
C ARG M 50 22.55 -20.03 -31.44
N ARG M 51 21.55 -19.41 -30.83
CA ARG M 51 21.19 -19.77 -29.46
C ARG M 51 20.68 -21.21 -29.39
N ARG M 52 19.94 -21.67 -30.41
CA ARG M 52 19.45 -23.03 -30.40
C ARG M 52 20.60 -24.03 -30.36
N PHE M 53 21.60 -23.84 -31.21
CA PHE M 53 22.76 -24.75 -31.19
C PHE M 53 23.58 -24.57 -29.93
N SER M 54 23.71 -23.34 -29.44
CA SER M 54 24.52 -23.10 -28.25
C SER M 54 23.93 -23.75 -27.01
N ARG M 55 22.60 -23.82 -26.92
CA ARG M 55 21.96 -24.51 -25.81
C ARG M 55 21.94 -26.02 -25.98
N GLY M 56 22.39 -26.52 -27.13
CA GLY M 56 22.49 -27.95 -27.34
C GLY M 56 21.22 -28.56 -27.87
N LEU M 57 21.31 -29.25 -29.00
CA LEU M 57 20.14 -29.90 -29.57
C LEU M 57 19.86 -31.20 -28.82
N LYS M 58 18.59 -31.57 -28.75
CA LYS M 58 18.19 -32.76 -28.01
C LYS M 58 18.24 -33.97 -28.95
N ARG M 59 17.95 -35.16 -28.41
CA ARG M 59 18.23 -36.40 -29.14
C ARG M 59 17.35 -36.56 -30.37
N LYS M 60 16.09 -36.13 -30.28
CA LYS M 60 15.20 -36.17 -31.46
C LYS M 60 15.74 -35.33 -32.62
N PRO M 61 16.18 -34.07 -32.42
CA PRO M 61 16.81 -33.35 -33.54
C PRO M 61 17.99 -34.07 -34.18
N MET M 62 19.03 -34.50 -33.46
CA MET M 62 20.09 -35.23 -34.16
C MET M 62 19.55 -36.48 -34.84
N ALA M 63 18.70 -37.23 -34.14
CA ALA M 63 18.18 -38.49 -34.71
C ALA M 63 17.50 -38.27 -36.05
N LEU M 64 16.81 -37.14 -36.21
CA LEU M 64 16.17 -36.88 -37.51
C LEU M 64 17.21 -36.71 -38.61
N VAL M 65 18.33 -36.03 -38.34
CA VAL M 65 19.37 -35.90 -39.35
C VAL M 65 20.06 -37.24 -39.59
N LYS M 66 20.22 -38.05 -38.53
CA LYS M 66 20.78 -39.38 -38.72
C LYS M 66 19.89 -40.24 -39.60
N LYS M 67 18.57 -40.06 -39.55
CA LYS M 67 17.68 -40.74 -40.47
C LYS M 67 17.70 -40.15 -41.87
N LEU M 68 17.78 -38.82 -41.98
CA LEU M 68 17.84 -38.17 -43.29
C LEU M 68 19.11 -38.52 -44.06
N ARG M 69 20.24 -38.71 -43.36
CA ARG M 69 21.46 -39.08 -44.05
C ARG M 69 21.39 -40.52 -44.55
N LYS M 70 20.72 -41.41 -43.81
CA LYS M 70 20.41 -42.73 -44.37
C LYS M 70 19.54 -42.61 -45.60
N ALA M 71 18.50 -41.77 -45.54
CA ALA M 71 17.62 -41.61 -46.68
C ALA M 71 18.36 -41.08 -47.90
N LYS M 72 19.30 -40.17 -47.70
CA LYS M 72 20.13 -39.66 -48.78
C LYS M 72 21.13 -40.68 -49.30
N SER M 73 21.73 -41.47 -48.41
CA SER M 73 22.75 -42.43 -48.82
C SER M 73 22.13 -43.68 -49.44
N GLU M 74 21.09 -44.22 -48.80
CA GLU M 74 20.45 -45.43 -49.29
C GLU M 74 19.54 -45.12 -50.47
N ALA M 75 19.49 -43.86 -50.88
CA ALA M 75 18.76 -43.50 -52.07
C ALA M 75 19.34 -44.24 -53.27
N PRO M 76 18.50 -44.88 -54.10
CA PRO M 76 19.04 -45.75 -55.16
C PRO M 76 20.00 -45.06 -56.11
N ALA M 77 19.64 -43.88 -56.59
CA ALA M 77 20.43 -43.12 -57.53
C ALA M 77 19.98 -41.67 -57.46
N GLY M 78 20.29 -40.87 -58.48
CA GLY M 78 19.97 -39.46 -58.44
C GLY M 78 18.48 -39.17 -58.46
N GLU M 79 17.74 -39.89 -57.62
CA GLU M 79 16.32 -39.65 -57.39
C GLU M 79 16.19 -39.06 -55.99
N LYS M 80 15.01 -38.51 -55.71
CA LYS M 80 14.79 -37.89 -54.42
C LYS M 80 14.79 -38.94 -53.31
N PRO M 81 15.48 -38.70 -52.19
CA PRO M 81 15.42 -39.66 -51.07
C PRO M 81 14.00 -39.91 -50.60
N GLU M 82 13.70 -41.17 -50.24
CA GLU M 82 12.36 -41.53 -49.79
C GLU M 82 11.92 -40.63 -48.64
N GLN M 83 10.64 -40.23 -48.66
CA GLN M 83 10.12 -39.28 -47.70
C GLN M 83 10.29 -39.78 -46.27
N VAL M 84 10.78 -38.90 -45.42
CA VAL M 84 11.03 -39.20 -44.01
C VAL M 84 10.10 -38.31 -43.19
N ARG M 85 9.04 -38.89 -42.66
CA ARG M 85 8.05 -38.13 -41.92
C ARG M 85 8.52 -37.88 -40.49
N THR M 86 8.13 -36.72 -39.94
CA THR M 86 8.55 -36.34 -38.60
C THR M 86 7.53 -35.39 -37.99
N HIS M 87 7.49 -35.36 -36.66
CA HIS M 87 6.73 -34.37 -35.92
C HIS M 87 7.56 -33.14 -35.58
N LEU M 88 8.80 -33.09 -36.02
CA LEU M 88 9.75 -32.04 -35.62
C LEU M 88 9.51 -30.81 -36.47
N ARG M 89 8.74 -29.86 -35.92
CA ARG M 89 8.52 -28.57 -36.56
C ARG M 89 9.50 -27.50 -36.10
N ASN M 90 9.94 -27.56 -34.84
CA ASN M 90 10.95 -26.64 -34.33
C ASN M 90 12.37 -27.10 -34.59
N MET M 91 12.71 -27.45 -35.82
CA MET M 91 14.04 -27.92 -36.15
C MET M 91 14.69 -26.95 -37.14
N ILE M 92 15.93 -26.56 -36.84
CA ILE M 92 16.67 -25.65 -37.70
C ILE M 92 17.18 -26.43 -38.90
N ILE M 93 16.90 -25.93 -40.11
CA ILE M 93 17.30 -26.62 -41.33
C ILE M 93 18.78 -26.40 -41.56
N MET M 94 19.54 -27.48 -41.66
CA MET M 94 20.98 -27.43 -41.85
C MET M 94 21.33 -27.57 -43.31
N PRO M 95 22.52 -27.10 -43.71
CA PRO M 95 22.98 -27.34 -45.09
C PRO M 95 23.20 -28.81 -45.41
N GLU M 96 23.32 -29.67 -44.40
CA GLU M 96 23.44 -31.10 -44.62
C GLU M 96 22.19 -31.69 -45.25
N MET M 97 21.05 -31.03 -45.10
CA MET M 97 19.74 -31.58 -45.47
C MET M 97 19.16 -30.97 -46.74
N ILE M 98 20.00 -30.47 -47.65
CA ILE M 98 19.50 -29.79 -48.85
C ILE M 98 18.99 -30.80 -49.86
N GLY M 99 19.32 -32.08 -49.66
CA GLY M 99 18.84 -33.10 -50.58
C GLY M 99 17.68 -33.89 -50.03
N SER M 100 17.32 -33.64 -48.78
CA SER M 100 16.32 -34.44 -48.09
C SER M 100 14.91 -34.07 -48.55
N VAL M 101 14.00 -35.03 -48.37
CA VAL M 101 12.58 -34.82 -48.63
C VAL M 101 11.80 -35.16 -47.37
N VAL M 102 11.54 -34.16 -46.55
CA VAL M 102 10.93 -34.36 -45.24
C VAL M 102 9.43 -34.10 -45.33
N GLY M 103 8.66 -34.85 -44.55
CA GLY M 103 7.26 -34.56 -44.37
C GLY M 103 6.96 -34.13 -42.94
N ILE M 104 6.63 -32.86 -42.74
CA ILE M 104 6.40 -32.32 -41.41
C ILE M 104 4.92 -32.43 -41.07
N TYR M 105 4.63 -33.00 -39.92
CA TYR M 105 3.29 -33.06 -39.37
C TYR M 105 2.83 -31.66 -38.98
N ASN M 106 1.62 -31.30 -39.44
CA ASN M 106 1.04 -30.00 -39.11
C ASN M 106 -0.06 -30.10 -38.07
N GLY M 107 -0.21 -31.25 -37.41
CA GLY M 107 -1.28 -31.46 -36.48
C GLY M 107 -2.25 -32.48 -37.00
N LYS M 108 -2.34 -32.59 -38.33
CA LYS M 108 -3.29 -33.48 -38.98
C LYS M 108 -2.68 -34.36 -40.06
N CYS M 109 -1.62 -33.93 -40.73
CA CYS M 109 -1.04 -34.72 -41.81
C CYS M 109 0.39 -34.23 -42.06
N PHE M 110 1.16 -35.09 -42.73
CA PHE M 110 2.56 -34.80 -43.04
C PHE M 110 2.62 -34.19 -44.43
N ASN M 111 3.07 -32.95 -44.52
CA ASN M 111 3.26 -32.28 -45.80
C ASN M 111 4.70 -32.50 -46.28
N GLN M 112 4.82 -33.07 -47.48
CA GLN M 112 6.13 -33.36 -48.06
C GLN M 112 6.75 -32.10 -48.64
N VAL M 113 8.01 -31.86 -48.29
CA VAL M 113 8.77 -30.73 -48.81
C VAL M 113 10.14 -31.22 -49.23
N GLU M 114 10.54 -30.89 -50.46
CA GLU M 114 11.93 -31.04 -50.85
C GLU M 114 12.71 -29.83 -50.36
N ILE M 115 13.61 -30.04 -49.40
CA ILE M 115 14.34 -28.92 -48.81
C ILE M 115 15.25 -28.32 -49.86
N LYS M 116 15.20 -27.00 -49.98
CA LYS M 116 16.00 -26.24 -50.94
C LYS M 116 17.00 -25.36 -50.19
N PRO M 117 18.13 -25.00 -50.81
CA PRO M 117 19.16 -24.29 -50.06
C PRO M 117 18.73 -22.93 -49.54
N GLU M 118 17.78 -22.25 -50.18
CA GLU M 118 17.32 -20.97 -49.65
C GLU M 118 16.59 -21.13 -48.32
N MET M 119 16.27 -22.35 -47.91
CA MET M 119 15.56 -22.62 -46.67
C MET M 119 16.49 -22.83 -45.48
N ILE M 120 17.80 -22.66 -45.66
CA ILE M 120 18.75 -22.91 -44.58
C ILE M 120 18.56 -21.87 -43.47
N GLY M 121 18.47 -22.36 -42.23
CA GLY M 121 18.32 -21.52 -41.06
C GLY M 121 16.89 -21.41 -40.58
N HIS M 122 15.93 -21.65 -41.45
CA HIS M 122 14.52 -21.57 -41.08
C HIS M 122 14.10 -22.83 -40.34
N TYR M 123 12.95 -22.75 -39.68
CA TYR M 123 12.34 -23.91 -39.05
C TYR M 123 11.54 -24.71 -40.08
N LEU M 124 11.38 -26.00 -39.80
CA LEU M 124 10.53 -26.84 -40.65
C LEU M 124 9.07 -26.42 -40.55
N ALA M 125 8.67 -25.83 -39.42
CA ALA M 125 7.29 -25.38 -39.25
C ALA M 125 6.92 -24.31 -40.27
N GLU M 126 7.87 -23.46 -40.64
CA GLU M 126 7.63 -22.40 -41.61
C GLU M 126 7.36 -22.92 -43.01
N PHE M 127 7.41 -24.24 -43.22
CA PHE M 127 7.17 -24.83 -44.54
C PHE M 127 6.11 -25.91 -44.50
N SER M 128 5.25 -25.90 -43.49
CA SER M 128 4.13 -26.83 -43.38
C SER M 128 2.99 -26.08 -42.71
N LEU M 129 2.06 -25.57 -43.50
CA LEU M 129 0.98 -24.74 -42.98
C LEU M 129 0.11 -25.53 -42.02
N SER M 130 -0.13 -24.97 -40.84
CA SER M 130 -0.91 -25.61 -39.80
C SER M 130 -2.37 -25.17 -39.80
N TYR M 131 -2.76 -24.32 -40.74
CA TYR M 131 -4.15 -23.90 -40.89
C TYR M 131 -4.47 -23.80 -42.38
N LYS M 132 -5.69 -23.38 -42.69
CA LYS M 132 -6.12 -23.20 -44.06
C LYS M 132 -6.30 -21.72 -44.34
N PRO M 133 -5.74 -21.20 -45.45
CA PRO M 133 -5.99 -19.80 -45.81
C PRO M 133 -7.47 -19.48 -45.89
N VAL M 134 -7.91 -18.46 -45.16
CA VAL M 134 -9.33 -18.18 -45.01
C VAL M 134 -9.86 -17.51 -46.28
N LYS M 135 -10.90 -18.10 -46.86
CA LYS M 135 -11.66 -17.50 -47.95
C LYS M 135 -13.08 -17.29 -47.44
N HIS M 136 -13.46 -16.03 -47.27
CA HIS M 136 -14.68 -15.72 -46.53
C HIS M 136 -15.92 -15.97 -47.36
N GLY M 137 -17.01 -16.36 -46.69
CA GLY M 137 -18.27 -16.64 -47.35
C GLY M 137 -19.38 -15.69 -46.92
N ARG M 138 -20.52 -16.24 -46.55
CA ARG M 138 -21.71 -15.51 -46.09
C ARG M 138 -21.35 -14.52 -44.99
N PRO M 139 -21.95 -13.33 -44.97
CA PRO M 139 -21.75 -12.43 -43.82
C PRO M 139 -22.27 -13.00 -42.50
N GLY M 140 -23.23 -13.92 -42.54
CA GLY M 140 -23.74 -14.56 -41.34
C GLY M 140 -24.48 -13.61 -40.41
N GLY N 2 -26.78 15.59 7.17
CA GLY N 2 -27.83 15.93 8.10
C GLY N 2 -27.53 15.46 9.51
N ARG N 3 -27.49 16.40 10.45
CA ARG N 3 -27.11 16.09 11.82
C ARG N 3 -28.33 15.86 12.70
N VAL N 4 -29.09 14.81 12.41
CA VAL N 4 -30.27 14.45 13.19
C VAL N 4 -29.88 13.33 14.15
N ARG N 5 -30.09 13.55 15.45
CA ARG N 5 -29.75 12.55 16.44
C ARG N 5 -30.77 11.42 16.42
N THR N 6 -30.29 10.19 16.59
CA THR N 6 -31.14 9.02 16.58
C THR N 6 -31.82 8.85 17.94
N LYS N 7 -32.68 7.83 18.06
CA LYS N 7 -33.41 7.64 19.30
C LYS N 7 -32.49 7.33 20.47
N THR N 8 -31.46 6.50 20.23
CA THR N 8 -30.57 6.09 21.31
C THR N 8 -29.92 7.30 21.97
N VAL N 9 -29.50 8.28 21.18
CA VAL N 9 -28.93 9.50 21.74
C VAL N 9 -30.00 10.30 22.45
N LYS N 10 -31.15 10.50 21.79
CA LYS N 10 -32.20 11.33 22.37
C LYS N 10 -32.79 10.68 23.61
N LYS N 11 -33.11 9.37 23.54
CA LYS N 11 -33.72 8.70 24.70
C LYS N 11 -32.79 8.78 25.90
N THR N 12 -31.50 8.46 25.71
CA THR N 12 -30.55 8.50 26.81
C THR N 12 -30.44 9.89 27.40
N SER N 13 -30.49 10.92 26.56
CA SER N 13 -30.40 12.29 27.04
C SER N 13 -31.53 12.60 28.02
N ARG N 14 -32.77 12.27 27.64
CA ARG N 14 -33.89 12.59 28.51
C ARG N 14 -33.91 11.73 29.77
N GLN N 15 -33.48 10.47 29.69
CA GLN N 15 -33.39 9.66 30.90
C GLN N 15 -32.32 10.14 31.86
N VAL N 16 -31.20 10.64 31.34
CA VAL N 16 -30.14 11.15 32.22
C VAL N 16 -30.60 12.42 32.94
N ILE N 17 -31.25 13.34 32.21
CA ILE N 17 -31.79 14.53 32.84
C ILE N 17 -32.90 14.19 33.81
N GLU N 18 -33.69 13.16 33.49
CA GLU N 18 -34.80 12.77 34.36
C GLU N 18 -34.30 12.38 35.74
N LYS N 19 -33.26 11.56 35.80
CA LYS N 19 -32.73 11.13 37.09
C LYS N 19 -31.73 12.16 37.65
N TYR N 20 -30.64 12.39 36.94
CA TYR N 20 -29.58 13.26 37.42
C TYR N 20 -29.68 14.68 36.88
N TYR N 21 -30.80 15.37 37.16
CA TYR N 21 -30.89 16.78 36.79
C TYR N 21 -29.96 17.62 37.65
N SER N 22 -29.80 17.26 38.93
CA SER N 22 -29.00 18.07 39.84
C SER N 22 -27.54 18.10 39.42
N ARG N 23 -26.93 16.93 39.22
CA ARG N 23 -25.53 16.87 38.83
C ARG N 23 -25.38 16.95 37.32
N MET N 24 -26.00 17.95 36.71
CA MET N 24 -25.90 18.19 35.28
C MET N 24 -25.80 19.68 35.04
N THR N 25 -24.71 20.11 34.42
CA THR N 25 -24.45 21.53 34.20
C THR N 25 -24.86 21.93 32.79
N LEU N 26 -24.57 23.17 32.42
CA LEU N 26 -24.90 23.70 31.10
C LEU N 26 -23.71 23.63 30.15
N ASP N 27 -22.61 22.99 30.56
CA ASP N 27 -21.39 22.92 29.77
C ASP N 27 -21.23 21.50 29.23
N PHE N 28 -20.88 21.39 27.95
CA PHE N 28 -20.68 20.08 27.34
C PHE N 28 -19.56 19.31 28.03
N HIS N 29 -18.44 19.98 28.31
CA HIS N 29 -17.28 19.28 28.83
C HIS N 29 -17.48 18.80 30.26
N THR N 30 -18.27 19.52 31.04
CA THR N 30 -18.61 19.02 32.37
C THR N 30 -19.67 17.94 32.32
N ASN N 31 -20.63 18.06 31.38
CA ASN N 31 -21.68 17.06 31.27
C ASN N 31 -21.16 15.73 30.74
N LYS N 32 -20.16 15.76 29.85
CA LYS N 32 -19.61 14.51 29.33
C LYS N 32 -18.74 13.81 30.37
N LYS N 33 -18.33 14.53 31.42
CA LYS N 33 -17.57 13.88 32.49
C LYS N 33 -18.50 13.16 33.47
N VAL N 34 -19.59 13.81 33.86
CA VAL N 34 -20.57 13.16 34.73
C VAL N 34 -21.33 12.06 33.99
N LEU N 35 -21.54 12.21 32.68
CA LEU N 35 -22.15 11.13 31.90
C LEU N 35 -21.33 9.85 31.97
N GLU N 36 -20.02 9.94 32.18
CA GLU N 36 -19.17 8.78 32.37
C GLU N 36 -19.29 8.19 33.76
N GLU N 37 -19.93 8.90 34.69
CA GLU N 37 -20.06 8.45 36.07
C GLU N 37 -21.44 7.92 36.41
N VAL N 38 -22.44 8.19 35.57
CA VAL N 38 -23.81 7.77 35.84
C VAL N 38 -24.32 6.89 34.70
N SER N 39 -23.39 6.43 33.85
CA SER N 39 -23.77 5.64 32.69
C SER N 39 -22.57 4.82 32.22
N ILE N 40 -22.86 3.79 31.43
CA ILE N 40 -21.81 3.00 30.78
C ILE N 40 -22.06 3.01 29.28
N LEU N 41 -21.40 3.92 28.58
CA LEU N 41 -21.57 4.01 27.14
C LEU N 41 -20.38 3.36 26.44
N GLN N 42 -20.65 2.76 25.28
CA GLN N 42 -19.70 1.87 24.62
C GLN N 42 -18.92 2.56 23.52
N SER N 43 -18.97 3.89 23.48
CA SER N 43 -18.23 4.64 22.48
C SER N 43 -18.04 6.07 22.98
N LYS N 44 -16.87 6.61 22.69
CA LYS N 44 -16.64 8.03 22.93
C LYS N 44 -17.50 8.88 22.02
N ARG N 45 -17.65 8.46 20.76
CA ARG N 45 -18.47 9.21 19.81
C ARG N 45 -19.94 9.23 20.24
N LEU N 46 -20.45 8.12 20.75
CA LEU N 46 -21.81 8.08 21.27
C LEU N 46 -21.94 8.78 22.61
N ARG N 47 -20.90 8.76 23.43
CA ARG N 47 -20.94 9.51 24.69
C ARG N 47 -20.96 11.01 24.43
N ASN N 48 -20.24 11.47 23.41
CA ASN N 48 -20.22 12.89 23.09
C ASN N 48 -21.58 13.35 22.57
N LYS N 49 -22.22 12.54 21.72
CA LYS N 49 -23.51 12.91 21.18
C LYS N 49 -24.60 12.94 22.25
N VAL N 50 -24.53 12.06 23.24
CA VAL N 50 -25.51 12.10 24.32
C VAL N 50 -25.31 13.32 25.20
N ALA N 51 -24.06 13.69 25.51
CA ALA N 51 -23.79 14.86 26.31
C ALA N 51 -24.01 16.17 25.58
N GLY N 52 -23.84 16.18 24.26
CA GLY N 52 -24.13 17.38 23.49
C GLY N 52 -25.62 17.64 23.36
N PHE N 53 -26.43 16.59 23.23
CA PHE N 53 -27.87 16.74 23.23
C PHE N 53 -28.41 16.94 24.63
N THR N 54 -27.76 16.37 25.65
CA THR N 54 -28.15 16.64 27.03
C THR N 54 -27.94 18.11 27.38
N THR N 55 -26.81 18.68 26.99
CA THR N 55 -26.58 20.10 27.20
C THR N 55 -27.60 20.93 26.43
N HIS N 56 -27.93 20.52 25.21
CA HIS N 56 -28.95 21.16 24.40
C HIS N 56 -30.29 21.19 25.12
N LEU N 57 -30.71 20.05 25.66
CA LEU N 57 -31.96 20.00 26.42
C LEU N 57 -31.84 20.79 27.72
N MET N 58 -30.70 20.69 28.40
CA MET N 58 -30.53 21.38 29.67
C MET N 58 -30.64 22.89 29.53
N ARG N 59 -30.42 23.43 28.34
CA ARG N 59 -30.61 24.86 28.08
C ARG N 59 -32.04 25.19 27.70
N ARG N 60 -32.74 24.27 27.04
CA ARG N 60 -34.14 24.51 26.70
C ARG N 60 -35.03 24.44 27.94
N ILE N 61 -34.60 23.67 28.95
CA ILE N 61 -35.30 23.61 30.23
C ILE N 61 -35.28 24.98 30.88
N GLN N 62 -34.14 25.66 30.77
CA GLN N 62 -34.03 27.02 31.30
C GLN N 62 -34.97 27.97 30.57
N ARG N 63 -35.18 27.75 29.27
CA ARG N 63 -36.15 28.53 28.52
C ARG N 63 -37.55 28.36 29.12
N GLY N 64 -37.89 27.13 29.52
CA GLY N 64 -39.06 26.89 30.33
C GLY N 64 -40.00 25.78 29.87
N PRO N 65 -40.29 25.71 28.58
CA PRO N 65 -41.11 24.59 28.09
C PRO N 65 -40.28 23.43 27.56
N VAL N 66 -40.73 22.22 27.91
CA VAL N 66 -40.14 20.98 27.43
C VAL N 66 -41.17 19.87 27.58
N ARG N 67 -40.96 18.77 26.87
CA ARG N 67 -41.87 17.64 26.92
C ARG N 67 -41.30 16.43 27.67
N GLY N 68 -40.34 16.66 28.56
CA GLY N 68 -39.89 15.61 29.44
C GLY N 68 -40.81 15.52 30.63
N ILE N 69 -40.25 15.37 31.83
CA ILE N 69 -41.06 15.50 33.04
C ILE N 69 -40.48 16.62 33.90
N SER N 70 -39.24 16.43 34.37
CA SER N 70 -38.51 17.42 35.17
C SER N 70 -39.43 18.04 36.23
N LEU N 71 -39.87 17.18 37.14
CA LEU N 71 -40.87 17.55 38.15
C LEU N 71 -40.55 18.89 38.80
N LYS N 72 -39.45 18.94 39.55
CA LYS N 72 -38.89 20.17 40.12
C LYS N 72 -39.91 21.24 40.52
N PRO P 88 -7.88 -51.89 -38.02
CA PRO P 88 -8.33 -52.79 -36.95
C PRO P 88 -7.68 -52.44 -35.60
N LYS P 89 -8.01 -53.19 -34.55
CA LYS P 89 -7.48 -52.87 -33.20
C LYS P 89 -6.05 -53.44 -33.08
N LYS P 90 -5.07 -52.57 -32.86
CA LYS P 90 -3.68 -53.05 -32.64
C LYS P 90 -3.74 -54.15 -31.57
N GLN P 91 -3.31 -55.36 -31.92
CA GLN P 91 -3.35 -56.49 -30.95
C GLN P 91 -2.21 -56.31 -29.95
N LYS P 92 -2.30 -56.99 -28.80
CA LYS P 92 -1.25 -56.83 -27.75
C LYS P 92 -0.24 -57.97 -27.86
N HIS P 93 1.03 -57.68 -27.53
CA HIS P 93 2.07 -58.75 -27.51
C HIS P 93 1.67 -59.81 -26.48
N LYS P 94 1.60 -61.07 -26.89
CA LYS P 94 1.27 -62.17 -25.94
C LYS P 94 2.54 -62.98 -25.66
N HIS P 95 2.83 -63.26 -24.38
CA HIS P 95 4.08 -63.98 -24.00
C HIS P 95 4.21 -65.26 -24.81
N LYS P 96 5.29 -65.37 -25.61
CA LYS P 96 5.53 -66.64 -26.35
C LYS P 96 5.63 -67.77 -25.33
N LYS P 97 4.88 -68.85 -25.53
CA LYS P 97 4.86 -69.92 -24.51
C LYS P 97 5.57 -71.17 -25.04
N VAL P 98 6.75 -71.48 -24.49
CA VAL P 98 7.49 -72.72 -24.89
C VAL P 98 7.37 -73.71 -23.72
N LYS P 99 6.80 -74.89 -23.95
CA LYS P 99 6.57 -75.85 -22.84
C LYS P 99 7.90 -76.22 -22.18
N LEU P 100 8.09 -76.06 -20.87
CA LEU P 100 9.33 -76.54 -20.17
C LEU P 100 10.65 -76.11 -20.86
N ALA P 101 10.93 -74.81 -20.88
CA ALA P 101 12.18 -74.31 -21.50
C ALA P 101 13.40 -74.65 -20.64
N VAL P 102 13.19 -74.89 -19.33
CA VAL P 102 14.33 -75.33 -18.46
C VAL P 102 14.76 -76.72 -18.93
N LEU P 103 13.79 -77.61 -19.18
CA LEU P 103 14.15 -78.94 -19.74
C LEU P 103 14.83 -78.66 -21.08
N GLN P 104 14.37 -77.66 -21.82
CA GLN P 104 15.00 -77.31 -23.13
C GLN P 104 16.29 -76.52 -22.93
N PHE P 105 16.92 -76.61 -21.76
CA PHE P 105 18.12 -75.76 -21.49
C PHE P 105 19.37 -76.62 -21.27
N TYR P 106 19.39 -77.41 -20.19
CA TYR P 106 20.58 -78.23 -19.87
C TYR P 106 20.56 -79.51 -20.70
N LYS P 107 21.72 -80.16 -20.85
CA LYS P 107 21.78 -81.46 -21.57
C LYS P 107 22.36 -82.53 -20.62
N VAL P 108 21.61 -82.90 -19.59
CA VAL P 108 22.07 -83.99 -18.68
C VAL P 108 21.59 -85.31 -19.27
N ASP P 109 22.43 -85.95 -20.08
CA ASP P 109 22.03 -87.21 -20.75
C ASP P 109 23.26 -88.11 -20.91
N ASP P 110 23.16 -89.15 -21.74
CA ASP P 110 24.28 -90.10 -21.93
C ASP P 110 24.63 -90.70 -20.57
N ALA P 111 23.62 -90.97 -19.74
CA ALA P 111 23.86 -91.50 -18.39
C ALA P 111 24.90 -90.61 -17.68
N THR P 112 25.92 -91.22 -17.09
CA THR P 112 26.99 -90.42 -16.42
C THR P 112 26.35 -89.34 -15.56
N GLY P 113 26.87 -88.11 -15.63
CA GLY P 113 26.31 -86.98 -14.86
C GLY P 113 26.80 -85.65 -15.42
N LYS P 114 26.36 -85.29 -16.62
CA LYS P 114 26.85 -84.05 -17.27
C LYS P 114 25.68 -83.07 -17.43
N VAL P 115 25.63 -82.03 -16.59
CA VAL P 115 24.55 -81.01 -16.69
C VAL P 115 24.59 -80.44 -18.11
N THR P 116 25.78 -80.12 -18.62
CA THR P 116 25.93 -79.65 -20.02
C THR P 116 24.95 -78.51 -20.33
N ARG P 117 25.24 -77.29 -19.89
CA ARG P 117 24.38 -76.14 -20.28
C ARG P 117 24.48 -76.02 -21.80
N LEU P 118 23.47 -75.45 -22.46
CA LEU P 118 23.49 -75.35 -23.94
C LEU P 118 23.41 -73.88 -24.34
N ARG P 119 23.31 -72.99 -23.34
CA ARG P 119 23.30 -71.52 -23.59
C ARG P 119 24.18 -70.89 -22.51
N LYS P 120 25.01 -69.93 -22.87
CA LYS P 120 25.98 -69.37 -21.90
C LYS P 120 25.25 -68.80 -20.69
N GLU P 121 25.88 -68.80 -19.52
CA GLU P 121 25.27 -68.12 -18.36
C GLU P 121 25.81 -66.71 -18.35
N CYS P 122 24.93 -65.71 -18.32
CA CYS P 122 25.37 -64.29 -18.45
C CYS P 122 26.48 -63.98 -17.45
N PRO P 123 27.56 -63.28 -17.88
CA PRO P 123 28.69 -62.98 -17.01
C PRO P 123 28.32 -62.03 -15.87
N ASN P 124 27.42 -61.08 -16.14
CA ASN P 124 27.04 -60.08 -15.12
C ASN P 124 26.98 -60.76 -13.75
N ALA P 125 27.59 -60.16 -12.73
CA ALA P 125 27.65 -60.80 -11.40
C ALA P 125 26.24 -60.95 -10.83
N ASP P 126 25.49 -59.86 -10.79
CA ASP P 126 24.11 -59.92 -10.21
C ASP P 126 23.38 -61.05 -10.92
N CYS P 127 23.43 -61.07 -12.25
CA CYS P 127 22.82 -62.20 -12.99
C CYS P 127 23.54 -63.47 -12.54
N GLY P 128 22.82 -64.46 -12.03
CA GLY P 128 23.46 -65.66 -11.46
C GLY P 128 24.05 -66.57 -12.52
N ALA P 129 24.19 -67.86 -12.20
CA ALA P 129 24.73 -68.83 -13.17
C ALA P 129 23.58 -69.57 -13.85
N GLY P 130 22.38 -69.53 -13.25
CA GLY P 130 21.20 -70.13 -13.91
C GLY P 130 20.53 -69.11 -14.83
N THR P 131 21.15 -67.95 -15.01
CA THR P 131 20.60 -66.89 -15.89
C THR P 131 21.15 -67.11 -17.29
N PHE P 132 20.36 -67.74 -18.16
CA PHE P 132 20.87 -68.11 -19.51
C PHE P 132 20.78 -66.94 -20.49
N MET P 133 21.91 -66.61 -21.11
CA MET P 133 21.92 -65.55 -22.14
C MET P 133 21.41 -66.19 -23.42
N ALA P 134 20.18 -65.86 -23.80
CA ALA P 134 19.61 -66.36 -25.05
C ALA P 134 20.58 -66.09 -26.19
N ASN P 135 20.53 -66.93 -27.21
CA ASN P 135 21.36 -66.69 -28.43
C ASN P 135 20.36 -66.43 -29.54
N HIS P 136 20.59 -65.40 -30.35
CA HIS P 136 19.66 -65.21 -31.48
C HIS P 136 20.44 -65.41 -32.77
N PHE P 137 19.80 -65.28 -33.93
CA PHE P 137 20.50 -65.62 -35.18
C PHE P 137 21.87 -64.95 -35.24
N ASP P 138 22.13 -63.96 -34.37
CA ASP P 138 23.50 -63.37 -34.37
C ASP P 138 23.76 -62.57 -33.09
N ARG P 139 23.35 -63.03 -31.91
CA ARG P 139 23.61 -62.19 -30.74
C ARG P 139 23.40 -62.99 -29.47
N HIS P 140 24.22 -62.78 -28.44
CA HIS P 140 24.02 -63.46 -27.14
C HIS P 140 23.34 -62.47 -26.20
N TYR P 141 22.04 -62.62 -25.99
CA TYR P 141 21.30 -61.61 -25.19
C TYR P 141 20.88 -62.17 -23.83
N CYS P 142 21.20 -61.43 -22.75
CA CYS P 142 20.71 -61.84 -21.41
C CYS P 142 19.35 -61.19 -21.19
N GLY P 143 18.34 -61.97 -20.83
CA GLY P 143 16.99 -61.43 -20.61
C GLY P 143 16.88 -60.57 -19.37
N LYS P 144 17.51 -61.00 -18.27
CA LYS P 144 17.36 -60.26 -16.99
C LYS P 144 17.95 -58.85 -17.15
N CYS P 145 19.03 -58.71 -17.91
CA CYS P 145 19.61 -57.36 -18.19
C CYS P 145 19.64 -57.16 -19.69
N GLY P 146 20.75 -56.65 -20.23
CA GLY P 146 20.82 -56.37 -21.67
C GLY P 146 22.14 -56.79 -22.29
N LEU P 147 23.05 -57.38 -21.51
CA LEU P 147 24.37 -57.71 -22.05
C LEU P 147 24.17 -58.49 -23.36
N THR P 148 24.87 -58.09 -24.43
CA THR P 148 24.63 -58.74 -25.74
C THR P 148 25.96 -59.03 -26.45
N TYR P 149 25.98 -60.01 -27.36
CA TYR P 149 27.20 -60.35 -28.15
C TYR P 149 26.79 -60.87 -29.54
N VAL P 150 27.24 -60.23 -30.64
CA VAL P 150 26.83 -60.60 -32.03
C VAL P 150 27.92 -61.47 -32.67
N TYR P 151 27.66 -62.09 -33.83
CA TYR P 151 28.74 -62.87 -34.42
C TYR P 151 28.71 -62.77 -35.94
#